data_8BDI
#
_entry.id   8BDI
#
_cell.length_a   92.733
_cell.length_b   92.733
_cell.length_c   364.235
_cell.angle_alpha   90.00
_cell.angle_beta   90.00
_cell.angle_gamma   90.00
#
_symmetry.space_group_name_H-M   'P 41 2 2'
#
loop_
_entity.id
_entity.type
_entity.pdbx_description
1 polymer Elongin-B
2 polymer Elongin-C
3 polymer 'von Hippel-Lindau disease tumor suppressor'
4 polymer Elongin-B
5 non-polymer (2~{S},4~{R})-1-[(2~{S})-2-[(1-fluoranylcyclopropyl)carbonylamino]-3,3-dimethyl-butanoyl]-~{N}-[(1~{S})-3-(methylamino)-1-[4-(4-methyl-1,3-thiazol-5-yl)phenyl]-3-oxidanylidene-propyl]-4-oxidanyl-pyrrolidine-2-carboxamide
6 water water
#
loop_
_entity_poly.entity_id
_entity_poly.type
_entity_poly.pdbx_seq_one_letter_code
_entity_poly.pdbx_strand_id
1 'polypeptide(L)'
;MDVFLMIRRHKTTIFTDAKESSTVFELKRIVEGILKRPPDEQRLYKDDQLLDDGKTLGECGFTSQTARPQAPATVGLAFR
ADDTFEAL(CAS)IEPFSSPPELPDVMK
;
J
2 'polypeptide(L)'
;MMYVKLISSDGHEFIVKREHALTSGTIKAMLSGPGQFAENETNEVNFREIPSHVLSKVCMYFTYKVRYTNSSTEIPEFPI
APEIALELLMAANFLDC
;
K,E,H,B
3 'polypeptide(L)'
;GSMEAGRPRPVLRSVNSREPSQVIF(CAS)NRSPRVVLPVWLNFDGEPQPYPTLPPGTGRRIHSYRGHLWLFRDAGTHDG
LLVNQTELFVPSLNVDGQPIFANITLPVYTLKERCLQVVRSLVKPENYRRLDIVRSLYEDLEDHPNVQKDLERLTQERIA
HQRMGD
;
L,F,I,C
4 'polypeptide(L)'
;MDVFLMIRRHKTTIFTDAKESSTVFELKRIVEGILKRPPDEQRLYKDDQLLDDGKTLGECGFTSQTARPQAPATVGLAFR
ADDTFEALCIEPFSSPPELPDVMK
;
D,G,A
#
# COMPACT_ATOMS: atom_id res chain seq x y z
N MET A 1 -15.01 8.02 13.77
CA MET A 1 -16.12 7.08 13.75
C MET A 1 -17.46 7.77 13.52
N ASP A 2 -18.38 7.15 12.78
CA ASP A 2 -19.71 7.70 12.60
C ASP A 2 -20.63 7.19 13.70
N VAL A 3 -21.50 8.06 14.19
CA VAL A 3 -22.54 7.74 15.17
C VAL A 3 -23.90 8.10 14.55
N PHE A 4 -24.90 7.29 14.84
CA PHE A 4 -26.20 7.44 14.23
C PHE A 4 -27.21 7.80 15.26
N LEU A 5 -27.94 8.89 14.98
CA LEU A 5 -28.82 9.53 15.92
C LEU A 5 -30.23 9.83 15.46
N MET A 6 -31.11 10.07 16.44
CA MET A 6 -32.48 10.50 16.29
C MET A 6 -32.55 11.75 17.19
N ILE A 7 -32.81 12.95 16.64
CA ILE A 7 -32.95 14.19 17.41
C ILE A 7 -34.45 14.40 17.54
N ARG A 8 -34.97 14.32 18.77
CA ARG A 8 -36.41 14.30 18.98
C ARG A 8 -36.94 15.40 19.85
N ARG A 9 -38.00 16.05 19.35
CA ARG A 9 -38.68 17.13 20.05
C ARG A 9 -40.12 16.99 19.69
N HIS A 10 -40.98 16.83 20.68
CA HIS A 10 -42.44 16.71 20.51
C HIS A 10 -42.76 15.58 19.53
N LYS A 11 -43.41 15.85 18.37
CA LYS A 11 -43.71 14.85 17.36
C LYS A 11 -42.79 14.91 16.14
N THR A 12 -41.61 15.56 16.26
CA THR A 12 -40.57 15.67 15.22
C THR A 12 -39.36 14.77 15.53
N THR A 13 -38.87 14.00 14.54
CA THR A 13 -37.67 13.17 14.70
C THR A 13 -36.69 13.38 13.53
N ILE A 14 -35.48 13.89 13.79
CA ILE A 14 -34.48 14.03 12.76
C ILE A 14 -33.51 12.85 12.80
N PHE A 15 -33.37 12.13 11.70
CA PHE A 15 -32.41 11.03 11.61
C PHE A 15 -31.14 11.62 11.03
N THR A 16 -30.01 11.55 11.74
CA THR A 16 -28.76 12.07 11.19
C THR A 16 -27.56 11.30 11.73
N ASP A 17 -26.43 11.44 11.07
CA ASP A 17 -25.19 10.88 11.53
C ASP A 17 -24.20 12.05 11.78
N ALA A 18 -23.17 11.78 12.55
CA ALA A 18 -22.13 12.75 12.89
C ALA A 18 -20.90 11.96 13.39
N LYS A 19 -19.75 12.61 13.49
CA LYS A 19 -18.56 11.93 13.99
C LYS A 19 -18.59 11.89 15.50
N GLU A 20 -17.99 10.86 16.12
CA GLU A 20 -17.85 10.78 17.58
C GLU A 20 -17.04 12.01 18.08
N SER A 21 -16.06 12.47 17.27
CA SER A 21 -15.25 13.64 17.62
C SER A 21 -16.01 14.95 17.50
N SER A 22 -17.08 15.00 16.71
CA SER A 22 -17.86 16.19 16.53
C SER A 22 -18.55 16.61 17.83
N THR A 23 -18.89 17.88 17.94
CA THR A 23 -19.43 18.44 19.17
C THR A 23 -20.95 18.58 19.21
N VAL A 24 -21.49 18.85 20.41
CA VAL A 24 -22.89 19.15 20.63
C VAL A 24 -23.29 20.40 19.84
N PHE A 25 -22.38 21.42 19.75
CA PHE A 25 -22.66 22.64 18.97
C PHE A 25 -22.84 22.34 17.48
N GLU A 26 -22.02 21.45 16.92
CA GLU A 26 -22.12 21.10 15.51
C GLU A 26 -23.44 20.39 15.19
N LEU A 27 -23.97 19.60 16.15
CA LEU A 27 -25.27 18.92 16.04
C LEU A 27 -26.40 20.00 16.01
N LYS A 28 -26.24 21.10 16.79
CA LYS A 28 -27.18 22.23 16.81
C LYS A 28 -27.19 22.91 15.47
N ARG A 29 -26.01 23.08 14.83
CA ARG A 29 -25.96 23.65 13.47
C ARG A 29 -26.78 22.79 12.49
N ILE A 30 -26.71 21.47 12.62
CA ILE A 30 -27.53 20.56 11.80
C ILE A 30 -29.03 20.78 12.05
N VAL A 31 -29.46 20.91 13.30
CA VAL A 31 -30.85 21.17 13.67
C VAL A 31 -31.29 22.54 13.15
N GLU A 32 -30.39 23.53 13.11
CA GLU A 32 -30.67 24.88 12.65
C GLU A 32 -31.04 24.90 11.18
N GLY A 33 -30.32 24.14 10.36
CA GLY A 33 -30.59 24.07 8.93
C GLY A 33 -31.91 23.40 8.62
N ILE A 34 -32.35 22.47 9.48
CA ILE A 34 -33.60 21.76 9.25
C ILE A 34 -34.81 22.48 9.84
N LEU A 35 -34.72 22.87 11.11
CA LEU A 35 -35.86 23.48 11.81
C LEU A 35 -35.83 25.00 11.91
N LYS A 36 -34.83 25.64 11.30
CA LYS A 36 -34.70 27.10 11.25
C LYS A 36 -34.67 27.79 12.61
N ARG A 37 -33.97 27.21 13.58
CA ARG A 37 -33.82 27.81 14.91
C ARG A 37 -32.34 27.85 15.24
N PRO A 38 -31.79 29.02 15.57
CA PRO A 38 -30.35 29.11 15.84
C PRO A 38 -29.89 28.29 17.04
N PRO A 39 -28.59 27.92 17.10
CA PRO A 39 -28.09 27.12 18.22
C PRO A 39 -28.34 27.71 19.60
N ASP A 40 -28.38 29.03 19.73
CA ASP A 40 -28.65 29.71 21.01
C ASP A 40 -30.09 29.48 21.51
N GLU A 41 -31.01 29.14 20.62
CA GLU A 41 -32.39 28.87 21.00
C GLU A 41 -32.66 27.36 21.09
N GLN A 42 -31.62 26.52 21.26
CA GLN A 42 -31.76 25.09 21.34
C GLN A 42 -31.07 24.55 22.55
N ARG A 43 -31.63 23.50 23.13
CA ARG A 43 -31.04 22.76 24.21
C ARG A 43 -31.09 21.29 23.79
N LEU A 44 -29.94 20.60 23.84
CA LEU A 44 -29.81 19.19 23.52
C LEU A 44 -29.64 18.39 24.80
N TYR A 45 -30.19 17.19 24.83
CA TYR A 45 -30.18 16.36 26.02
C TYR A 45 -29.81 14.94 25.72
N LYS A 46 -29.20 14.25 26.69
CA LYS A 46 -29.00 12.80 26.62
C LYS A 46 -29.81 12.36 27.81
N ASP A 47 -30.98 11.77 27.59
CA ASP A 47 -31.93 11.44 28.66
C ASP A 47 -32.41 12.79 29.26
N ASP A 48 -32.41 12.99 30.59
CA ASP A 48 -32.84 14.28 31.16
C ASP A 48 -31.67 15.30 31.32
N GLN A 49 -30.46 14.90 30.93
CA GLN A 49 -29.29 15.74 31.11
C GLN A 49 -28.97 16.67 29.96
N LEU A 50 -28.87 17.95 30.26
CA LEU A 50 -28.50 18.97 29.29
C LEU A 50 -27.05 18.75 28.88
N LEU A 51 -26.80 18.72 27.58
CA LEU A 51 -25.46 18.52 27.06
C LEU A 51 -24.77 19.86 26.82
N ASP A 52 -23.47 19.94 27.06
CA ASP A 52 -22.69 21.16 26.85
C ASP A 52 -22.19 21.23 25.42
N ASP A 53 -22.22 22.41 24.81
CA ASP A 53 -21.79 22.68 23.44
C ASP A 53 -20.39 22.20 23.05
N GLY A 54 -19.40 22.44 23.90
CA GLY A 54 -18.01 22.08 23.61
C GLY A 54 -17.67 20.61 23.74
N LYS A 55 -18.60 19.80 24.28
CA LYS A 55 -18.34 18.37 24.47
C LYS A 55 -18.54 17.59 23.19
N THR A 56 -17.71 16.55 22.99
CA THR A 56 -17.86 15.71 21.81
C THR A 56 -19.03 14.75 22.03
N LEU A 57 -19.56 14.20 20.93
CA LEU A 57 -20.65 13.24 20.98
C LEU A 57 -20.19 11.99 21.75
N GLY A 58 -18.95 11.56 21.50
CA GLY A 58 -18.33 10.46 22.21
C GLY A 58 -18.30 10.70 23.71
N GLU A 59 -17.94 11.93 24.13
CA GLU A 59 -17.93 12.35 25.55
C GLU A 59 -19.35 12.37 26.16
N CYS A 60 -20.38 12.58 25.35
CA CYS A 60 -21.78 12.54 25.77
C CYS A 60 -22.39 11.10 25.75
N GLY A 61 -21.60 10.10 25.39
CA GLY A 61 -22.08 8.72 25.39
C GLY A 61 -22.56 8.18 24.06
N PHE A 62 -22.32 8.93 22.97
CA PHE A 62 -22.74 8.50 21.64
C PHE A 62 -21.54 7.85 20.99
N THR A 63 -21.57 6.54 20.90
CA THR A 63 -20.46 5.75 20.38
C THR A 63 -20.92 4.81 19.27
N SER A 64 -19.98 4.09 18.60
CA SER A 64 -20.36 3.11 17.58
C SER A 64 -21.16 1.93 18.18
N GLN A 65 -21.12 1.77 19.51
CA GLN A 65 -21.84 0.68 20.16
C GLN A 65 -23.23 1.09 20.55
N THR A 66 -23.48 2.38 20.84
CA THR A 66 -24.80 2.84 21.28
C THR A 66 -25.60 3.59 20.23
N ALA A 67 -24.94 4.09 19.21
CA ALA A 67 -25.57 4.92 18.19
C ALA A 67 -25.29 4.23 16.86
N ARG A 68 -26.06 3.19 16.58
CA ARG A 68 -25.91 2.33 15.39
C ARG A 68 -26.88 2.69 14.26
N PRO A 69 -26.55 2.39 13.00
CA PRO A 69 -27.49 2.73 11.90
C PRO A 69 -28.90 2.18 12.11
N GLN A 70 -28.98 0.90 12.48
CA GLN A 70 -30.21 0.15 12.69
C GLN A 70 -30.83 0.30 14.09
N ALA A 71 -30.18 1.06 14.99
CA ALA A 71 -30.68 1.33 16.33
C ALA A 71 -30.02 2.62 16.80
N PRO A 72 -30.45 3.76 16.24
CA PRO A 72 -29.78 5.02 16.57
C PRO A 72 -30.02 5.52 18.00
N ALA A 73 -29.09 6.33 18.54
CA ALA A 73 -29.27 6.87 19.90
C ALA A 73 -30.15 8.12 19.85
N THR A 74 -30.88 8.38 20.94
CA THR A 74 -31.79 9.52 21.00
C THR A 74 -31.15 10.74 21.65
N VAL A 75 -31.27 11.89 20.99
CA VAL A 75 -30.82 13.18 21.48
C VAL A 75 -32.13 13.98 21.66
N GLY A 76 -32.39 14.45 22.86
CA GLY A 76 -33.58 15.25 23.11
C GLY A 76 -33.35 16.70 22.70
N LEU A 77 -34.39 17.36 22.19
CA LEU A 77 -34.29 18.75 21.78
C LEU A 77 -35.42 19.61 22.39
N ALA A 78 -35.07 20.80 22.89
CA ALA A 78 -35.99 21.75 23.47
C ALA A 78 -35.66 23.12 22.89
N PHE A 79 -36.66 23.86 22.38
CA PHE A 79 -36.46 25.20 21.84
C PHE A 79 -36.79 26.29 22.89
N ARG A 80 -36.25 27.50 22.67
CA ARG A 80 -36.57 28.65 23.49
C ARG A 80 -37.92 29.20 22.94
N ALA A 81 -38.81 29.65 23.83
CA ALA A 81 -40.12 30.16 23.40
C ALA A 81 -40.40 31.42 24.17
N ASP A 82 -40.18 32.58 23.52
CA ASP A 82 -40.29 33.90 24.10
C ASP A 82 -39.15 34.11 25.12
N ASP A 83 -39.44 34.26 26.43
CA ASP A 83 -38.39 34.47 27.42
C ASP A 83 -37.68 33.17 27.85
N THR A 84 -38.45 32.07 28.03
CA THR A 84 -37.90 30.85 28.59
C THR A 84 -37.82 29.67 27.64
N PHE A 85 -36.92 28.73 27.98
CA PHE A 85 -36.83 27.50 27.25
C PHE A 85 -37.99 26.63 27.65
N GLU A 86 -38.61 25.95 26.67
CA GLU A 86 -39.70 25.02 26.98
C GLU A 86 -39.08 23.76 27.65
N ALA A 87 -39.90 23.01 28.37
CA ALA A 87 -39.45 21.78 29.00
C ALA A 87 -39.20 20.71 27.90
N LEU A 88 -38.28 19.77 28.16
CA LEU A 88 -38.01 18.70 27.22
C LEU A 88 -39.25 17.80 27.15
N ILE A 90 -40.78 14.63 24.57
CA ILE A 90 -40.63 13.78 23.40
C ILE A 90 -41.86 12.92 23.32
N GLU A 91 -42.64 13.07 22.26
CA GLU A 91 -43.82 12.25 22.07
C GLU A 91 -43.39 10.87 21.71
N PRO A 92 -43.93 9.86 22.42
CA PRO A 92 -43.57 8.49 22.08
C PRO A 92 -44.18 8.05 20.77
N PHE A 93 -43.61 7.00 20.20
CA PHE A 93 -44.17 6.41 19.01
C PHE A 93 -45.49 5.66 19.41
N SER A 94 -46.29 5.30 18.42
CA SER A 94 -47.53 4.58 18.67
C SER A 94 -47.25 3.19 19.27
N SER A 95 -48.27 2.63 19.92
CA SER A 95 -48.15 1.31 20.52
C SER A 95 -48.42 0.26 19.47
N PRO A 96 -47.50 -0.70 19.28
CA PRO A 96 -47.78 -1.79 18.34
C PRO A 96 -48.98 -2.61 18.83
N PRO A 97 -49.77 -3.19 17.91
CA PRO A 97 -50.92 -3.98 18.35
C PRO A 97 -50.47 -5.27 19.04
N GLU A 98 -51.39 -5.92 19.76
CA GLU A 98 -51.07 -7.18 20.42
C GLU A 98 -50.75 -8.26 19.38
N LEU A 99 -49.76 -9.12 19.67
CA LEU A 99 -49.36 -10.19 18.76
C LEU A 99 -50.53 -11.06 18.40
N PRO A 100 -50.71 -11.36 17.10
CA PRO A 100 -51.79 -12.26 16.71
C PRO A 100 -51.65 -13.64 17.37
N ASP A 101 -52.74 -14.44 17.35
CA ASP A 101 -52.77 -15.77 17.94
C ASP A 101 -51.68 -16.67 17.35
N VAL A 102 -51.55 -16.66 16.02
CA VAL A 102 -50.58 -17.48 15.30
C VAL A 102 -49.12 -17.04 15.45
N MET A 103 -48.89 -15.79 15.85
CA MET A 103 -47.55 -15.24 16.01
C MET A 103 -46.98 -15.37 17.43
N LYS A 104 -47.77 -15.87 18.39
CA LYS A 104 -47.31 -16.01 19.77
C LYS A 104 -46.30 -17.13 19.92
N MET B 1 -27.02 20.20 1.98
CA MET B 1 -27.54 18.87 2.31
C MET B 1 -29.07 18.88 2.28
N MET B 2 -29.69 18.12 1.37
CA MET B 2 -31.15 18.09 1.28
C MET B 2 -31.78 17.06 2.19
N TYR B 3 -32.95 17.39 2.72
CA TYR B 3 -33.74 16.55 3.63
C TYR B 3 -35.19 16.43 3.12
N VAL B 4 -35.85 15.35 3.52
CA VAL B 4 -37.26 15.12 3.20
C VAL B 4 -38.04 14.76 4.48
N LYS B 5 -39.32 15.12 4.52
CA LYS B 5 -40.16 14.83 5.67
C LYS B 5 -41.14 13.70 5.37
N LEU B 6 -41.11 12.65 6.17
CA LEU B 6 -42.05 11.53 6.02
C LEU B 6 -42.95 11.55 7.24
N ILE B 7 -44.25 11.72 7.03
CA ILE B 7 -45.20 11.85 8.12
C ILE B 7 -46.03 10.59 8.33
N SER B 8 -46.06 10.09 9.57
CA SER B 8 -46.80 8.84 9.85
C SER B 8 -48.29 9.09 9.95
N SER B 9 -49.11 8.02 10.00
CA SER B 9 -50.55 8.12 10.15
C SER B 9 -50.91 8.88 11.44
N ASP B 10 -50.15 8.65 12.52
CA ASP B 10 -50.36 9.37 13.79
C ASP B 10 -49.65 10.72 13.86
N GLY B 11 -49.23 11.29 12.73
CA GLY B 11 -48.68 12.64 12.71
C GLY B 11 -47.26 12.87 13.17
N HIS B 12 -46.50 11.80 13.42
CA HIS B 12 -45.10 11.93 13.76
C HIS B 12 -44.35 12.33 12.48
N GLU B 13 -43.48 13.32 12.57
CA GLU B 13 -42.74 13.82 11.42
C GLU B 13 -41.31 13.34 11.43
N PHE B 14 -40.93 12.55 10.43
CA PHE B 14 -39.59 11.99 10.35
C PHE B 14 -38.79 12.73 9.30
N ILE B 15 -37.71 13.39 9.71
CA ILE B 15 -36.87 14.12 8.76
C ILE B 15 -35.62 13.31 8.49
N VAL B 16 -35.47 12.82 7.26
CA VAL B 16 -34.35 12.00 6.84
C VAL B 16 -33.64 12.65 5.63
N LYS B 17 -32.35 12.36 5.43
CA LYS B 17 -31.62 12.86 4.27
C LYS B 17 -32.29 12.37 2.97
N ARG B 18 -32.32 13.23 1.95
CA ARG B 18 -32.96 12.93 0.68
C ARG B 18 -32.36 11.70 0.04
N GLU B 19 -31.02 11.57 0.08
CA GLU B 19 -30.28 10.43 -0.44
C GLU B 19 -30.80 9.12 0.19
N HIS B 20 -31.02 9.14 1.50
CA HIS B 20 -31.52 7.98 2.22
C HIS B 20 -32.95 7.65 1.84
N ALA B 21 -33.81 8.66 1.69
CA ALA B 21 -35.22 8.43 1.34
C ALA B 21 -35.35 7.79 -0.01
N LEU B 22 -34.44 8.14 -0.97
CA LEU B 22 -34.42 7.57 -2.32
C LEU B 22 -34.07 6.05 -2.34
N THR B 23 -33.86 5.42 -1.17
CA THR B 23 -33.67 3.98 -1.04
C THR B 23 -35.01 3.27 -1.39
N SER B 24 -36.13 3.88 -1.02
CA SER B 24 -37.46 3.38 -1.34
C SER B 24 -37.78 3.81 -2.77
N GLY B 25 -38.01 2.85 -3.66
CA GLY B 25 -38.36 3.15 -5.04
C GLY B 25 -39.64 3.96 -5.14
N THR B 26 -40.63 3.65 -4.28
CA THR B 26 -41.90 4.37 -4.23
C THR B 26 -41.66 5.86 -3.94
N ILE B 27 -40.88 6.17 -2.88
CA ILE B 27 -40.53 7.53 -2.50
C ILE B 27 -39.72 8.22 -3.60
N LYS B 28 -38.75 7.53 -4.19
CA LYS B 28 -37.93 8.08 -5.26
C LYS B 28 -38.77 8.54 -6.45
N ALA B 29 -39.86 7.83 -6.77
CA ALA B 29 -40.74 8.22 -7.87
C ALA B 29 -41.56 9.48 -7.56
N MET B 30 -41.86 9.74 -6.28
CA MET B 30 -42.62 10.92 -5.85
C MET B 30 -41.74 12.16 -5.74
N LEU B 31 -40.43 11.98 -5.51
CA LEU B 31 -39.52 13.11 -5.34
C LEU B 31 -38.77 13.45 -6.65
N SER B 32 -38.42 12.42 -7.44
CA SER B 32 -37.76 12.65 -8.72
C SER B 32 -38.81 12.82 -9.83
N ASN B 43 -40.86 17.32 -1.35
CA ASN B 43 -40.01 17.26 -0.16
C ASN B 43 -40.79 16.90 1.15
N GLU B 44 -42.09 16.58 1.03
CA GLU B 44 -42.90 16.19 2.17
C GLU B 44 -43.90 15.11 1.71
N VAL B 45 -43.89 13.93 2.35
CA VAL B 45 -44.77 12.81 2.02
C VAL B 45 -45.61 12.40 3.23
N ASN B 46 -46.91 12.18 3.03
CA ASN B 46 -47.81 11.78 4.11
C ASN B 46 -48.20 10.32 3.94
N PHE B 47 -47.95 9.48 4.94
CA PHE B 47 -48.32 8.07 4.88
C PHE B 47 -49.46 7.86 5.86
N ARG B 48 -50.71 8.02 5.41
CA ARG B 48 -51.91 7.87 6.23
C ARG B 48 -52.16 6.43 6.75
N GLU B 49 -51.38 5.47 6.28
CA GLU B 49 -51.55 4.08 6.67
C GLU B 49 -50.39 3.55 7.53
N ILE B 50 -49.29 4.31 7.67
CA ILE B 50 -48.11 3.81 8.36
C ILE B 50 -47.93 4.46 9.71
N PRO B 51 -48.16 3.73 10.82
CA PRO B 51 -47.96 4.34 12.14
C PRO B 51 -46.47 4.58 12.44
N SER B 52 -46.20 5.41 13.45
CA SER B 52 -44.85 5.82 13.82
C SER B 52 -43.94 4.70 14.29
N HIS B 53 -44.51 3.70 14.99
CA HIS B 53 -43.72 2.56 15.45
C HIS B 53 -43.24 1.70 14.27
N VAL B 54 -43.84 1.87 13.06
CA VAL B 54 -43.42 1.18 11.85
C VAL B 54 -42.53 2.14 11.03
N LEU B 55 -42.97 3.38 10.82
CA LEU B 55 -42.22 4.34 9.99
C LEU B 55 -40.88 4.78 10.59
N SER B 56 -40.76 4.75 11.92
CA SER B 56 -39.47 5.05 12.57
C SER B 56 -38.46 3.95 12.17
N LYS B 57 -38.92 2.67 12.07
CA LYS B 57 -38.10 1.51 11.67
C LYS B 57 -37.75 1.53 10.19
N VAL B 58 -38.64 2.06 9.35
CA VAL B 58 -38.41 2.24 7.93
C VAL B 58 -37.22 3.20 7.74
N CYS B 59 -37.21 4.29 8.50
CA CYS B 59 -36.13 5.26 8.47
C CYS B 59 -34.82 4.63 8.98
N MET B 60 -34.85 3.84 10.07
CA MET B 60 -33.64 3.12 10.52
C MET B 60 -33.08 2.21 9.41
N TYR B 61 -33.99 1.57 8.64
CA TYR B 61 -33.59 0.72 7.54
C TYR B 61 -32.88 1.54 6.46
N PHE B 62 -33.37 2.74 6.12
CA PHE B 62 -32.71 3.60 5.12
C PHE B 62 -31.25 3.88 5.56
N THR B 63 -31.06 4.20 6.85
CA THR B 63 -29.73 4.48 7.37
C THR B 63 -28.85 3.22 7.28
N TYR B 64 -29.38 2.07 7.72
CA TYR B 64 -28.73 0.75 7.71
C TYR B 64 -28.32 0.37 6.28
N LYS B 65 -29.22 0.60 5.31
CA LYS B 65 -28.99 0.27 3.91
C LYS B 65 -27.87 1.12 3.33
N VAL B 66 -27.92 2.45 3.55
CA VAL B 66 -26.91 3.34 3.01
C VAL B 66 -25.55 3.09 3.67
N ARG B 67 -25.53 2.75 4.96
CA ARG B 67 -24.28 2.51 5.65
C ARG B 67 -23.61 1.22 5.18
N TYR B 68 -24.37 0.14 5.06
CA TYR B 68 -23.79 -1.17 4.77
C TYR B 68 -23.80 -1.63 3.32
N THR B 69 -24.43 -0.91 2.39
CA THR B 69 -24.41 -1.31 0.98
C THR B 69 -23.04 -0.99 0.39
N ASN B 70 -22.44 -1.96 -0.34
CA ASN B 70 -21.09 -1.87 -0.93
C ASN B 70 -20.04 -1.63 0.16
N SER B 71 -20.10 -2.44 1.22
CA SER B 71 -19.18 -2.34 2.35
C SER B 71 -18.63 -3.71 2.71
N SER B 72 -17.36 -3.76 3.11
CA SER B 72 -16.73 -5.03 3.52
C SER B 72 -16.48 -5.10 5.06
N THR B 73 -17.06 -4.15 5.83
CA THR B 73 -16.99 -4.14 7.28
C THR B 73 -18.19 -4.97 7.72
N GLU B 74 -17.97 -6.12 8.41
CA GLU B 74 -19.01 -7.08 8.84
C GLU B 74 -20.40 -6.46 9.09
N ILE B 75 -21.35 -6.84 8.27
CA ILE B 75 -22.72 -6.36 8.35
C ILE B 75 -23.50 -7.00 9.49
N PRO B 76 -24.05 -6.18 10.38
CA PRO B 76 -24.87 -6.74 11.47
C PRO B 76 -26.31 -7.01 11.01
N GLU B 77 -27.05 -7.81 11.79
CA GLU B 77 -28.43 -8.11 11.48
C GLU B 77 -29.30 -6.90 11.64
N PHE B 78 -30.29 -6.72 10.75
CA PHE B 78 -31.23 -5.62 10.91
C PHE B 78 -32.32 -6.18 11.84
N PRO B 79 -32.50 -5.58 13.02
CA PRO B 79 -33.44 -6.15 13.99
C PRO B 79 -34.89 -5.76 13.79
N ILE B 80 -35.79 -6.71 14.03
CA ILE B 80 -37.23 -6.48 13.93
C ILE B 80 -37.97 -7.20 15.05
N ALA B 81 -38.54 -6.43 16.00
CA ALA B 81 -39.33 -6.96 17.11
C ALA B 81 -40.55 -7.70 16.55
N PRO B 82 -40.92 -8.84 17.15
CA PRO B 82 -42.07 -9.60 16.64
C PRO B 82 -43.36 -8.78 16.45
N GLU B 83 -43.59 -7.79 17.32
CA GLU B 83 -44.78 -6.95 17.35
C GLU B 83 -44.90 -5.98 16.19
N ILE B 84 -43.80 -5.62 15.52
CA ILE B 84 -43.89 -4.70 14.37
C ILE B 84 -43.74 -5.42 12.99
N ALA B 85 -43.29 -6.70 13.00
CA ALA B 85 -43.04 -7.50 11.81
C ALA B 85 -44.15 -7.44 10.74
N LEU B 86 -45.42 -7.64 11.10
CA LEU B 86 -46.49 -7.65 10.11
C LEU B 86 -46.73 -6.33 9.43
N GLU B 87 -46.74 -5.24 10.19
CA GLU B 87 -46.98 -3.92 9.60
C GLU B 87 -45.75 -3.40 8.88
N LEU B 88 -44.55 -3.78 9.35
CA LEU B 88 -43.32 -3.39 8.68
C LEU B 88 -43.25 -4.12 7.32
N LEU B 89 -43.76 -5.38 7.25
CA LEU B 89 -43.80 -6.14 6.00
C LEU B 89 -44.74 -5.43 4.99
N MET B 90 -45.93 -5.00 5.45
CA MET B 90 -46.89 -4.22 4.65
C MET B 90 -46.26 -2.90 4.15
N ALA B 91 -45.59 -2.17 5.03
CA ALA B 91 -44.95 -0.90 4.66
C ALA B 91 -43.85 -1.12 3.63
N ALA B 92 -42.94 -2.11 3.87
CA ALA B 92 -41.83 -2.43 2.98
C ALA B 92 -42.29 -2.84 1.61
N ASN B 93 -43.41 -3.59 1.55
CA ASN B 93 -43.96 -4.03 0.27
C ASN B 93 -44.49 -2.83 -0.54
N PHE B 94 -45.05 -1.82 0.14
CA PHE B 94 -45.55 -0.63 -0.54
C PHE B 94 -44.39 0.30 -0.91
N LEU B 95 -43.38 0.41 -0.04
CA LEU B 95 -42.26 1.33 -0.27
C LEU B 95 -41.22 0.81 -1.26
N ASP B 96 -41.23 -0.49 -1.56
CA ASP B 96 -40.30 -1.10 -2.52
C ASP B 96 -38.86 -0.87 -2.05
N CYS B 97 -38.59 -1.28 -0.81
CA CYS B 97 -37.26 -1.14 -0.25
C CYS B 97 -36.81 -2.41 0.50
N VAL C 11 -24.69 -27.43 -15.92
CA VAL C 11 -24.11 -26.13 -16.28
C VAL C 11 -23.38 -25.53 -15.06
N LEU C 12 -24.11 -25.17 -13.98
CA LEU C 12 -23.47 -24.69 -12.77
C LEU C 12 -23.04 -25.93 -11.99
N ARG C 13 -21.81 -26.38 -12.18
CA ARG C 13 -21.30 -27.56 -11.49
C ARG C 13 -19.81 -27.44 -11.21
N SER C 14 -19.28 -28.30 -10.33
CA SER C 14 -17.87 -28.33 -10.04
C SER C 14 -17.14 -29.04 -11.17
N VAL C 15 -15.98 -28.54 -11.54
CA VAL C 15 -15.15 -29.16 -12.56
C VAL C 15 -14.24 -30.16 -11.84
N ASN C 16 -14.17 -31.40 -12.32
CA ASN C 16 -13.34 -32.42 -11.69
C ASN C 16 -11.87 -32.22 -12.05
N SER C 17 -11.20 -31.27 -11.38
CA SER C 17 -9.80 -30.99 -11.69
C SER C 17 -8.81 -31.84 -10.93
N ARG C 18 -9.21 -32.32 -9.74
CA ARG C 18 -8.37 -33.08 -8.83
C ARG C 18 -7.14 -32.26 -8.34
N GLU C 19 -7.12 -30.94 -8.60
CA GLU C 19 -6.06 -30.01 -8.23
C GLU C 19 -6.39 -29.41 -6.86
N PRO C 20 -5.63 -29.75 -5.81
CA PRO C 20 -5.96 -29.26 -4.47
C PRO C 20 -5.95 -27.74 -4.33
N SER C 21 -6.83 -27.27 -3.47
CA SER C 21 -6.95 -25.87 -3.16
C SER C 21 -7.36 -25.72 -1.70
N GLN C 22 -6.52 -25.07 -0.92
CA GLN C 22 -6.78 -24.85 0.49
C GLN C 22 -7.61 -23.60 0.66
N VAL C 23 -8.74 -23.74 1.35
CA VAL C 23 -9.67 -22.65 1.57
C VAL C 23 -9.93 -22.43 3.07
N ILE C 24 -10.32 -21.22 3.45
CA ILE C 24 -10.74 -20.93 4.81
C ILE C 24 -12.18 -20.48 4.69
N PHE C 25 -13.14 -21.24 5.25
CA PHE C 25 -14.52 -20.81 5.27
C PHE C 25 -14.58 -19.89 6.49
N ASN C 27 -16.83 -17.45 8.64
CA ASN C 27 -18.19 -16.97 8.87
C ASN C 27 -18.22 -15.62 9.61
N ARG C 28 -18.27 -14.53 8.85
CA ARG C 28 -18.35 -13.20 9.40
C ARG C 28 -19.82 -12.75 9.39
N SER C 29 -20.72 -13.60 9.87
CA SER C 29 -22.16 -13.33 9.91
C SER C 29 -22.73 -13.85 11.24
N PRO C 30 -23.95 -13.43 11.65
CA PRO C 30 -24.50 -13.94 12.91
C PRO C 30 -25.33 -15.19 12.73
N ARG C 31 -25.22 -15.85 11.58
CA ARG C 31 -26.00 -17.02 11.27
C ARG C 31 -25.16 -18.28 11.37
N VAL C 32 -25.83 -19.42 11.64
CA VAL C 32 -25.23 -20.74 11.57
C VAL C 32 -25.16 -20.99 10.05
N VAL C 33 -23.96 -21.21 9.51
CA VAL C 33 -23.80 -21.32 8.05
C VAL C 33 -23.72 -22.75 7.55
N LEU C 34 -24.45 -23.03 6.47
CA LEU C 34 -24.43 -24.28 5.74
C LEU C 34 -23.66 -24.08 4.44
N PRO C 35 -22.43 -24.63 4.38
CA PRO C 35 -21.69 -24.61 3.12
C PRO C 35 -22.31 -25.68 2.20
N VAL C 36 -22.54 -25.34 0.94
CA VAL C 36 -23.13 -26.25 -0.02
C VAL C 36 -22.21 -26.36 -1.21
N TRP C 37 -21.73 -27.56 -1.52
CA TRP C 37 -20.84 -27.77 -2.64
C TRP C 37 -21.64 -28.30 -3.83
N LEU C 38 -21.52 -27.68 -5.01
CA LEU C 38 -22.23 -28.19 -6.20
C LEU C 38 -21.42 -29.35 -6.75
N ASN C 39 -21.96 -30.58 -6.72
CA ASN C 39 -21.19 -31.75 -7.18
C ASN C 39 -20.93 -31.75 -8.71
N PHE C 40 -20.18 -32.73 -9.23
CA PHE C 40 -19.85 -32.79 -10.65
C PHE C 40 -21.09 -32.87 -11.56
N ASP C 41 -22.29 -33.17 -11.00
CA ASP C 41 -23.55 -33.18 -11.75
C ASP C 41 -24.35 -31.87 -11.58
N GLY C 42 -23.94 -30.98 -10.69
CA GLY C 42 -24.67 -29.75 -10.42
C GLY C 42 -25.65 -29.88 -9.26
N GLU C 43 -25.65 -31.04 -8.57
CA GLU C 43 -26.51 -31.29 -7.42
C GLU C 43 -25.90 -30.68 -6.14
N PRO C 44 -26.64 -29.84 -5.39
CA PRO C 44 -26.08 -29.26 -4.16
C PRO C 44 -25.77 -30.32 -3.10
N GLN C 45 -24.60 -30.24 -2.46
CA GLN C 45 -24.19 -31.20 -1.43
C GLN C 45 -23.86 -30.47 -0.12
N PRO C 46 -24.67 -30.70 0.92
CA PRO C 46 -24.43 -30.01 2.20
C PRO C 46 -23.19 -30.50 2.91
N TYR C 47 -22.47 -29.58 3.54
CA TYR C 47 -21.27 -29.84 4.32
C TYR C 47 -21.52 -29.39 5.77
N PRO C 48 -20.68 -29.84 6.73
CA PRO C 48 -20.93 -29.48 8.14
C PRO C 48 -21.15 -28.01 8.38
N THR C 49 -22.03 -27.66 9.33
CA THR C 49 -22.33 -26.26 9.59
C THR C 49 -21.18 -25.53 10.30
N LEU C 50 -21.20 -24.18 10.22
CA LEU C 50 -20.23 -23.28 10.84
C LEU C 50 -20.99 -22.38 11.78
N PRO C 51 -20.78 -22.47 13.11
CA PRO C 51 -21.47 -21.52 14.02
C PRO C 51 -21.09 -20.05 13.71
N PRO C 52 -21.90 -19.06 14.15
CA PRO C 52 -21.54 -17.64 13.90
C PRO C 52 -20.16 -17.27 14.41
N GLY C 53 -19.46 -16.42 13.66
CA GLY C 53 -18.13 -15.91 14.04
C GLY C 53 -16.97 -16.89 14.04
N THR C 54 -17.15 -18.10 13.47
CA THR C 54 -16.10 -19.11 13.43
C THR C 54 -15.53 -19.27 12.01
N GLY C 55 -14.34 -19.84 11.91
CA GLY C 55 -13.68 -20.12 10.64
C GLY C 55 -13.12 -21.53 10.61
N ARG C 56 -13.18 -22.19 9.44
CA ARG C 56 -12.67 -23.55 9.26
C ARG C 56 -11.75 -23.67 8.06
N ARG C 57 -10.60 -24.34 8.24
CA ARG C 57 -9.70 -24.59 7.12
C ARG C 57 -10.17 -25.85 6.46
N ILE C 58 -10.51 -25.78 5.17
CA ILE C 58 -11.01 -26.95 4.45
C ILE C 58 -10.19 -27.28 3.18
N HIS C 59 -10.27 -28.54 2.77
CA HIS C 59 -9.59 -29.01 1.58
C HIS C 59 -10.58 -29.14 0.46
N SER C 60 -10.40 -28.30 -0.54
CA SER C 60 -11.25 -28.31 -1.69
C SER C 60 -10.36 -28.42 -2.96
N TYR C 61 -10.91 -28.17 -4.14
CA TYR C 61 -10.15 -28.30 -5.39
C TYR C 61 -10.45 -27.13 -6.31
N ARG C 62 -9.53 -26.82 -7.19
CA ARG C 62 -9.67 -25.76 -8.18
C ARG C 62 -10.84 -26.07 -9.09
N GLY C 63 -11.67 -25.08 -9.38
CA GLY C 63 -12.81 -25.30 -10.24
C GLY C 63 -14.04 -25.85 -9.55
N HIS C 64 -14.02 -25.96 -8.22
CA HIS C 64 -15.21 -26.43 -7.48
C HIS C 64 -16.12 -25.27 -7.15
N LEU C 65 -17.44 -25.48 -7.11
CA LEU C 65 -18.40 -24.41 -6.85
C LEU C 65 -19.05 -24.52 -5.46
N TRP C 66 -19.14 -23.41 -4.76
CA TRP C 66 -19.69 -23.38 -3.41
C TRP C 66 -20.65 -22.22 -3.20
N LEU C 67 -21.66 -22.48 -2.38
CA LEU C 67 -22.59 -21.46 -1.97
C LEU C 67 -22.84 -21.63 -0.48
N PHE C 68 -23.35 -20.60 0.20
CA PHE C 68 -23.48 -20.63 1.66
C PHE C 68 -24.84 -20.11 2.02
N ARG C 69 -25.49 -20.83 2.93
CA ARG C 69 -26.86 -20.54 3.33
C ARG C 69 -27.01 -20.50 4.82
N ASP C 70 -28.13 -19.90 5.33
CA ASP C 70 -28.43 -19.99 6.75
C ASP C 70 -28.88 -21.47 6.94
N ALA C 71 -28.21 -22.21 7.84
CA ALA C 71 -28.45 -23.64 8.01
C ALA C 71 -29.85 -24.02 8.47
N GLY C 72 -30.57 -23.09 9.07
CA GLY C 72 -31.91 -23.37 9.56
C GLY C 72 -33.05 -22.88 8.69
N THR C 73 -32.87 -21.72 8.04
CA THR C 73 -33.91 -21.08 7.22
C THR C 73 -33.63 -21.13 5.70
N HIS C 74 -32.38 -21.42 5.32
CA HIS C 74 -31.90 -21.47 3.95
C HIS C 74 -31.76 -20.09 3.28
N ASP C 75 -31.76 -19.02 4.06
CA ASP C 75 -31.56 -17.66 3.55
C ASP C 75 -30.25 -17.56 2.80
N GLY C 76 -30.22 -16.84 1.70
CA GLY C 76 -29.02 -16.71 0.89
C GLY C 76 -28.03 -15.81 1.58
N LEU C 77 -26.77 -16.24 1.61
CA LEU C 77 -25.69 -15.45 2.19
C LEU C 77 -24.68 -15.10 1.10
N LEU C 78 -23.79 -14.14 1.37
CA LEU C 78 -22.77 -13.76 0.40
C LEU C 78 -21.45 -14.37 0.75
N VAL C 79 -20.61 -14.66 -0.26
CA VAL C 79 -19.26 -15.17 -0.06
C VAL C 79 -18.37 -14.34 -0.95
N ASN C 80 -17.52 -13.48 -0.36
CA ASN C 80 -16.66 -12.55 -1.07
C ASN C 80 -17.48 -11.57 -1.92
N GLN C 81 -18.60 -11.10 -1.34
CA GLN C 81 -19.56 -10.14 -1.88
C GLN C 81 -20.42 -10.67 -3.03
N THR C 82 -20.35 -11.98 -3.32
CA THR C 82 -21.12 -12.53 -4.42
C THR C 82 -21.81 -13.88 -3.98
N GLU C 83 -22.48 -14.56 -4.89
CA GLU C 83 -23.24 -15.75 -4.59
C GLU C 83 -22.42 -17.00 -4.56
N LEU C 84 -21.47 -17.12 -5.49
CA LEU C 84 -20.70 -18.33 -5.62
C LEU C 84 -19.21 -18.14 -5.35
N PHE C 85 -18.61 -19.15 -4.74
CA PHE C 85 -17.18 -19.15 -4.45
C PHE C 85 -16.56 -20.30 -5.21
N VAL C 86 -15.46 -19.99 -5.92
CA VAL C 86 -14.77 -21.00 -6.69
C VAL C 86 -13.30 -21.09 -6.24
N PRO C 87 -12.91 -22.17 -5.56
CA PRO C 87 -11.51 -22.32 -5.13
C PRO C 87 -10.51 -22.16 -6.27
N SER C 88 -9.41 -21.46 -5.97
CA SER C 88 -8.36 -21.18 -6.94
C SER C 88 -6.96 -21.70 -6.51
N LEU C 89 -5.91 -21.46 -7.33
CA LEU C 89 -4.54 -21.88 -7.04
C LEU C 89 -3.98 -20.98 -5.92
N ASN C 90 -3.28 -21.59 -4.94
CA ASN C 90 -2.73 -20.88 -3.78
C ASN C 90 -1.36 -20.23 -4.05
N VAL C 91 -1.02 -19.12 -3.33
CA VAL C 91 0.28 -18.48 -3.53
C VAL C 91 1.14 -18.45 -2.25
N ASP C 92 2.26 -19.20 -2.28
CA ASP C 92 3.24 -19.34 -1.19
C ASP C 92 2.58 -19.85 0.11
N GLY C 93 1.74 -20.87 -0.05
CA GLY C 93 1.05 -21.49 1.07
C GLY C 93 -0.05 -20.66 1.69
N GLN C 94 -0.58 -19.70 0.92
CA GLN C 94 -1.68 -18.89 1.42
C GLN C 94 -2.94 -19.58 1.04
N PRO C 95 -3.76 -19.96 2.03
CA PRO C 95 -5.09 -20.48 1.70
C PRO C 95 -5.97 -19.33 1.21
N ILE C 96 -7.00 -19.66 0.44
CA ILE C 96 -7.92 -18.69 -0.11
C ILE C 96 -9.02 -18.44 0.92
N PHE C 97 -9.25 -17.19 1.31
CA PHE C 97 -10.34 -16.89 2.24
C PHE C 97 -11.66 -16.83 1.50
N ALA C 98 -12.68 -17.46 2.08
CA ALA C 98 -14.05 -17.42 1.60
C ALA C 98 -14.77 -16.70 2.73
N ASN C 99 -14.86 -15.36 2.61
CA ASN C 99 -15.50 -14.50 3.60
C ASN C 99 -17.02 -14.55 3.40
N ILE C 100 -17.73 -15.19 4.33
CA ILE C 100 -19.19 -15.36 4.33
C ILE C 100 -19.83 -14.29 5.16
N THR C 101 -20.69 -13.47 4.55
CA THR C 101 -21.33 -12.37 5.24
C THR C 101 -22.82 -12.31 5.00
N LEU C 102 -23.55 -11.57 5.87
CA LEU C 102 -24.97 -11.35 5.62
C LEU C 102 -25.05 -10.33 4.48
N PRO C 103 -25.92 -10.56 3.51
CA PRO C 103 -26.19 -9.50 2.53
C PRO C 103 -26.98 -8.37 3.23
N VAL C 104 -27.05 -7.19 2.60
CA VAL C 104 -27.96 -6.16 3.05
C VAL C 104 -29.29 -6.61 2.42
N TYR C 105 -30.08 -7.45 3.11
CA TYR C 105 -31.37 -7.90 2.59
C TYR C 105 -32.30 -6.74 2.40
N THR C 106 -33.31 -6.84 1.49
CA THR C 106 -34.31 -5.77 1.39
C THR C 106 -35.11 -5.79 2.69
N LEU C 107 -35.77 -4.68 3.04
CA LEU C 107 -36.61 -4.65 4.25
C LEU C 107 -37.72 -5.67 4.16
N LYS C 108 -38.29 -5.82 2.96
CA LYS C 108 -39.34 -6.77 2.65
C LYS C 108 -38.85 -8.19 2.93
N GLU C 109 -37.67 -8.55 2.42
CA GLU C 109 -37.15 -9.89 2.64
C GLU C 109 -36.80 -10.13 4.10
N ARG C 110 -36.19 -9.15 4.75
CA ARG C 110 -35.88 -9.24 6.17
C ARG C 110 -37.16 -9.45 7.02
N CYS C 111 -38.26 -8.74 6.67
CA CYS C 111 -39.57 -8.87 7.27
C CYS C 111 -40.12 -10.26 7.00
N LEU C 112 -40.03 -10.78 5.76
CA LEU C 112 -40.53 -12.13 5.46
C LEU C 112 -39.80 -13.19 6.34
N GLN C 113 -38.46 -13.05 6.53
CA GLN C 113 -37.65 -13.93 7.39
C GLN C 113 -38.17 -13.97 8.83
N VAL C 114 -38.39 -12.81 9.43
CA VAL C 114 -38.86 -12.67 10.82
C VAL C 114 -40.25 -13.28 11.01
N VAL C 115 -41.18 -13.04 10.07
CA VAL C 115 -42.53 -13.54 10.12
C VAL C 115 -42.52 -15.07 9.94
N ARG C 116 -41.66 -15.60 9.06
CA ARG C 116 -41.54 -17.05 8.89
C ARG C 116 -41.01 -17.71 10.18
N SER C 117 -40.14 -17.00 10.92
CA SER C 117 -39.58 -17.50 12.17
C SER C 117 -40.56 -17.48 13.36
N LEU C 118 -41.71 -16.81 13.22
CA LEU C 118 -42.70 -16.70 14.29
C LEU C 118 -43.98 -17.45 14.00
N VAL C 119 -44.26 -17.76 12.73
CA VAL C 119 -45.52 -18.38 12.37
C VAL C 119 -45.29 -19.77 11.74
N LYS C 120 -46.08 -20.77 12.19
CA LYS C 120 -46.00 -22.11 11.65
C LYS C 120 -46.52 -22.08 10.22
N PRO C 121 -45.86 -22.79 9.28
CA PRO C 121 -46.29 -22.70 7.87
C PRO C 121 -47.78 -22.95 7.62
N GLU C 122 -48.44 -23.78 8.43
CA GLU C 122 -49.88 -24.05 8.30
C GLU C 122 -50.76 -22.83 8.67
N ASN C 123 -50.17 -21.79 9.30
CA ASN C 123 -50.89 -20.62 9.74
C ASN C 123 -50.64 -19.36 8.91
N TYR C 124 -49.75 -19.40 7.88
CA TYR C 124 -49.47 -18.22 7.05
C TYR C 124 -50.76 -17.63 6.45
N ARG C 125 -51.63 -18.49 5.90
CA ARG C 125 -52.88 -18.05 5.29
C ARG C 125 -53.88 -17.46 6.32
N ARG C 126 -53.63 -17.66 7.62
CA ARG C 126 -54.45 -17.09 8.68
C ARG C 126 -53.95 -15.67 9.09
N LEU C 127 -52.91 -15.12 8.42
CA LEU C 127 -52.44 -13.76 8.72
C LEU C 127 -53.34 -12.72 8.02
N ASP C 128 -53.51 -11.54 8.61
CA ASP C 128 -54.35 -10.49 8.01
C ASP C 128 -53.52 -9.64 7.05
N ILE C 129 -53.29 -10.15 5.85
CA ILE C 129 -52.48 -9.45 4.84
C ILE C 129 -52.99 -9.69 3.41
N VAL C 130 -52.53 -8.88 2.44
CA VAL C 130 -52.87 -9.03 1.04
C VAL C 130 -52.46 -10.39 0.51
N ARG C 131 -53.19 -10.88 -0.49
CA ARG C 131 -52.96 -12.16 -1.15
C ARG C 131 -51.51 -12.32 -1.61
N SER C 132 -50.94 -11.26 -2.15
CA SER C 132 -49.58 -11.26 -2.66
C SER C 132 -48.53 -11.61 -1.59
N LEU C 133 -48.69 -11.07 -0.38
CA LEU C 133 -47.77 -11.32 0.72
C LEU C 133 -47.82 -12.79 1.23
N TYR C 134 -48.92 -13.53 0.96
CA TYR C 134 -48.99 -14.96 1.31
C TYR C 134 -48.04 -15.72 0.41
N GLU C 135 -48.08 -15.44 -0.90
CA GLU C 135 -47.24 -16.04 -1.93
C GLU C 135 -45.75 -15.72 -1.66
N ASP C 136 -45.44 -14.54 -1.08
CA ASP C 136 -44.07 -14.17 -0.78
C ASP C 136 -43.57 -14.99 0.41
N LEU C 137 -44.41 -15.13 1.46
CA LEU C 137 -44.13 -15.89 2.67
C LEU C 137 -43.91 -17.37 2.36
N GLU C 138 -44.83 -17.96 1.57
CA GLU C 138 -44.82 -19.35 1.14
C GLU C 138 -43.61 -19.67 0.31
N ASP C 139 -43.10 -18.70 -0.45
CA ASP C 139 -41.92 -18.89 -1.28
C ASP C 139 -40.62 -18.88 -0.43
N HIS C 140 -40.40 -19.98 0.29
CA HIS C 140 -39.24 -20.15 1.16
C HIS C 140 -37.96 -20.11 0.39
N PRO C 141 -36.88 -19.59 0.99
CA PRO C 141 -35.57 -19.63 0.33
C PRO C 141 -35.18 -21.07 0.00
N ASN C 142 -34.71 -21.28 -1.22
CA ASN C 142 -34.49 -22.60 -1.74
C ASN C 142 -33.23 -22.57 -2.62
N VAL C 143 -32.22 -23.40 -2.31
CA VAL C 143 -30.99 -23.49 -3.10
C VAL C 143 -31.33 -23.94 -4.53
N GLN C 144 -32.25 -24.93 -4.71
CA GLN C 144 -32.59 -25.39 -6.05
C GLN C 144 -33.20 -24.27 -6.88
N LYS C 145 -34.17 -23.51 -6.34
CA LYS C 145 -34.78 -22.38 -7.06
C LYS C 145 -33.74 -21.32 -7.40
N ASP C 146 -32.83 -21.03 -6.46
CA ASP C 146 -31.76 -20.06 -6.68
C ASP C 146 -30.77 -20.52 -7.75
N LEU C 147 -30.46 -21.83 -7.81
CA LEU C 147 -29.61 -22.40 -8.85
C LEU C 147 -30.31 -22.23 -10.22
N GLU C 148 -31.66 -22.35 -10.28
CA GLU C 148 -32.40 -22.16 -11.52
C GLU C 148 -32.30 -20.69 -11.93
N ARG C 149 -32.47 -19.77 -10.99
CA ARG C 149 -32.38 -18.34 -11.26
C ARG C 149 -30.98 -17.96 -11.76
N LEU C 150 -29.91 -18.39 -11.05
CA LEU C 150 -28.53 -18.12 -11.45
C LEU C 150 -28.24 -18.64 -12.86
N THR C 151 -28.67 -19.89 -13.17
CA THR C 151 -28.48 -20.50 -14.48
C THR C 151 -29.16 -19.70 -15.59
N GLN C 152 -30.38 -19.19 -15.35
CA GLN C 152 -31.11 -18.38 -16.33
C GLN C 152 -30.42 -17.03 -16.53
N GLU C 153 -29.98 -16.39 -15.44
CA GLU C 153 -29.28 -15.10 -15.46
C GLU C 153 -27.91 -15.20 -16.15
N ARG C 154 -27.29 -16.38 -16.12
CA ARG C 154 -26.00 -16.61 -16.75
C ARG C 154 -26.13 -16.69 -18.28
N ILE C 155 -27.24 -17.28 -18.77
CA ILE C 155 -27.52 -17.46 -20.19
C ILE C 155 -27.69 -16.12 -20.93
N ALA C 156 -28.58 -15.25 -20.43
CA ALA C 156 -28.79 -13.95 -21.07
C ALA C 156 -27.86 -12.89 -20.48
N MET D 1 7.84 38.21 -13.23
CA MET D 1 6.94 37.10 -12.94
C MET D 1 5.52 37.59 -12.76
N ASP D 2 4.62 37.15 -13.64
CA ASP D 2 3.24 37.58 -13.65
C ASP D 2 2.35 37.02 -12.57
N VAL D 3 1.46 37.87 -12.08
CA VAL D 3 0.39 37.54 -11.14
C VAL D 3 -0.95 37.84 -11.83
N PHE D 4 -1.94 37.01 -11.60
CA PHE D 4 -3.24 37.15 -12.25
C PHE D 4 -4.27 37.52 -11.21
N LEU D 5 -4.97 38.64 -11.45
CA LEU D 5 -5.85 39.21 -10.45
C LEU D 5 -7.29 39.50 -10.87
N MET D 6 -8.16 39.68 -9.86
CA MET D 6 -9.55 40.09 -9.93
C MET D 6 -9.66 41.30 -9.01
N ILE D 7 -9.84 42.49 -9.55
CA ILE D 7 -10.01 43.70 -8.74
C ILE D 7 -11.51 43.85 -8.61
N ARG D 8 -12.01 43.78 -7.38
CA ARG D 8 -13.45 43.75 -7.16
C ARG D 8 -13.97 44.86 -6.24
N ARG D 9 -15.12 45.41 -6.62
CA ARG D 9 -15.82 46.48 -5.91
C ARG D 9 -17.28 46.32 -6.31
N HIS D 10 -18.14 46.11 -5.32
CA HIS D 10 -19.59 45.94 -5.48
C HIS D 10 -19.87 44.82 -6.48
N LYS D 11 -20.51 45.14 -7.63
CA LYS D 11 -20.79 44.19 -8.68
C LYS D 11 -19.87 44.43 -9.89
N THR D 12 -18.64 44.91 -9.67
CA THR D 12 -17.63 45.13 -10.71
C THR D 12 -16.40 44.21 -10.46
N THR D 13 -15.88 43.56 -11.52
CA THR D 13 -14.69 42.73 -11.41
C THR D 13 -13.78 42.99 -12.58
N ILE D 14 -12.56 43.47 -12.33
CA ILE D 14 -11.59 43.69 -13.38
C ILE D 14 -10.63 42.51 -13.38
N PHE D 15 -10.42 41.87 -14.55
CA PHE D 15 -9.51 40.75 -14.70
C PHE D 15 -8.27 41.35 -15.31
N THR D 16 -7.14 41.36 -14.57
CA THR D 16 -5.90 41.92 -15.11
C THR D 16 -4.66 41.20 -14.54
N ASP D 17 -3.51 41.40 -15.18
CA ASP D 17 -2.25 40.86 -14.71
C ASP D 17 -1.29 41.99 -14.42
N ALA D 18 -0.25 41.67 -13.67
CA ALA D 18 0.81 42.58 -13.26
C ALA D 18 2.04 41.71 -12.84
N LYS D 19 3.19 42.32 -12.57
CA LYS D 19 4.36 41.57 -12.12
C LYS D 19 4.36 41.54 -10.59
N GLU D 20 5.03 40.54 -9.99
CA GLU D 20 5.16 40.50 -8.52
C GLU D 20 5.91 41.77 -8.02
N SER D 21 6.83 42.29 -8.86
CA SER D 21 7.66 43.46 -8.57
C SER D 21 6.94 44.80 -8.77
N SER D 22 5.72 44.81 -9.34
CA SER D 22 5.00 46.07 -9.54
C SER D 22 4.33 46.51 -8.23
N THR D 23 4.17 47.80 -8.05
CA THR D 23 3.64 48.36 -6.81
C THR D 23 2.10 48.41 -6.77
N VAL D 24 1.55 48.73 -5.59
CA VAL D 24 0.12 48.94 -5.38
C VAL D 24 -0.33 50.22 -6.13
N PHE D 25 0.55 51.23 -6.22
CA PHE D 25 0.26 52.46 -6.93
C PHE D 25 0.17 52.18 -8.43
N GLU D 26 1.08 51.34 -8.96
CA GLU D 26 1.04 50.97 -10.37
C GLU D 26 -0.26 50.25 -10.72
N LEU D 27 -0.82 49.45 -9.78
CA LEU D 27 -2.10 48.77 -9.96
C LEU D 27 -3.26 49.80 -9.92
N LYS D 28 -3.12 50.86 -9.11
CA LYS D 28 -4.09 51.95 -9.05
C LYS D 28 -4.14 52.74 -10.36
N ARG D 29 -3.01 52.83 -11.08
CA ARG D 29 -2.94 53.48 -12.40
C ARG D 29 -3.71 52.64 -13.42
N ILE D 30 -3.67 51.29 -13.29
CA ILE D 30 -4.42 50.38 -14.15
C ILE D 30 -5.93 50.62 -13.96
N VAL D 31 -6.40 50.60 -12.70
CA VAL D 31 -7.80 50.84 -12.35
C VAL D 31 -8.26 52.22 -12.86
N GLU D 32 -7.39 53.22 -12.72
CA GLU D 32 -7.65 54.58 -13.18
C GLU D 32 -7.97 54.63 -14.67
N GLY D 33 -7.26 53.83 -15.45
CA GLY D 33 -7.48 53.78 -16.89
C GLY D 33 -8.75 53.08 -17.33
N ILE D 34 -9.35 52.27 -16.44
CA ILE D 34 -10.57 51.51 -16.70
C ILE D 34 -11.82 52.19 -16.08
N LEU D 35 -11.79 52.49 -14.78
CA LEU D 35 -12.93 53.05 -14.06
C LEU D 35 -12.93 54.58 -13.95
N LYS D 36 -11.91 55.24 -14.51
CA LYS D 36 -11.77 56.69 -14.55
C LYS D 36 -11.82 57.34 -13.18
N ARG D 37 -11.01 56.84 -12.27
CA ARG D 37 -10.90 57.35 -10.91
C ARG D 37 -9.41 57.38 -10.60
N PRO D 38 -8.83 58.55 -10.27
CA PRO D 38 -7.39 58.61 -10.00
C PRO D 38 -6.93 57.83 -8.76
N PRO D 39 -5.62 57.48 -8.68
CA PRO D 39 -5.14 56.73 -7.49
C PRO D 39 -5.47 57.33 -6.13
N ASP D 40 -5.49 58.68 -5.98
CA ASP D 40 -5.85 59.32 -4.71
C ASP D 40 -7.32 59.08 -4.30
N GLU D 41 -8.16 58.64 -5.24
CA GLU D 41 -9.56 58.33 -4.95
C GLU D 41 -9.80 56.80 -4.85
N GLN D 42 -8.75 55.99 -4.70
CA GLN D 42 -8.89 54.54 -4.61
C GLN D 42 -8.20 53.97 -3.39
N ARG D 43 -8.73 52.88 -2.86
CA ARG D 43 -8.11 52.12 -1.79
C ARG D 43 -8.09 50.66 -2.25
N LEU D 44 -6.92 50.03 -2.20
CA LEU D 44 -6.77 48.64 -2.61
C LEU D 44 -6.53 47.78 -1.39
N TYR D 45 -7.22 46.66 -1.29
CA TYR D 45 -7.11 45.78 -0.14
C TYR D 45 -6.72 44.37 -0.52
N LYS D 46 -6.13 43.65 0.44
CA LYS D 46 -5.89 42.21 0.35
C LYS D 46 -6.69 41.74 1.56
N ASP D 47 -7.88 41.16 1.36
CA ASP D 47 -8.76 40.79 2.47
C ASP D 47 -9.23 42.10 3.22
N ASP D 48 -9.15 42.19 4.56
CA ASP D 48 -9.52 43.43 5.27
C ASP D 48 -8.37 44.46 5.30
N GLN D 49 -7.14 44.05 4.92
CA GLN D 49 -5.96 44.89 5.00
C GLN D 49 -5.78 45.90 3.88
N LEU D 50 -5.65 47.18 4.22
CA LEU D 50 -5.39 48.22 3.24
C LEU D 50 -3.94 48.10 2.80
N LEU D 51 -3.71 48.13 1.50
CA LEU D 51 -2.36 47.99 0.94
C LEU D 51 -1.67 49.33 0.74
N ASP D 52 -0.38 49.42 1.11
CA ASP D 52 0.41 50.64 0.92
C ASP D 52 0.83 50.77 -0.54
N ASP D 53 0.70 51.97 -1.12
CA ASP D 53 1.10 52.28 -2.50
C ASP D 53 2.54 51.88 -2.81
N GLY D 54 3.44 52.06 -1.84
CA GLY D 54 4.85 51.77 -2.04
C GLY D 54 5.21 50.30 -2.08
N LYS D 55 4.34 49.44 -1.51
CA LYS D 55 4.62 48.00 -1.47
C LYS D 55 4.42 47.33 -2.82
N THR D 56 5.21 46.30 -3.10
CA THR D 56 5.04 45.53 -4.33
C THR D 56 3.97 44.45 -4.08
N LEU D 57 3.36 43.97 -5.17
CA LEU D 57 2.34 42.94 -5.08
C LEU D 57 2.86 41.66 -4.43
N GLY D 58 4.11 41.31 -4.71
CA GLY D 58 4.73 40.13 -4.13
C GLY D 58 4.84 40.25 -2.62
N GLU D 59 5.18 41.47 -2.14
CA GLU D 59 5.26 41.77 -0.71
C GLU D 59 3.86 41.73 -0.04
N CYS D 60 2.80 42.07 -0.82
CA CYS D 60 1.41 42.03 -0.34
C CYS D 60 0.81 40.62 -0.35
N GLY D 61 1.55 39.61 -0.81
CA GLY D 61 1.05 38.25 -0.85
C GLY D 61 0.58 37.76 -2.20
N PHE D 62 0.63 38.62 -3.23
CA PHE D 62 0.23 38.23 -4.58
C PHE D 62 1.43 37.59 -5.26
N THR D 63 1.49 36.26 -5.23
CA THR D 63 2.59 35.48 -5.80
C THR D 63 2.10 34.64 -6.98
N SER D 64 3.03 34.15 -7.81
CA SER D 64 2.66 33.31 -8.95
C SER D 64 1.91 32.04 -8.50
N GLN D 65 2.21 31.53 -7.30
CA GLN D 65 1.55 30.34 -6.77
C GLN D 65 0.13 30.60 -6.29
N THR D 66 -0.20 31.83 -5.88
CA THR D 66 -1.56 32.12 -5.39
C THR D 66 -2.40 33.04 -6.25
N ALA D 67 -1.82 33.60 -7.31
CA ALA D 67 -2.55 34.51 -8.20
C ALA D 67 -2.33 33.93 -9.59
N ARG D 68 -3.01 32.81 -9.87
CA ARG D 68 -2.84 32.05 -11.11
C ARG D 68 -3.86 32.40 -12.19
N PRO D 69 -3.53 32.20 -13.48
CA PRO D 69 -4.50 32.55 -14.54
C PRO D 69 -5.90 31.98 -14.35
N GLN D 70 -6.00 30.70 -13.97
CA GLN D 70 -7.22 29.92 -13.76
C GLN D 70 -7.87 30.06 -12.39
N ALA D 71 -7.17 30.66 -11.44
CA ALA D 71 -7.68 30.88 -10.08
C ALA D 71 -7.01 32.18 -9.56
N PRO D 72 -7.47 33.34 -10.08
CA PRO D 72 -6.81 34.60 -9.76
C PRO D 72 -7.06 35.11 -8.35
N ALA D 73 -6.11 35.89 -7.81
CA ALA D 73 -6.23 36.46 -6.49
C ALA D 73 -7.13 37.72 -6.51
N THR D 74 -7.91 37.92 -5.43
CA THR D 74 -8.82 39.03 -5.36
C THR D 74 -8.23 40.23 -4.64
N VAL D 75 -8.21 41.37 -5.32
CA VAL D 75 -7.83 42.63 -4.72
C VAL D 75 -9.15 43.42 -4.50
N GLY D 76 -9.39 43.87 -3.28
CA GLY D 76 -10.58 44.65 -2.99
C GLY D 76 -10.38 46.11 -3.37
N LEU D 77 -11.43 46.79 -3.82
CA LEU D 77 -11.32 48.19 -4.25
C LEU D 77 -12.42 49.02 -3.61
N ALA D 78 -12.05 50.18 -3.03
CA ALA D 78 -12.99 51.13 -2.44
C ALA D 78 -12.72 52.51 -3.05
N PHE D 79 -13.77 53.23 -3.48
CA PHE D 79 -13.65 54.57 -4.07
C PHE D 79 -13.89 55.71 -3.05
N ARG D 80 -13.28 56.88 -3.29
CA ARG D 80 -13.51 58.03 -2.44
C ARG D 80 -14.74 58.76 -3.01
N ALA D 81 -15.83 58.80 -2.24
CA ALA D 81 -17.07 59.42 -2.72
C ALA D 81 -17.28 60.73 -2.01
N ASP D 82 -17.23 61.85 -2.75
CA ASP D 82 -17.33 63.19 -2.20
C ASP D 82 -16.16 63.41 -1.19
N ASP D 83 -16.40 63.82 0.08
CA ASP D 83 -15.31 64.03 1.02
C ASP D 83 -14.64 62.75 1.57
N THR D 84 -15.39 61.62 1.73
CA THR D 84 -14.80 60.42 2.33
C THR D 84 -14.94 59.10 1.55
N PHE D 85 -13.94 58.23 1.69
CA PHE D 85 -13.93 56.91 1.09
C PHE D 85 -15.10 56.09 1.59
N GLU D 86 -15.58 55.18 0.73
CA GLU D 86 -16.67 54.26 1.09
C GLU D 86 -16.09 53.03 1.83
N ALA D 87 -16.97 52.21 2.44
CA ALA D 87 -16.52 50.98 3.07
C ALA D 87 -16.24 49.94 1.97
N LEU D 88 -15.25 49.06 2.16
CA LEU D 88 -14.95 48.01 1.19
C LEU D 88 -16.15 47.04 1.17
N CYS D 89 -16.78 46.85 0.00
CA CYS D 89 -17.91 45.93 -0.16
C CYS D 89 -17.79 45.22 -1.49
N ILE D 90 -17.88 43.90 -1.48
CA ILE D 90 -17.79 43.09 -2.68
C ILE D 90 -19.00 42.18 -2.70
N GLU D 91 -19.85 42.30 -3.74
CA GLU D 91 -21.02 41.45 -3.89
C GLU D 91 -20.56 40.07 -4.30
N PRO D 92 -20.98 39.04 -3.57
CA PRO D 92 -20.59 37.68 -3.97
C PRO D 92 -21.26 37.29 -5.28
N PHE D 93 -20.64 36.35 -6.00
CA PHE D 93 -21.24 35.81 -7.22
C PHE D 93 -22.51 35.01 -6.81
N SER D 94 -23.38 34.68 -7.76
CA SER D 94 -24.60 33.93 -7.46
C SER D 94 -24.24 32.53 -6.96
N SER D 95 -25.17 31.89 -6.25
CA SER D 95 -24.94 30.54 -5.76
C SER D 95 -25.30 29.57 -6.87
N PRO D 96 -24.46 28.54 -7.08
CA PRO D 96 -24.81 27.52 -8.07
C PRO D 96 -26.02 26.71 -7.55
N PRO D 97 -26.78 26.09 -8.46
CA PRO D 97 -27.90 25.26 -8.03
C PRO D 97 -27.42 23.99 -7.32
N GLU D 98 -28.37 23.27 -6.74
CA GLU D 98 -28.09 22.00 -6.09
C GLU D 98 -27.69 20.99 -7.15
N LEU D 99 -26.73 20.11 -6.85
CA LEU D 99 -26.30 19.09 -7.81
C LEU D 99 -27.45 18.17 -8.12
N PRO D 100 -27.67 17.85 -9.40
CA PRO D 100 -28.73 16.89 -9.74
C PRO D 100 -28.57 15.55 -9.01
N ASP D 101 -29.67 14.77 -8.91
CA ASP D 101 -29.62 13.47 -8.25
C ASP D 101 -28.61 12.55 -8.95
N VAL D 102 -28.56 12.63 -10.29
CA VAL D 102 -27.66 11.84 -11.13
C VAL D 102 -26.18 12.27 -11.05
N MET D 103 -25.83 13.16 -10.10
CA MET D 103 -24.47 13.62 -9.89
C MET D 103 -23.98 13.39 -8.45
N LYS D 104 -24.76 12.69 -7.61
CA LYS D 104 -24.41 12.42 -6.21
C LYS D 104 -24.36 10.91 -5.90
N MET E 1 -4.56 47.58 -24.82
CA MET E 1 -5.61 47.61 -23.80
C MET E 1 -6.33 48.97 -23.77
N MET E 2 -7.61 49.10 -24.24
CA MET E 2 -8.53 48.13 -24.85
C MET E 2 -9.12 47.11 -23.86
N TYR E 3 -10.30 47.42 -23.33
CA TYR E 3 -11.05 46.54 -22.44
C TYR E 3 -12.51 46.43 -22.89
N VAL E 4 -13.20 45.34 -22.50
CA VAL E 4 -14.60 45.09 -22.83
C VAL E 4 -15.36 44.72 -21.55
N LYS E 5 -16.68 44.91 -21.54
CA LYS E 5 -17.49 44.61 -20.38
C LYS E 5 -18.47 43.47 -20.68
N LEU E 6 -18.51 42.45 -19.83
CA LEU E 6 -19.37 41.28 -20.00
C LEU E 6 -20.28 41.23 -18.80
N ILE E 7 -21.58 41.47 -19.00
CA ILE E 7 -22.52 41.53 -17.89
C ILE E 7 -23.30 40.23 -17.75
N SER E 8 -23.33 39.68 -16.55
CA SER E 8 -23.99 38.42 -16.30
C SER E 8 -25.50 38.61 -16.14
N SER E 9 -26.27 37.52 -16.11
CA SER E 9 -27.73 37.56 -15.96
C SER E 9 -28.12 38.24 -14.66
N ASP E 10 -27.34 38.03 -13.59
CA ASP E 10 -27.58 38.64 -12.31
C ASP E 10 -26.92 40.00 -12.10
N GLY E 11 -26.45 40.62 -13.19
CA GLY E 11 -25.93 41.99 -13.15
C GLY E 11 -24.47 42.24 -12.81
N HIS E 12 -23.65 41.19 -12.69
CA HIS E 12 -22.23 41.39 -12.40
C HIS E 12 -21.49 41.88 -13.65
N GLU E 13 -20.64 42.87 -13.48
CA GLU E 13 -19.89 43.45 -14.58
C GLU E 13 -18.45 42.97 -14.55
N PHE E 14 -18.05 42.28 -15.60
CA PHE E 14 -16.72 41.75 -15.73
C PHE E 14 -15.97 42.52 -16.81
N ILE E 15 -14.90 43.20 -16.43
CA ILE E 15 -14.07 43.95 -17.37
C ILE E 15 -12.82 43.11 -17.65
N VAL E 16 -12.70 42.67 -18.89
CA VAL E 16 -11.59 41.84 -19.34
C VAL E 16 -10.91 42.50 -20.54
N LYS E 17 -9.65 42.13 -20.81
CA LYS E 17 -8.92 42.67 -21.96
C LYS E 17 -9.61 42.23 -23.26
N ARG E 18 -9.65 43.11 -24.26
CA ARG E 18 -10.28 42.80 -25.53
C ARG E 18 -9.65 41.56 -26.19
N GLU E 19 -8.31 41.42 -26.10
CA GLU E 19 -7.58 40.27 -26.63
C GLU E 19 -8.12 38.97 -26.04
N HIS E 20 -8.30 38.94 -24.71
CA HIS E 20 -8.79 37.79 -23.97
C HIS E 20 -10.23 37.45 -24.30
N ALA E 21 -11.08 38.48 -24.43
CA ALA E 21 -12.48 38.29 -24.80
C ALA E 21 -12.63 37.79 -26.24
N LEU E 22 -11.69 38.15 -27.14
CA LEU E 22 -11.74 37.65 -28.51
C LEU E 22 -11.41 36.13 -28.63
N THR E 23 -11.14 35.45 -27.49
CA THR E 23 -10.94 33.98 -27.40
C THR E 23 -12.27 33.34 -27.82
N SER E 24 -13.39 33.87 -27.33
CA SER E 24 -14.69 33.41 -27.70
C SER E 24 -14.94 33.95 -29.09
N GLY E 25 -15.22 33.05 -30.04
CA GLY E 25 -15.54 33.46 -31.39
C GLY E 25 -16.88 34.18 -31.45
N THR E 26 -17.82 33.79 -30.55
CA THR E 26 -19.14 34.39 -30.43
C THR E 26 -19.02 35.84 -29.97
N ILE E 27 -18.16 36.07 -28.95
CA ILE E 27 -17.92 37.44 -28.46
C ILE E 27 -17.21 38.23 -29.56
N LYS E 28 -16.22 37.64 -30.23
CA LYS E 28 -15.49 38.28 -31.33
C LYS E 28 -16.43 38.81 -32.43
N ALA E 29 -17.47 38.03 -32.78
CA ALA E 29 -18.43 38.48 -33.79
C ALA E 29 -19.41 39.54 -33.23
N MET E 30 -19.67 39.51 -31.90
CA MET E 30 -20.53 40.49 -31.22
C MET E 30 -19.90 41.88 -31.32
N LEU E 31 -18.57 41.96 -31.17
CA LEU E 31 -17.82 43.20 -31.26
C LEU E 31 -17.53 43.57 -32.74
N SER E 32 -17.02 42.62 -33.53
CA SER E 32 -16.73 42.89 -34.94
C SER E 32 -17.97 42.65 -35.82
N ASN E 43 -18.76 49.27 -25.62
CA ASN E 43 -18.09 47.98 -25.57
C ASN E 43 -18.61 47.07 -24.44
N GLU E 44 -19.93 47.11 -24.20
CA GLU E 44 -20.61 46.30 -23.19
C GLU E 44 -21.43 45.20 -23.87
N VAL E 45 -21.29 43.96 -23.42
CA VAL E 45 -22.01 42.83 -23.95
C VAL E 45 -22.81 42.20 -22.81
N ASN E 46 -24.11 41.99 -22.99
CA ASN E 46 -24.96 41.44 -21.95
C ASN E 46 -25.25 39.97 -22.19
N PHE E 47 -25.31 39.17 -21.12
CA PHE E 47 -25.62 37.75 -21.21
C PHE E 47 -26.81 37.49 -20.30
N ARG E 48 -28.03 37.52 -20.85
CA ARG E 48 -29.24 37.32 -20.06
C ARG E 48 -29.40 35.89 -19.49
N GLU E 49 -28.60 34.93 -19.97
CA GLU E 49 -28.69 33.55 -19.50
C GLU E 49 -27.46 33.01 -18.77
N ILE E 50 -26.40 33.81 -18.64
CA ILE E 50 -25.19 33.34 -17.98
C ILE E 50 -25.00 34.01 -16.62
N PRO E 51 -25.27 33.29 -15.50
CA PRO E 51 -25.07 33.90 -14.17
C PRO E 51 -23.59 34.19 -13.87
N SER E 52 -23.33 35.00 -12.83
CA SER E 52 -21.97 35.38 -12.41
C SER E 52 -21.09 34.22 -12.02
N HIS E 53 -21.65 33.23 -11.31
CA HIS E 53 -20.86 32.06 -10.94
C HIS E 53 -20.41 31.24 -12.18
N VAL E 54 -20.95 31.56 -13.38
CA VAL E 54 -20.50 30.91 -14.60
C VAL E 54 -19.60 31.88 -15.38
N LEU E 55 -20.06 33.13 -15.56
CA LEU E 55 -19.33 34.13 -16.34
C LEU E 55 -17.98 34.46 -15.75
N SER E 56 -17.87 34.46 -14.41
CA SER E 56 -16.58 34.67 -13.75
C SER E 56 -15.59 33.56 -14.16
N LYS E 57 -16.08 32.34 -14.28
CA LYS E 57 -15.32 31.17 -14.68
C LYS E 57 -14.92 31.21 -16.14
N VAL E 58 -15.80 31.72 -17.00
CA VAL E 58 -15.50 31.89 -18.42
C VAL E 58 -14.33 32.90 -18.58
N CYS E 59 -14.34 33.97 -17.79
CA CYS E 59 -13.30 35.00 -17.77
C CYS E 59 -11.98 34.45 -17.31
N MET E 60 -12.01 33.55 -16.32
CA MET E 60 -10.79 32.89 -15.85
C MET E 60 -10.27 31.96 -16.98
N TYR E 61 -11.17 31.33 -17.75
CA TYR E 61 -10.76 30.48 -18.85
C TYR E 61 -10.04 31.31 -19.91
N PHE E 62 -10.54 32.52 -20.20
CA PHE E 62 -9.90 33.40 -21.19
C PHE E 62 -8.44 33.71 -20.82
N THR E 63 -8.20 33.98 -19.54
CA THR E 63 -6.86 34.32 -19.05
C THR E 63 -5.93 33.12 -19.21
N TYR E 64 -6.42 31.96 -18.79
CA TYR E 64 -5.78 30.68 -18.80
C TYR E 64 -5.39 30.29 -20.24
N LYS E 65 -6.31 30.46 -21.19
CA LYS E 65 -6.05 30.11 -22.59
C LYS E 65 -4.94 30.97 -23.19
N VAL E 66 -5.04 32.29 -23.08
CA VAL E 66 -4.05 33.23 -23.61
C VAL E 66 -2.65 33.05 -22.98
N ARG E 67 -2.59 32.66 -21.70
CA ARG E 67 -1.31 32.48 -21.02
C ARG E 67 -0.61 31.20 -21.44
N TYR E 68 -1.35 30.09 -21.49
CA TYR E 68 -0.76 28.79 -21.78
C TYR E 68 -0.81 28.34 -23.26
N THR E 69 -1.45 29.11 -24.18
CA THR E 69 -1.45 28.76 -25.60
C THR E 69 -0.09 29.08 -26.24
N ASN E 70 0.49 28.13 -27.00
CA ASN E 70 1.82 28.29 -27.63
C ASN E 70 2.90 28.58 -26.57
N SER E 71 2.77 27.95 -25.38
CA SER E 71 3.69 28.09 -24.26
C SER E 71 4.30 26.72 -23.95
N SER E 72 5.60 26.67 -23.72
CA SER E 72 6.28 25.40 -23.46
C SER E 72 6.31 25.02 -21.96
N THR E 73 5.77 25.89 -21.08
CA THR E 73 5.67 25.63 -19.66
C THR E 73 4.63 24.53 -19.40
N GLU E 74 4.76 23.83 -18.26
CA GLU E 74 3.82 22.77 -17.89
C GLU E 74 2.44 23.37 -17.66
N ILE E 75 1.47 22.99 -18.49
CA ILE E 75 0.12 23.50 -18.42
C ILE E 75 -0.63 22.83 -17.29
N PRO E 76 -1.20 23.63 -16.37
CA PRO E 76 -2.00 23.04 -15.29
C PRO E 76 -3.45 22.78 -15.73
N GLU E 77 -4.19 22.00 -14.95
CA GLU E 77 -5.58 21.70 -15.23
C GLU E 77 -6.48 22.92 -15.06
N PHE E 78 -7.52 23.05 -15.90
CA PHE E 78 -8.49 24.13 -15.71
C PHE E 78 -9.51 23.58 -14.70
N PRO E 79 -9.61 24.18 -13.51
CA PRO E 79 -10.52 23.62 -12.48
C PRO E 79 -11.98 23.97 -12.68
N ILE E 80 -12.84 22.97 -12.51
CA ILE E 80 -14.30 23.14 -12.58
C ILE E 80 -15.01 22.41 -11.43
N ALA E 81 -15.65 23.16 -10.51
CA ALA E 81 -16.39 22.58 -9.39
C ALA E 81 -17.60 21.84 -9.94
N PRO E 82 -17.94 20.67 -9.37
CA PRO E 82 -19.08 19.91 -9.92
C PRO E 82 -20.37 20.73 -10.01
N GLU E 83 -20.54 21.68 -9.11
CA GLU E 83 -21.76 22.48 -9.01
C GLU E 83 -22.00 23.42 -10.21
N ILE E 84 -20.93 23.82 -10.88
CA ILE E 84 -21.04 24.75 -12.00
C ILE E 84 -20.84 24.12 -13.37
N ALA E 85 -20.41 22.85 -13.44
CA ALA E 85 -20.14 22.15 -14.69
C ALA E 85 -21.28 22.15 -15.72
N LEU E 86 -22.51 21.83 -15.32
CA LEU E 86 -23.62 21.75 -16.28
C LEU E 86 -23.89 23.10 -16.96
N GLU E 87 -23.92 24.18 -16.17
CA GLU E 87 -24.16 25.51 -16.70
C GLU E 87 -22.96 26.07 -17.47
N LEU E 88 -21.74 25.76 -17.00
CA LEU E 88 -20.54 26.24 -17.69
C LEU E 88 -20.42 25.56 -19.08
N LEU E 89 -20.92 24.29 -19.22
CA LEU E 89 -20.96 23.56 -20.49
C LEU E 89 -21.89 24.29 -21.45
N MET E 90 -23.07 24.73 -20.96
CA MET E 90 -24.05 25.48 -21.76
C MET E 90 -23.48 26.83 -22.20
N ALA E 91 -22.75 27.52 -21.31
CA ALA E 91 -22.15 28.80 -21.63
C ALA E 91 -21.05 28.65 -22.68
N ALA E 92 -20.10 27.69 -22.49
CA ALA E 92 -18.98 27.44 -23.39
C ALA E 92 -19.44 27.04 -24.79
N ASN E 93 -20.55 26.29 -24.88
CA ASN E 93 -21.07 25.87 -26.17
C ASN E 93 -21.51 27.09 -26.99
N PHE E 94 -22.25 28.01 -26.37
CA PHE E 94 -22.70 29.22 -27.05
C PHE E 94 -21.52 30.16 -27.35
N LEU E 95 -20.60 30.29 -26.38
CA LEU E 95 -19.46 31.19 -26.51
C LEU E 95 -18.40 30.76 -27.52
N ASP E 96 -18.36 29.50 -27.95
CA ASP E 96 -17.38 29.03 -28.95
C ASP E 96 -15.94 29.16 -28.44
N CYS E 97 -15.73 28.78 -27.19
CA CYS E 97 -14.41 28.79 -26.60
C CYS E 97 -14.08 27.45 -25.90
N VAL F 11 -1.65 3.91 -43.41
CA VAL F 11 -0.90 5.17 -43.35
C VAL F 11 -0.33 5.44 -41.94
N LEU F 12 -1.19 5.64 -40.93
CA LEU F 12 -0.72 5.85 -39.56
C LEU F 12 -0.30 4.54 -38.91
N ARG F 13 0.94 4.13 -39.14
CA ARG F 13 1.52 2.89 -38.61
C ARG F 13 3.03 3.05 -38.37
N SER F 14 3.63 2.16 -37.58
CA SER F 14 5.09 2.22 -37.35
C SER F 14 5.87 1.59 -38.49
N VAL F 15 7.10 2.06 -38.70
CA VAL F 15 7.97 1.46 -39.71
C VAL F 15 8.75 0.35 -39.01
N ASN F 16 8.88 -0.82 -39.64
CA ASN F 16 9.67 -1.91 -39.05
C ASN F 16 11.15 -1.64 -39.34
N SER F 17 11.71 -0.64 -38.67
CA SER F 17 13.08 -0.23 -38.90
C SER F 17 14.09 -1.17 -38.30
N ARG F 18 13.75 -1.77 -37.16
CA ARG F 18 14.66 -2.60 -36.37
C ARG F 18 15.90 -1.78 -35.89
N GLU F 19 15.75 -0.43 -35.84
CA GLU F 19 16.77 0.53 -35.40
C GLU F 19 16.44 0.98 -34.00
N PRO F 20 17.14 0.46 -32.98
CA PRO F 20 16.88 0.90 -31.60
C PRO F 20 16.95 2.41 -31.40
N SER F 21 16.06 2.94 -30.56
CA SER F 21 16.01 4.35 -30.22
C SER F 21 15.56 4.44 -28.77
N GLN F 22 16.40 4.99 -27.92
CA GLN F 22 16.10 5.13 -26.51
C GLN F 22 15.32 6.42 -26.25
N VAL F 23 14.23 6.30 -25.50
CA VAL F 23 13.31 7.41 -25.29
C VAL F 23 12.97 7.66 -23.81
N ILE F 24 12.76 8.93 -23.42
CA ILE F 24 12.30 9.24 -22.09
C ILE F 24 10.83 9.69 -22.24
N PHE F 25 9.89 8.91 -21.69
CA PHE F 25 8.50 9.31 -21.67
C PHE F 25 8.42 10.16 -20.39
N ASN F 27 6.05 12.53 -18.16
CA ASN F 27 4.69 13.00 -17.87
C ASN F 27 4.65 14.35 -17.14
N ARG F 28 4.56 15.45 -17.88
CA ARG F 28 4.45 16.78 -17.30
C ARG F 28 2.98 17.16 -17.34
N SER F 29 2.14 16.30 -16.78
CA SER F 29 0.70 16.50 -16.75
C SER F 29 0.13 15.96 -15.41
N PRO F 30 -1.09 16.37 -15.02
CA PRO F 30 -1.65 15.85 -13.75
C PRO F 30 -2.47 14.58 -13.96
N ARG F 31 -2.39 13.97 -15.18
CA ARG F 31 -3.11 12.77 -15.56
C ARG F 31 -2.22 11.55 -15.49
N VAL F 32 -2.87 10.40 -15.26
CA VAL F 32 -2.20 9.11 -15.37
C VAL F 32 -2.20 8.89 -16.87
N VAL F 33 -1.02 8.70 -17.45
CA VAL F 33 -0.86 8.61 -18.90
C VAL F 33 -0.80 7.17 -19.42
N LEU F 34 -1.52 6.92 -20.50
CA LEU F 34 -1.55 5.69 -21.26
C LEU F 34 -0.77 5.91 -22.55
N PRO F 35 0.46 5.39 -22.61
CA PRO F 35 1.21 5.46 -23.87
C PRO F 35 0.64 4.42 -24.84
N VAL F 36 0.49 4.80 -26.10
CA VAL F 36 -0.08 3.93 -27.12
C VAL F 36 0.87 3.80 -28.31
N TRP F 37 1.34 2.60 -28.59
CA TRP F 37 2.21 2.37 -29.74
C TRP F 37 1.36 1.89 -30.92
N LEU F 38 1.51 2.51 -32.13
CA LEU F 38 0.76 2.02 -33.29
C LEU F 38 1.60 0.92 -33.88
N ASN F 39 1.11 -0.34 -33.90
CA ASN F 39 1.90 -1.44 -34.44
C ASN F 39 2.09 -1.35 -35.98
N PHE F 40 2.79 -2.32 -36.59
CA PHE F 40 3.10 -2.35 -38.02
C PHE F 40 1.87 -2.39 -38.93
N ASP F 41 0.67 -2.72 -38.38
CA ASP F 41 -0.62 -2.71 -39.09
C ASP F 41 -1.43 -1.40 -38.84
N GLY F 42 -1.00 -0.60 -37.87
CA GLY F 42 -1.70 0.62 -37.50
C GLY F 42 -2.63 0.43 -36.30
N GLU F 43 -2.59 -0.74 -35.64
CA GLU F 43 -3.46 -0.99 -34.50
C GLU F 43 -2.86 -0.47 -33.18
N PRO F 44 -3.58 0.41 -32.47
CA PRO F 44 -3.06 0.91 -31.19
C PRO F 44 -2.82 -0.20 -30.17
N GLN F 45 -1.64 -0.19 -29.56
CA GLN F 45 -1.25 -1.17 -28.56
C GLN F 45 -0.91 -0.44 -27.26
N PRO F 46 -1.77 -0.54 -26.24
CA PRO F 46 -1.47 0.13 -24.96
C PRO F 46 -0.23 -0.39 -24.26
N TYR F 47 0.52 0.53 -23.63
CA TYR F 47 1.73 0.21 -22.89
C TYR F 47 1.54 0.54 -21.38
N PRO F 48 2.45 0.10 -20.47
CA PRO F 48 2.26 0.43 -19.05
C PRO F 48 1.99 1.90 -18.76
N THR F 49 1.08 2.18 -17.84
CA THR F 49 0.72 3.56 -17.52
C THR F 49 1.81 4.29 -16.74
N LEU F 50 1.78 5.63 -16.81
CA LEU F 50 2.74 6.49 -16.14
C LEU F 50 1.98 7.41 -15.19
N PRO F 51 2.22 7.31 -13.88
CA PRO F 51 1.58 8.27 -12.94
C PRO F 51 2.00 9.72 -13.25
N PRO F 52 1.23 10.72 -12.74
CA PRO F 52 1.62 12.13 -12.97
C PRO F 52 2.97 12.55 -12.40
N GLY F 53 3.69 13.39 -13.16
CA GLY F 53 5.00 13.91 -12.75
C GLY F 53 6.13 12.90 -12.81
N THR F 54 5.92 11.76 -13.46
CA THR F 54 6.94 10.72 -13.53
C THR F 54 7.55 10.55 -14.92
N GLY F 55 8.76 10.02 -14.95
CA GLY F 55 9.50 9.78 -16.18
C GLY F 55 9.96 8.35 -16.28
N ARG F 56 9.97 7.80 -17.49
CA ARG F 56 10.40 6.43 -17.73
C ARG F 56 11.33 6.37 -18.90
N ARG F 57 12.42 5.61 -18.76
CA ARG F 57 13.33 5.37 -19.86
C ARG F 57 12.81 4.10 -20.54
N ILE F 58 12.54 4.18 -21.84
CA ILE F 58 11.98 3.06 -22.57
C ILE F 58 12.75 2.78 -23.86
N HIS F 59 12.70 1.52 -24.34
CA HIS F 59 13.37 1.17 -25.59
C HIS F 59 12.36 1.12 -26.71
N SER F 60 12.52 2.02 -27.67
CA SER F 60 11.63 2.07 -28.83
C SER F 60 12.48 1.96 -30.11
N TYR F 61 11.92 2.25 -31.29
CA TYR F 61 12.66 2.15 -32.55
C TYR F 61 12.42 3.34 -33.45
N ARG F 62 13.37 3.63 -34.33
CA ARG F 62 13.26 4.74 -35.27
C ARG F 62 12.04 4.52 -36.21
N GLY F 63 11.22 5.54 -36.37
CA GLY F 63 10.05 5.46 -37.25
C GLY F 63 8.82 4.83 -36.65
N HIS F 64 8.85 4.54 -35.34
CA HIS F 64 7.68 3.97 -34.66
C HIS F 64 6.76 5.10 -34.21
N LEU F 65 5.44 4.89 -34.25
CA LEU F 65 4.51 5.96 -33.89
C LEU F 65 3.88 5.76 -32.54
N TRP F 66 3.81 6.82 -31.75
CA TRP F 66 3.25 6.79 -30.41
C TRP F 66 2.27 7.93 -30.19
N LEU F 67 1.29 7.70 -29.35
CA LEU F 67 0.36 8.74 -28.92
C LEU F 67 0.06 8.55 -27.44
N PHE F 68 -0.34 9.61 -26.74
CA PHE F 68 -0.49 9.54 -25.29
C PHE F 68 -1.84 10.01 -24.85
N ARG F 69 -2.48 9.26 -23.95
CA ARG F 69 -3.85 9.58 -23.53
C ARG F 69 -4.04 9.50 -22.03
N ASP F 70 -5.14 10.05 -21.51
CA ASP F 70 -5.50 9.86 -20.10
C ASP F 70 -5.92 8.37 -20.01
N ALA F 71 -5.23 7.58 -19.18
CA ALA F 71 -5.50 6.15 -19.07
C ALA F 71 -6.92 5.82 -18.58
N GLY F 72 -7.56 6.73 -17.88
CA GLY F 72 -8.90 6.49 -17.37
C GLY F 72 -10.03 6.89 -18.30
N THR F 73 -9.94 8.09 -18.86
CA THR F 73 -11.02 8.66 -19.66
C THR F 73 -10.78 8.69 -21.17
N HIS F 74 -9.54 8.41 -21.60
CA HIS F 74 -9.07 8.44 -22.99
C HIS F 74 -8.92 9.86 -23.57
N ASP F 75 -8.89 10.90 -22.71
CA ASP F 75 -8.68 12.28 -23.16
C ASP F 75 -7.35 12.41 -23.87
N GLY F 76 -7.33 13.18 -24.96
CA GLY F 76 -6.14 13.38 -25.74
C GLY F 76 -5.11 14.25 -25.05
N LEU F 77 -3.84 13.79 -25.06
CA LEU F 77 -2.74 14.56 -24.50
C LEU F 77 -1.79 14.91 -25.63
N LEU F 78 -0.89 15.88 -25.40
CA LEU F 78 0.09 16.26 -26.39
C LEU F 78 1.44 15.65 -26.00
N VAL F 79 2.32 15.41 -27.00
CA VAL F 79 3.67 14.95 -26.76
C VAL F 79 4.57 15.86 -27.62
N ASN F 80 5.49 16.61 -27.00
CA ASN F 80 6.33 17.58 -27.71
C ASN F 80 5.49 18.60 -28.54
N GLN F 81 4.35 19.03 -27.98
CA GLN F 81 3.42 20.02 -28.56
C GLN F 81 2.58 19.52 -29.73
N THR F 82 2.59 18.21 -30.02
CA THR F 82 1.81 17.72 -31.15
C THR F 82 1.09 16.37 -30.78
N GLU F 83 0.42 15.72 -31.74
CA GLU F 83 -0.36 14.52 -31.47
C GLU F 83 0.47 13.24 -31.42
N LEU F 84 1.39 13.08 -32.36
CA LEU F 84 2.16 11.84 -32.47
C LEU F 84 3.61 12.04 -32.18
N PHE F 85 4.22 11.01 -31.62
CA PHE F 85 5.66 11.01 -31.35
C PHE F 85 6.30 9.89 -32.16
N VAL F 86 7.38 10.25 -32.86
CA VAL F 86 8.15 9.33 -33.68
C VAL F 86 9.61 9.33 -33.16
N PRO F 87 10.08 8.25 -32.51
CA PRO F 87 11.48 8.22 -32.08
C PRO F 87 12.47 8.43 -33.22
N SER F 88 13.48 9.24 -32.99
CA SER F 88 14.51 9.51 -34.00
C SER F 88 15.87 8.89 -33.54
N LEU F 89 16.93 9.10 -34.30
CA LEU F 89 18.25 8.58 -33.95
C LEU F 89 18.80 9.23 -32.70
N ASN F 90 19.45 8.45 -31.83
CA ASN F 90 20.09 9.01 -30.63
C ASN F 90 21.46 9.51 -31.04
N VAL F 91 21.81 10.75 -30.72
CA VAL F 91 23.13 11.29 -31.06
C VAL F 91 23.99 11.44 -29.82
N ASP F 92 25.05 10.62 -29.74
CA ASP F 92 26.01 10.60 -28.62
C ASP F 92 25.35 10.14 -27.32
N GLY F 93 24.65 9.02 -27.39
CA GLY F 93 23.97 8.37 -26.27
C GLY F 93 22.90 9.18 -25.57
N GLN F 94 22.36 10.20 -26.27
CA GLN F 94 21.33 11.02 -25.68
C GLN F 94 20.02 10.39 -25.98
N PRO F 95 19.20 10.12 -24.96
CA PRO F 95 17.85 9.62 -25.23
C PRO F 95 16.97 10.76 -25.78
N ILE F 96 15.88 10.40 -26.46
CA ILE F 96 14.97 11.39 -27.05
C ILE F 96 13.86 11.65 -26.07
N PHE F 97 13.60 12.91 -25.74
CA PHE F 97 12.55 13.23 -24.79
C PHE F 97 11.21 13.36 -25.43
N ALA F 98 10.23 12.64 -24.87
CA ALA F 98 8.83 12.68 -25.30
C ALA F 98 8.10 13.36 -24.15
N ASN F 99 8.00 14.71 -24.22
CA ASN F 99 7.35 15.53 -23.19
C ASN F 99 5.84 15.51 -23.30
N ILE F 100 5.20 14.72 -22.44
CA ILE F 100 3.75 14.57 -22.44
C ILE F 100 3.11 15.70 -21.62
N THR F 101 2.24 16.52 -22.23
CA THR F 101 1.60 17.63 -21.52
C THR F 101 0.10 17.68 -21.81
N LEU F 102 -0.65 18.37 -20.93
CA LEU F 102 -2.07 18.61 -21.16
C LEU F 102 -2.15 19.63 -22.28
N PRO F 103 -3.04 19.42 -23.26
CA PRO F 103 -3.29 20.48 -24.24
C PRO F 103 -4.11 21.61 -23.58
N VAL F 104 -4.25 22.75 -24.27
CA VAL F 104 -5.13 23.81 -23.78
C VAL F 104 -6.46 23.36 -24.30
N TYR F 105 -7.21 22.53 -23.55
CA TYR F 105 -8.53 22.07 -23.99
C TYR F 105 -9.48 23.24 -24.17
N THR F 106 -10.50 23.11 -25.06
CA THR F 106 -11.54 24.15 -25.13
C THR F 106 -12.32 24.06 -23.79
N LEU F 107 -13.00 25.13 -23.41
CA LEU F 107 -13.81 25.13 -22.20
C LEU F 107 -14.91 24.08 -22.31
N LYS F 108 -15.49 23.94 -23.50
CA LYS F 108 -16.53 22.98 -23.80
C LYS F 108 -16.03 21.58 -23.56
N GLU F 109 -14.83 21.25 -24.06
CA GLU F 109 -14.27 19.92 -23.86
C GLU F 109 -14.01 19.64 -22.40
N ARG F 110 -13.43 20.61 -21.72
CA ARG F 110 -13.09 20.50 -20.31
C ARG F 110 -14.34 20.28 -19.45
N CYS F 111 -15.44 20.98 -19.79
CA CYS F 111 -16.73 20.87 -19.14
C CYS F 111 -17.31 19.47 -19.35
N LEU F 112 -17.22 18.92 -20.58
CA LEU F 112 -17.69 17.58 -20.92
C LEU F 112 -16.93 16.56 -20.07
N GLN F 113 -15.61 16.73 -19.95
CA GLN F 113 -14.75 15.87 -19.14
C GLN F 113 -15.23 15.81 -17.69
N VAL F 114 -15.53 16.97 -17.08
CA VAL F 114 -16.01 17.06 -15.70
C VAL F 114 -17.38 16.36 -15.53
N VAL F 115 -18.37 16.65 -16.41
CA VAL F 115 -19.70 16.04 -16.36
C VAL F 115 -19.61 14.52 -16.54
N ARG F 116 -18.79 14.04 -17.49
CA ARG F 116 -18.59 12.60 -17.68
C ARG F 116 -18.01 11.96 -16.42
N SER F 117 -17.12 12.66 -15.72
CA SER F 117 -16.52 12.14 -14.50
C SER F 117 -17.49 12.05 -13.32
N LEU F 118 -18.66 12.69 -13.40
CA LEU F 118 -19.61 12.70 -12.29
C LEU F 118 -20.91 11.96 -12.59
N VAL F 119 -21.24 11.77 -13.86
CA VAL F 119 -22.50 11.13 -14.23
C VAL F 119 -22.24 9.78 -14.84
N LYS F 120 -22.93 8.74 -14.36
CA LYS F 120 -22.81 7.40 -14.93
C LYS F 120 -23.42 7.43 -16.33
N PRO F 121 -22.78 6.82 -17.34
CA PRO F 121 -23.31 6.89 -18.71
C PRO F 121 -24.81 6.59 -18.90
N GLU F 122 -25.42 5.77 -18.03
CA GLU F 122 -26.85 5.47 -18.12
C GLU F 122 -27.71 6.70 -17.79
N ASN F 123 -27.18 7.61 -16.95
CA ASN F 123 -27.94 8.78 -16.50
C ASN F 123 -27.71 10.08 -17.29
N TYR F 124 -26.97 10.03 -18.42
CA TYR F 124 -26.75 11.22 -19.25
C TYR F 124 -28.08 11.79 -19.75
N ARG F 125 -29.08 10.94 -20.00
CA ARG F 125 -30.37 11.39 -20.49
C ARG F 125 -31.21 12.07 -19.40
N ARG F 126 -30.98 11.70 -18.12
CA ARG F 126 -31.69 12.35 -17.00
C ARG F 126 -31.11 13.74 -16.64
N LEU F 127 -30.09 14.22 -17.38
CA LEU F 127 -29.51 15.54 -17.16
C LEU F 127 -30.42 16.56 -17.85
N ASP F 128 -30.64 17.72 -17.22
CA ASP F 128 -31.48 18.75 -17.83
C ASP F 128 -30.65 19.63 -18.78
N ILE F 129 -30.45 19.13 -20.02
CA ILE F 129 -29.66 19.80 -21.05
C ILE F 129 -30.23 19.54 -22.47
N VAL F 130 -29.86 20.39 -23.42
CA VAL F 130 -30.25 20.28 -24.83
C VAL F 130 -29.69 18.97 -25.47
N ARG F 131 -30.39 18.46 -26.50
CA ARG F 131 -30.06 17.22 -27.21
C ARG F 131 -28.65 17.15 -27.81
N SER F 132 -28.16 18.26 -28.40
CA SER F 132 -26.83 18.26 -29.01
C SER F 132 -25.73 18.04 -27.97
N LEU F 133 -25.86 18.64 -26.78
CA LEU F 133 -24.89 18.46 -25.70
C LEU F 133 -24.93 17.05 -25.13
N TYR F 134 -26.12 16.42 -25.11
CA TYR F 134 -26.29 15.02 -24.68
C TYR F 134 -25.45 14.10 -25.59
N GLU F 135 -25.47 14.38 -26.89
CA GLU F 135 -24.69 13.64 -27.88
C GLU F 135 -23.19 13.88 -27.72
N ASP F 136 -22.79 15.12 -27.35
CA ASP F 136 -21.37 15.45 -27.14
C ASP F 136 -20.81 14.67 -25.94
N LEU F 137 -21.64 14.45 -24.90
CA LEU F 137 -21.31 13.69 -23.69
C LEU F 137 -21.12 12.20 -23.99
N GLU F 138 -21.98 11.64 -24.84
CA GLU F 138 -21.91 10.23 -25.20
C GLU F 138 -20.75 9.92 -26.13
N ASP F 139 -20.29 10.91 -26.90
CA ASP F 139 -19.19 10.79 -27.85
C ASP F 139 -17.87 10.85 -27.05
N HIS F 140 -17.57 9.76 -26.34
CA HIS F 140 -16.38 9.67 -25.49
C HIS F 140 -15.08 9.76 -26.27
N PRO F 141 -14.05 10.43 -25.72
CA PRO F 141 -12.72 10.43 -26.38
C PRO F 141 -12.27 9.00 -26.77
N ASN F 142 -11.87 8.83 -28.02
CA ASN F 142 -11.60 7.53 -28.58
C ASN F 142 -10.37 7.55 -29.50
N VAL F 143 -9.38 6.73 -29.20
CA VAL F 143 -8.15 6.62 -29.98
C VAL F 143 -8.41 6.25 -31.45
N GLN F 144 -9.28 5.25 -31.73
CA GLN F 144 -9.54 4.85 -33.11
C GLN F 144 -10.20 6.00 -33.88
N LYS F 145 -11.17 6.71 -33.26
CA LYS F 145 -11.81 7.87 -33.89
C LYS F 145 -10.76 8.93 -34.23
N ASP F 146 -9.81 9.17 -33.32
CA ASP F 146 -8.74 10.14 -33.54
C ASP F 146 -7.78 9.75 -34.66
N LEU F 147 -7.46 8.47 -34.79
CA LEU F 147 -6.61 8.00 -35.89
C LEU F 147 -7.33 8.21 -37.24
N GLU F 148 -8.67 8.07 -37.28
CA GLU F 148 -9.45 8.32 -38.49
C GLU F 148 -9.43 9.82 -38.81
N ARG F 149 -9.60 10.67 -37.79
CA ARG F 149 -9.58 12.14 -37.94
C ARG F 149 -8.20 12.61 -38.45
N LEU F 150 -7.10 12.18 -37.82
CA LEU F 150 -5.76 12.56 -38.25
C LEU F 150 -5.48 12.16 -39.70
N THR F 151 -5.98 10.97 -40.11
CA THR F 151 -5.86 10.43 -41.47
C THR F 151 -6.63 11.31 -42.47
N GLN F 152 -7.89 11.66 -42.15
CA GLN F 152 -8.76 12.48 -42.98
C GLN F 152 -8.27 13.92 -43.14
N GLU F 153 -7.77 14.53 -42.05
CA GLU F 153 -7.24 15.89 -42.07
C GLU F 153 -5.97 16.00 -42.93
N ARG F 154 -5.14 14.94 -42.93
CA ARG F 154 -3.94 14.91 -43.74
C ARG F 154 -4.32 14.84 -45.25
N ILE F 155 -5.39 14.09 -45.57
CA ILE F 155 -5.90 13.95 -46.94
C ILE F 155 -6.52 15.28 -47.42
N ALA F 156 -7.20 16.01 -46.51
CA ALA F 156 -7.85 17.29 -46.81
C ALA F 156 -6.85 18.37 -47.28
N HIS F 157 -5.61 18.30 -46.79
CA HIS F 157 -4.56 19.25 -47.16
C HIS F 157 -3.73 18.79 -48.37
N MET G 1 47.76 13.50 -2.83
CA MET G 1 46.74 12.50 -2.51
C MET G 1 45.40 13.20 -2.36
N ASP G 2 44.40 12.78 -3.13
CA ASP G 2 43.11 13.43 -3.13
C ASP G 2 42.18 13.02 -2.02
N VAL G 3 41.33 13.98 -1.61
CA VAL G 3 40.27 13.81 -0.65
C VAL G 3 38.98 14.21 -1.36
N PHE G 4 37.92 13.47 -1.11
CA PHE G 4 36.65 13.70 -1.80
C PHE G 4 35.67 14.23 -0.78
N LEU G 5 35.12 15.41 -1.05
CA LEU G 5 34.31 16.15 -0.08
C LEU G 5 32.91 16.52 -0.55
N MET G 6 32.07 16.89 0.44
CA MET G 6 30.70 17.38 0.31
C MET G 6 30.69 18.65 1.16
N ILE G 7 30.61 19.82 0.52
CA ILE G 7 30.61 21.07 1.22
C ILE G 7 29.16 21.44 1.39
N ARG G 8 28.68 21.40 2.64
CA ARG G 8 27.29 21.53 2.93
C ARG G 8 26.88 22.75 3.75
N ARG G 9 25.78 23.38 3.34
CA ARG G 9 25.20 24.54 3.99
C ARG G 9 23.71 24.54 3.66
N HIS G 10 22.83 24.50 4.69
CA HIS G 10 21.38 24.50 4.50
C HIS G 10 20.97 23.32 3.59
N LYS G 11 20.31 23.57 2.44
CA LYS G 11 19.94 22.55 1.50
C LYS G 11 20.91 22.48 0.31
N THR G 12 22.13 23.04 0.44
CA THR G 12 23.12 23.02 -0.63
C THR G 12 24.29 22.07 -0.33
N THR G 13 24.65 21.20 -1.29
CA THR G 13 25.77 20.29 -1.16
C THR G 13 26.64 20.38 -2.40
N ILE G 14 27.91 20.77 -2.25
CA ILE G 14 28.86 20.84 -3.36
C ILE G 14 29.75 19.60 -3.35
N PHE G 15 29.82 18.86 -4.45
CA PHE G 15 30.70 17.70 -4.55
C PHE G 15 31.99 18.15 -5.23
N THR G 16 33.14 17.98 -4.56
CA THR G 16 34.44 18.34 -5.12
C THR G 16 35.60 17.54 -4.49
N ASP G 17 36.75 17.53 -5.14
CA ASP G 17 37.95 16.92 -4.60
C ASP G 17 39.02 17.97 -4.37
N ALA G 18 40.00 17.66 -3.53
CA ALA G 18 41.12 18.56 -3.26
C ALA G 18 42.31 17.74 -2.78
N LYS G 19 43.53 18.28 -2.84
CA LYS G 19 44.69 17.56 -2.34
C LYS G 19 44.66 17.60 -0.81
N GLU G 20 45.22 16.59 -0.15
CA GLU G 20 45.35 16.57 1.30
C GLU G 20 46.24 17.76 1.78
N SER G 21 47.23 18.16 0.94
CA SER G 21 48.16 19.26 1.19
C SER G 21 47.57 20.65 0.92
N SER G 22 46.41 20.73 0.27
CA SER G 22 45.75 22.03 0.02
C SER G 22 45.24 22.62 1.33
N THR G 23 45.18 23.95 1.42
CA THR G 23 44.78 24.62 2.66
C THR G 23 43.27 24.85 2.78
N VAL G 24 42.80 25.23 3.97
CA VAL G 24 41.42 25.61 4.21
C VAL G 24 41.11 26.87 3.39
N PHE G 25 42.08 27.81 3.29
CA PHE G 25 41.93 29.01 2.46
C PHE G 25 41.75 28.63 1.01
N GLU G 26 42.52 27.62 0.52
CA GLU G 26 42.39 27.15 -0.85
C GLU G 26 41.03 26.54 -1.12
N LEU G 27 40.44 25.85 -0.13
CA LEU G 27 39.10 25.26 -0.25
C LEU G 27 38.01 26.34 -0.29
N LYS G 28 38.24 27.50 0.40
CA LYS G 28 37.34 28.65 0.37
C LYS G 28 37.36 29.33 -1.01
N ARG G 29 38.51 29.29 -1.72
CA ARG G 29 38.59 29.87 -3.07
C ARG G 29 37.77 29.04 -4.06
N ILE G 30 37.67 27.71 -3.84
CA ILE G 30 36.87 26.80 -4.63
C ILE G 30 35.39 27.14 -4.44
N VAL G 31 34.97 27.43 -3.20
CA VAL G 31 33.60 27.84 -2.89
C VAL G 31 33.30 29.20 -3.54
N GLU G 32 34.27 30.13 -3.54
CA GLU G 32 34.12 31.44 -4.19
C GLU G 32 33.75 31.31 -5.68
N GLY G 33 34.39 30.38 -6.37
CA GLY G 33 34.12 30.16 -7.78
C GLY G 33 32.74 29.55 -8.05
N ILE G 34 32.19 28.82 -7.07
CA ILE G 34 30.88 28.17 -7.20
C ILE G 34 29.69 29.02 -6.64
N LEU G 35 29.70 29.34 -5.34
CA LEU G 35 28.62 30.04 -4.65
C LEU G 35 28.76 31.57 -4.61
N LYS G 36 29.78 32.11 -5.29
CA LYS G 36 30.05 33.54 -5.45
C LYS G 36 30.21 34.32 -4.16
N ARG G 37 30.81 33.70 -3.13
CA ARG G 37 31.05 34.39 -1.87
C ARG G 37 32.55 34.40 -1.59
N PRO G 38 33.13 35.58 -1.34
CA PRO G 38 34.58 35.62 -1.06
C PRO G 38 34.99 34.88 0.22
N PRO G 39 36.24 34.40 0.29
CA PRO G 39 36.68 33.66 1.49
C PRO G 39 36.47 34.32 2.85
N ASP G 40 36.42 35.67 2.90
CA ASP G 40 36.19 36.36 4.17
C ASP G 40 34.73 36.26 4.66
N GLU G 41 33.78 35.98 3.73
CA GLU G 41 32.37 35.78 4.06
C GLU G 41 32.05 34.29 4.18
N GLN G 42 33.04 33.48 4.64
CA GLN G 42 32.88 32.04 4.75
C GLN G 42 33.57 31.50 5.97
N ARG G 43 32.89 30.58 6.66
CA ARG G 43 33.45 29.85 7.79
C ARG G 43 33.33 28.35 7.43
N LEU G 44 34.47 27.63 7.37
CA LEU G 44 34.45 26.20 7.08
C LEU G 44 34.58 25.41 8.38
N TYR G 45 33.83 24.31 8.48
CA TYR G 45 33.77 23.49 9.68
C TYR G 45 34.01 22.01 9.43
N LYS G 46 34.54 21.30 10.42
CA LYS G 46 34.59 19.85 10.40
C LYS G 46 33.81 19.51 11.64
N ASP G 47 32.57 18.99 11.46
CA ASP G 47 31.63 18.74 12.57
C ASP G 47 31.26 20.13 13.15
N ASP G 48 31.47 20.39 14.46
CA ASP G 48 31.16 21.69 15.04
C ASP G 48 32.41 22.56 15.23
N GLN G 49 33.53 22.23 14.55
CA GLN G 49 34.77 22.96 14.74
C GLN G 49 35.12 23.88 13.61
N LEU G 50 35.49 25.13 13.93
CA LEU G 50 35.92 26.08 12.94
C LEU G 50 37.34 25.75 12.47
N LEU G 51 37.52 25.70 11.14
CA LEU G 51 38.82 25.38 10.53
C LEU G 51 39.61 26.65 10.17
N ASP G 52 40.89 26.69 10.55
CA ASP G 52 41.77 27.84 10.25
C ASP G 52 42.30 27.74 8.83
N ASP G 53 42.30 28.87 8.13
CA ASP G 53 42.75 29.07 6.75
C ASP G 53 44.15 28.51 6.42
N GLY G 54 45.10 28.60 7.33
CA GLY G 54 46.46 28.11 7.08
C GLY G 54 46.68 26.62 7.28
N LYS G 55 45.66 25.91 7.78
CA LYS G 55 45.78 24.48 8.02
C LYS G 55 45.49 23.69 6.76
N THR G 56 46.24 22.60 6.55
CA THR G 56 45.99 21.74 5.41
C THR G 56 44.71 20.93 5.70
N LEU G 57 44.13 20.36 4.65
CA LEU G 57 42.95 19.53 4.79
C LEU G 57 43.25 18.29 5.63
N GLY G 58 44.43 17.71 5.43
CA GLY G 58 44.89 16.54 6.17
C GLY G 58 45.06 16.83 7.65
N GLU G 59 45.58 18.05 7.96
CA GLU G 59 45.71 18.51 9.34
C GLU G 59 44.32 18.72 9.98
N CYS G 60 43.30 19.06 9.16
CA CYS G 60 41.91 19.23 9.59
C CYS G 60 41.11 17.92 9.67
N GLY G 61 41.76 16.77 9.50
CA GLY G 61 41.08 15.49 9.58
C GLY G 61 40.50 14.96 8.28
N PHE G 62 40.79 15.64 7.15
CA PHE G 62 40.31 15.18 5.85
C PHE G 62 41.45 14.44 5.20
N THR G 63 41.39 13.11 5.24
CA THR G 63 42.45 12.25 4.70
C THR G 63 41.87 11.34 3.62
N SER G 64 42.73 10.74 2.79
CA SER G 64 42.27 9.83 1.75
C SER G 64 41.54 8.62 2.32
N GLN G 65 41.90 8.22 3.55
CA GLN G 65 41.25 7.09 4.21
C GLN G 65 39.82 7.42 4.66
N THR G 66 39.48 8.69 4.88
CA THR G 66 38.14 9.07 5.36
C THR G 66 37.35 9.98 4.45
N ALA G 67 37.89 10.34 3.30
CA ALA G 67 37.24 11.22 2.36
C ALA G 67 37.35 10.52 1.01
N ARG G 68 36.52 9.49 0.81
CA ARG G 68 36.58 8.65 -0.37
C ARG G 68 35.56 9.05 -1.45
N PRO G 69 35.80 8.66 -2.73
CA PRO G 69 34.84 9.00 -3.80
C PRO G 69 33.39 8.56 -3.52
N GLN G 70 33.23 7.31 -3.10
CA GLN G 70 31.95 6.71 -2.79
C GLN G 70 31.41 7.06 -1.39
N ALA G 71 32.18 7.76 -0.57
CA ALA G 71 31.80 8.08 0.81
C ALA G 71 32.57 9.34 1.21
N PRO G 72 32.20 10.51 0.62
CA PRO G 72 32.96 11.72 0.90
C PRO G 72 32.79 12.30 2.29
N ALA G 73 33.81 13.04 2.74
CA ALA G 73 33.80 13.68 4.05
C ALA G 73 33.02 15.01 3.97
N THR G 74 32.25 15.34 5.00
CA THR G 74 31.46 16.58 4.98
C THR G 74 32.20 17.79 5.58
N VAL G 75 32.23 18.89 4.82
CA VAL G 75 32.78 20.17 5.23
C VAL G 75 31.60 21.11 5.42
N GLY G 76 31.39 21.60 6.63
CA GLY G 76 30.31 22.52 6.92
C GLY G 76 30.63 23.92 6.43
N LEU G 77 29.62 24.66 5.99
CA LEU G 77 29.81 26.01 5.50
C LEU G 77 28.76 26.94 6.10
N ALA G 78 29.19 28.12 6.55
CA ALA G 78 28.32 29.16 7.09
C ALA G 78 28.70 30.45 6.39
N PHE G 79 27.71 31.20 5.93
CA PHE G 79 27.96 32.47 5.25
C PHE G 79 27.86 33.67 6.18
N ARG G 80 28.46 34.82 5.80
CA ARG G 80 28.45 36.04 6.63
C ARG G 80 27.25 36.95 6.36
N ASP G 82 27.77 40.53 5.14
CA ASP G 82 26.97 41.25 6.17
C ASP G 82 27.75 41.36 7.50
N ASP G 83 27.21 42.10 8.50
CA ASP G 83 27.88 42.28 9.78
C ASP G 83 28.42 40.97 10.43
N THR G 84 27.53 40.03 10.82
CA THR G 84 27.97 38.82 11.51
C THR G 84 27.66 37.54 10.74
N PHE G 85 28.32 36.44 11.13
CA PHE G 85 28.12 35.14 10.49
C PHE G 85 26.87 34.46 11.05
N GLU G 86 26.31 33.54 10.27
CA GLU G 86 25.13 32.79 10.69
C GLU G 86 25.52 31.49 11.43
N ALA G 87 24.56 30.88 12.13
CA ALA G 87 24.79 29.62 12.82
C ALA G 87 24.93 28.50 11.77
N LEU G 88 25.88 27.56 11.97
CA LEU G 88 26.09 26.45 11.06
C LEU G 88 24.87 25.55 11.12
N CYS G 89 24.22 25.35 9.99
CA CYS G 89 23.03 24.51 9.91
C CYS G 89 23.06 23.76 8.62
N ILE G 90 23.02 22.44 8.70
CA ILE G 90 23.03 21.60 7.54
C ILE G 90 21.72 20.83 7.54
N GLU G 91 20.83 21.16 6.60
CA GLU G 91 19.53 20.50 6.48
C GLU G 91 19.77 19.05 6.07
N PRO G 92 19.21 18.11 6.82
CA PRO G 92 19.46 16.69 6.52
C PRO G 92 18.79 16.19 5.25
N PHE G 93 19.28 15.08 4.73
CA PHE G 93 18.66 14.45 3.56
C PHE G 93 17.35 13.76 3.98
N SER G 94 16.52 13.37 3.02
CA SER G 94 15.26 12.68 3.27
C SER G 94 15.45 11.30 3.92
N SER G 95 14.38 10.72 4.46
CA SER G 95 14.45 9.44 5.13
C SER G 95 14.09 8.29 4.20
N PRO G 96 14.92 7.24 4.17
CA PRO G 96 14.54 6.05 3.39
C PRO G 96 13.32 5.36 4.04
N PRO G 97 12.47 4.67 3.26
CA PRO G 97 11.31 3.99 3.86
C PRO G 97 11.70 2.70 4.60
N GLU G 98 10.72 2.04 5.24
CA GLU G 98 10.98 0.77 5.92
C GLU G 98 10.99 -0.37 4.88
N LEU G 99 11.89 -1.35 5.05
CA LEU G 99 12.03 -2.50 4.14
C LEU G 99 10.76 -3.32 3.98
N PRO G 100 10.46 -3.75 2.75
CA PRO G 100 9.26 -4.58 2.54
C PRO G 100 9.42 -6.01 3.09
N ASP G 101 8.35 -6.82 2.98
CA ASP G 101 8.40 -8.20 3.44
C ASP G 101 9.46 -9.00 2.67
N VAL G 102 9.41 -8.95 1.33
CA VAL G 102 10.36 -9.63 0.44
C VAL G 102 11.84 -9.24 0.65
N MET G 103 12.13 -8.15 1.40
CA MET G 103 13.51 -7.75 1.66
C MET G 103 13.94 -8.14 3.07
N MET H 1 36.36 25.49 -14.73
CA MET H 1 35.76 24.26 -14.25
C MET H 1 34.24 24.41 -14.28
N MET H 2 33.57 23.62 -15.11
CA MET H 2 32.12 23.72 -15.25
C MET H 2 31.36 22.97 -14.17
N TYR H 3 30.29 23.58 -13.64
CA TYR H 3 29.48 22.96 -12.62
C TYR H 3 28.01 23.01 -12.99
N VAL H 4 27.27 21.96 -12.64
CA VAL H 4 25.83 21.88 -12.84
C VAL H 4 25.11 21.70 -11.47
N LYS H 5 23.81 22.01 -11.41
CA LYS H 5 23.05 21.86 -10.17
C LYS H 5 21.96 20.82 -10.36
N LEU H 6 21.86 19.84 -9.47
CA LEU H 6 20.86 18.79 -9.57
C LEU H 6 19.97 18.87 -8.34
N ILE H 7 18.70 19.17 -8.55
CA ILE H 7 17.76 19.39 -7.45
C ILE H 7 16.85 18.19 -7.24
N SER H 8 16.71 17.76 -5.98
CA SER H 8 15.89 16.61 -5.64
C SER H 8 14.42 17.00 -5.46
N SER H 9 13.52 16.00 -5.36
CA SER H 9 12.08 16.22 -5.16
C SER H 9 11.79 17.05 -3.92
N ASP H 10 12.64 16.95 -2.90
CA ASP H 10 12.49 17.71 -1.67
C ASP H 10 13.30 19.02 -1.63
N GLY H 11 13.76 19.53 -2.77
CA GLY H 11 14.47 20.80 -2.81
C GLY H 11 15.96 20.91 -2.46
N HIS H 12 16.67 19.79 -2.19
CA HIS H 12 18.11 19.85 -1.91
C HIS H 12 18.84 20.09 -3.26
N GLU H 13 19.85 20.96 -3.28
CA GLU H 13 20.61 21.29 -4.48
C GLU H 13 22.00 20.66 -4.40
N PHE H 14 22.35 19.86 -5.40
CA PHE H 14 23.64 19.19 -5.47
C PHE H 14 24.47 19.74 -6.62
N ILE H 15 25.61 20.36 -6.29
CA ILE H 15 26.47 20.96 -7.28
C ILE H 15 27.63 20.06 -7.65
N VAL H 16 27.57 19.45 -8.84
CA VAL H 16 28.63 18.54 -9.27
C VAL H 16 29.35 19.05 -10.50
N LYS H 17 30.57 18.52 -10.76
CA LYS H 17 31.37 18.82 -11.94
C LYS H 17 30.52 18.40 -13.19
N ARG H 18 30.45 19.26 -14.22
CA ARG H 18 29.64 18.99 -15.42
C ARG H 18 29.95 17.64 -16.06
N GLU H 19 31.25 17.30 -16.22
CA GLU H 19 31.68 16.03 -16.77
C GLU H 19 31.17 14.84 -15.94
N HIS H 20 31.05 15.02 -14.63
CA HIS H 20 30.53 13.98 -13.73
C HIS H 20 29.06 13.75 -13.99
N ALA H 21 28.28 14.82 -14.11
CA ALA H 21 26.85 14.69 -14.39
C ALA H 21 26.60 14.07 -15.75
N LEU H 22 27.48 14.36 -16.74
CA LEU H 22 27.39 13.85 -18.10
C LEU H 22 27.59 12.34 -18.19
N THR H 23 27.94 11.65 -17.06
CA THR H 23 27.95 10.18 -16.96
C THR H 23 26.53 9.67 -17.36
N SER H 24 25.49 10.40 -16.94
CA SER H 24 24.11 10.09 -17.25
C SER H 24 23.69 10.68 -18.59
N GLY H 25 23.28 9.83 -19.53
CA GLY H 25 22.78 10.28 -20.82
C GLY H 25 21.48 11.05 -20.67
N THR H 26 20.63 10.63 -19.69
CA THR H 26 19.39 11.34 -19.39
C THR H 26 19.68 12.77 -18.97
N ILE H 27 20.68 13.00 -18.10
CA ILE H 27 21.08 14.35 -17.67
C ILE H 27 21.69 15.16 -18.84
N LYS H 28 22.42 14.50 -19.75
CA LYS H 28 22.97 15.14 -20.95
C LYS H 28 21.84 15.70 -21.83
N ALA H 29 20.72 14.96 -21.96
CA ALA H 29 19.58 15.44 -22.75
C ALA H 29 18.79 16.51 -21.99
N MET H 30 18.77 16.45 -20.66
CA MET H 30 18.11 17.46 -19.85
C MET H 30 18.90 18.80 -19.82
N LEU H 31 20.21 18.74 -20.05
CA LEU H 31 21.03 19.94 -20.13
C LEU H 31 20.97 20.42 -21.58
N SER H 32 21.16 19.50 -22.55
CA SER H 32 21.13 19.76 -24.00
C SER H 32 19.81 19.30 -24.62
N GLU H 41 16.28 26.90 -14.90
CA GLU H 41 17.45 27.69 -15.29
C GLU H 41 18.53 26.84 -15.99
N THR H 42 19.50 27.51 -16.65
CA THR H 42 20.57 26.83 -17.37
C THR H 42 21.54 26.16 -16.41
N ASN H 43 22.06 24.99 -16.83
CA ASN H 43 22.98 24.17 -16.03
C ASN H 43 22.34 23.75 -14.71
N GLU H 44 21.02 23.57 -14.70
CA GLU H 44 20.21 23.19 -13.54
C GLU H 44 19.20 22.15 -13.99
N VAL H 45 19.06 21.05 -13.23
CA VAL H 45 18.07 20.03 -13.55
C VAL H 45 17.25 19.72 -12.29
N ASN H 46 15.92 19.71 -12.40
CA ASN H 46 15.07 19.36 -11.26
C ASN H 46 14.58 17.92 -11.41
N PHE H 47 14.57 17.16 -10.32
CA PHE H 47 14.15 15.76 -10.34
C PHE H 47 13.00 15.56 -9.35
N ARG H 48 11.77 15.68 -9.82
CA ARG H 48 10.59 15.54 -8.95
C ARG H 48 10.35 14.11 -8.42
N GLU H 49 11.04 13.12 -8.97
CA GLU H 49 10.87 11.72 -8.56
C GLU H 49 11.98 11.20 -7.68
N ILE H 50 13.13 11.87 -7.67
CA ILE H 50 14.30 11.39 -6.93
C ILE H 50 14.59 12.23 -5.68
N PRO H 51 14.27 11.71 -4.48
CA PRO H 51 14.55 12.46 -3.23
C PRO H 51 16.05 12.62 -2.93
N SER H 52 16.39 13.49 -1.96
CA SER H 52 17.78 13.81 -1.62
C SER H 52 18.60 12.65 -1.11
N HIS H 53 17.98 11.72 -0.38
CA HIS H 53 18.74 10.55 0.09
C HIS H 53 19.16 9.62 -1.06
N VAL H 54 18.51 9.73 -2.23
CA VAL H 54 18.81 8.96 -3.42
C VAL H 54 19.73 9.77 -4.30
N LEU H 55 19.40 11.05 -4.56
CA LEU H 55 20.24 11.91 -5.40
C LEU H 55 21.65 12.12 -4.84
N SER H 56 21.81 12.16 -3.52
CA SER H 56 23.15 12.28 -2.92
C SER H 56 24.03 11.07 -3.32
N LYS H 57 23.48 9.85 -3.25
CA LYS H 57 24.19 8.64 -3.63
C LYS H 57 24.50 8.60 -5.12
N VAL H 58 23.65 9.18 -5.97
CA VAL H 58 23.89 9.23 -7.42
C VAL H 58 25.15 10.07 -7.69
N CYS H 59 25.27 11.21 -6.99
CA CYS H 59 26.41 12.13 -7.11
C CYS H 59 27.71 11.51 -6.61
N MET H 60 27.63 10.63 -5.60
CA MET H 60 28.76 9.87 -5.06
C MET H 60 29.16 8.79 -6.07
N TYR H 61 28.17 8.17 -6.74
CA TYR H 61 28.44 7.21 -7.78
C TYR H 61 29.16 7.90 -8.95
N PHE H 62 28.72 9.09 -9.40
CA PHE H 62 29.42 9.83 -10.46
C PHE H 62 30.88 10.06 -10.09
N THR H 63 31.17 10.45 -8.83
CA THR H 63 32.53 10.67 -8.35
C THR H 63 33.34 9.35 -8.40
N TYR H 64 32.77 8.26 -7.86
CA TYR H 64 33.32 6.91 -7.81
C TYR H 64 33.64 6.41 -9.24
N LYS H 65 32.71 6.58 -10.18
CA LYS H 65 32.87 6.15 -11.56
C LYS H 65 33.96 6.95 -12.27
N VAL H 66 33.95 8.28 -12.15
CA VAL H 66 34.99 9.09 -12.80
C VAL H 66 36.39 8.88 -12.15
N ARG H 67 36.43 8.44 -10.88
CA ARG H 67 37.69 8.15 -10.19
C ARG H 67 38.24 6.77 -10.53
N TYR H 68 37.41 5.74 -10.54
CA TYR H 68 37.90 4.38 -10.73
C TYR H 68 37.79 3.78 -12.12
N THR H 69 37.14 4.46 -13.08
CA THR H 69 37.06 3.90 -14.44
C THR H 69 38.44 3.95 -15.08
N ASN H 70 38.87 2.83 -15.68
CA ASN H 70 40.19 2.70 -16.30
C ASN H 70 41.33 2.74 -15.30
N SER H 71 41.09 2.34 -14.05
CA SER H 71 42.13 2.35 -13.04
C SER H 71 42.79 0.99 -12.88
N SER H 72 44.13 0.95 -12.79
CA SER H 72 44.84 -0.31 -12.55
C SER H 72 45.12 -0.50 -11.04
N THR H 73 44.22 0.01 -10.19
CA THR H 73 44.33 -0.09 -8.74
C THR H 73 43.20 -1.00 -8.18
N GLU H 74 43.23 -1.34 -6.88
CA GLU H 74 42.18 -2.13 -6.27
C GLU H 74 40.98 -1.22 -6.13
N ILE H 75 39.88 -1.62 -6.73
CA ILE H 75 38.66 -0.85 -6.74
C ILE H 75 37.78 -1.27 -5.59
N PRO H 76 37.35 -0.30 -4.76
CA PRO H 76 36.45 -0.64 -3.65
C PRO H 76 35.04 -0.90 -4.16
N GLU H 77 34.25 -1.63 -3.37
CA GLU H 77 32.86 -1.89 -3.70
C GLU H 77 32.08 -0.60 -3.51
N PHE H 78 31.14 -0.32 -4.42
CA PHE H 78 30.27 0.83 -4.26
C PHE H 78 29.23 0.40 -3.22
N PRO H 79 29.11 1.13 -2.09
CA PRO H 79 28.16 0.72 -1.06
C PRO H 79 26.74 1.18 -1.32
N ILE H 80 25.75 0.31 -1.09
CA ILE H 80 24.35 0.70 -1.22
C ILE H 80 23.61 0.17 -0.01
N ALA H 81 23.12 1.04 0.89
CA ALA H 81 22.38 0.59 2.07
C ALA H 81 21.10 -0.13 1.63
N PRO H 82 20.80 -1.30 2.21
CA PRO H 82 19.61 -2.05 1.77
C PRO H 82 18.30 -1.26 1.72
N GLU H 83 18.20 -0.23 2.58
CA GLU H 83 17.02 0.64 2.69
C GLU H 83 16.78 1.54 1.48
N ILE H 84 17.83 1.85 0.70
CA ILE H 84 17.67 2.72 -0.47
C ILE H 84 17.80 1.99 -1.81
N ALA H 85 18.19 0.71 -1.81
CA ALA H 85 18.36 -0.10 -3.00
C ALA H 85 17.23 0.03 -4.04
N LEU H 86 15.95 -0.14 -3.65
CA LEU H 86 14.83 -0.05 -4.61
C LEU H 86 14.71 1.31 -5.29
N GLU H 87 14.84 2.38 -4.51
CA GLU H 87 14.75 3.73 -5.02
C GLU H 87 15.95 4.11 -5.89
N LEU H 88 17.15 3.72 -5.46
CA LEU H 88 18.36 4.01 -6.22
C LEU H 88 18.38 3.27 -7.54
N LEU H 89 17.78 2.05 -7.58
CA LEU H 89 17.66 1.24 -8.80
C LEU H 89 16.78 1.98 -9.82
N MET H 90 15.66 2.53 -9.34
CA MET H 90 14.71 3.28 -10.17
C MET H 90 15.35 4.56 -10.72
N ALA H 91 16.06 5.31 -9.89
CA ALA H 91 16.75 6.51 -10.34
C ALA H 91 17.86 6.14 -11.34
N ALA H 92 18.65 5.08 -11.08
CA ALA H 92 19.70 4.62 -12.00
C ALA H 92 19.15 4.15 -13.32
N ASN H 93 17.94 3.60 -13.33
CA ASN H 93 17.27 3.15 -14.54
C ASN H 93 16.84 4.38 -15.36
N PHE H 94 16.31 5.41 -14.69
CA PHE H 94 15.88 6.62 -15.36
C PHE H 94 17.07 7.38 -15.93
N LEU H 95 18.12 7.52 -15.12
CA LEU H 95 19.33 8.25 -15.47
C LEU H 95 20.25 7.54 -16.45
N ASP H 96 20.06 6.25 -16.68
CA ASP H 96 20.90 5.48 -17.60
C ASP H 96 22.39 5.56 -17.20
N CYS H 97 22.66 5.29 -15.93
CA CYS H 97 24.02 5.31 -15.42
C CYS H 97 24.37 4.05 -14.61
N VAL I 11 33.88 -19.90 -31.21
CA VAL I 11 34.97 -18.97 -31.52
C VAL I 11 35.87 -18.73 -30.28
N LEU I 12 35.30 -18.73 -29.05
CA LEU I 12 36.13 -18.57 -27.85
C LEU I 12 36.50 -19.94 -27.29
N ARG I 13 37.77 -20.32 -27.40
CA ARG I 13 38.25 -21.58 -26.87
C ARG I 13 39.75 -21.55 -26.63
N SER I 14 40.25 -22.43 -25.76
CA SER I 14 41.68 -22.50 -25.50
C SER I 14 42.40 -23.16 -26.66
N VAL I 15 43.65 -22.76 -26.86
CA VAL I 15 44.51 -23.34 -27.89
C VAL I 15 45.27 -24.44 -27.21
N ASN I 16 45.31 -25.66 -27.78
CA ASN I 16 46.08 -26.74 -27.16
C ASN I 16 47.57 -26.56 -27.47
N SER I 17 48.18 -25.52 -26.90
CA SER I 17 49.58 -25.20 -27.18
C SER I 17 50.57 -26.15 -26.55
N ARG I 18 50.24 -26.72 -25.37
CA ARG I 18 51.12 -27.60 -24.60
C ARG I 18 52.42 -26.86 -24.18
N GLU I 19 52.35 -25.50 -24.09
CA GLU I 19 53.45 -24.60 -23.77
C GLU I 19 53.18 -24.01 -22.39
N PRO I 20 53.80 -24.57 -21.34
CA PRO I 20 53.54 -24.09 -19.97
C PRO I 20 53.64 -22.59 -19.73
N SER I 21 52.78 -22.09 -18.87
CA SER I 21 52.78 -20.69 -18.45
C SER I 21 52.33 -20.60 -17.00
N GLN I 22 53.24 -20.22 -16.08
CA GLN I 22 52.88 -20.12 -14.66
C GLN I 22 52.19 -18.78 -14.37
N VAL I 23 51.04 -18.84 -13.73
CA VAL I 23 50.22 -17.67 -13.47
C VAL I 23 49.92 -17.53 -11.98
N ILE I 24 49.84 -16.28 -11.47
CA ILE I 24 49.40 -16.01 -10.11
C ILE I 24 47.98 -15.40 -10.22
N PHE I 25 46.92 -16.12 -9.83
CA PHE I 25 45.57 -15.54 -9.81
C PHE I 25 45.56 -14.72 -8.53
N ASN I 27 43.36 -12.17 -6.29
CA ASN I 27 42.04 -11.61 -6.02
C ASN I 27 42.12 -10.27 -5.31
N ARG I 28 42.21 -9.19 -6.08
CA ARG I 28 42.22 -7.83 -5.53
C ARG I 28 40.76 -7.28 -5.53
N SER I 29 39.82 -8.09 -5.03
CA SER I 29 38.41 -7.77 -4.95
C SER I 29 37.79 -8.26 -3.61
N PRO I 30 36.63 -7.71 -3.20
CA PRO I 30 36.00 -8.18 -1.95
C PRO I 30 35.10 -9.42 -2.13
N ARG I 31 35.06 -9.99 -3.34
CA ARG I 31 34.23 -11.16 -3.63
C ARG I 31 35.04 -12.45 -3.58
N VAL I 32 34.33 -13.58 -3.36
CA VAL I 32 34.92 -14.91 -3.51
C VAL I 32 34.95 -15.09 -5.04
N VAL I 33 36.11 -15.34 -5.62
CA VAL I 33 36.26 -15.45 -7.07
C VAL I 33 36.20 -16.87 -7.58
N LEU I 34 35.39 -17.09 -8.61
CA LEU I 34 35.30 -18.35 -9.32
C LEU I 34 36.06 -18.18 -10.65
N PRO I 35 37.25 -18.79 -10.77
CA PRO I 35 37.97 -18.73 -12.04
C PRO I 35 37.36 -19.74 -13.01
N VAL I 36 37.22 -19.38 -14.27
CA VAL I 36 36.64 -20.25 -15.28
C VAL I 36 37.59 -20.37 -16.44
N TRP I 37 37.93 -21.60 -16.84
CA TRP I 37 38.81 -21.87 -17.97
C TRP I 37 37.95 -22.34 -19.15
N LEU I 38 38.10 -21.69 -20.30
CA LEU I 38 37.39 -22.15 -21.49
C LEU I 38 38.19 -23.32 -22.05
N ASN I 39 37.62 -24.53 -22.03
CA ASN I 39 38.31 -25.72 -22.50
C ASN I 39 38.50 -25.71 -24.05
N PHE I 40 39.16 -26.74 -24.62
CA PHE I 40 39.43 -26.84 -26.06
C PHE I 40 38.19 -26.86 -26.95
N ASP I 41 36.99 -27.05 -26.35
CA ASP I 41 35.72 -27.03 -27.06
C ASP I 41 34.84 -25.80 -26.76
N GLY I 42 35.39 -24.82 -26.06
CA GLY I 42 34.64 -23.63 -25.69
C GLY I 42 33.77 -23.78 -24.46
N GLU I 43 33.86 -24.93 -23.74
CA GLU I 43 33.05 -25.16 -22.54
C GLU I 43 33.64 -24.52 -21.29
N PRO I 44 32.88 -23.64 -20.63
CA PRO I 44 33.39 -23.01 -19.40
C PRO I 44 33.58 -24.05 -18.29
N GLN I 45 34.80 -24.15 -17.80
CA GLN I 45 35.14 -25.12 -16.75
C GLN I 45 35.52 -24.37 -15.48
N PRO I 46 34.74 -24.55 -14.40
CA PRO I 46 35.05 -23.86 -13.14
C PRO I 46 36.23 -24.50 -12.37
N TYR I 47 37.00 -23.66 -11.68
CA TYR I 47 38.18 -24.02 -10.89
C TYR I 47 37.97 -23.64 -9.40
N PRO I 48 38.84 -24.12 -8.45
CA PRO I 48 38.63 -23.80 -7.03
C PRO I 48 38.57 -22.30 -6.78
N THR I 49 37.67 -21.88 -5.88
CA THR I 49 37.45 -20.47 -5.61
C THR I 49 38.55 -19.79 -4.82
N LEU I 50 38.67 -18.48 -4.94
CA LEU I 50 39.67 -17.72 -4.21
C LEU I 50 38.95 -16.82 -3.24
N PRO I 51 39.23 -16.91 -1.92
CA PRO I 51 38.61 -15.98 -0.98
C PRO I 51 39.12 -14.54 -1.22
N PRO I 52 38.36 -13.52 -0.77
CA PRO I 52 38.81 -12.13 -0.98
C PRO I 52 40.24 -11.83 -0.51
N GLY I 53 40.97 -11.06 -1.32
CA GLY I 53 42.33 -10.66 -0.97
C GLY I 53 43.42 -11.69 -1.01
N THR I 54 43.13 -12.90 -1.46
CA THR I 54 44.13 -13.98 -1.52
C THR I 54 44.61 -14.24 -2.97
N GLY I 55 45.73 -14.96 -3.09
CA GLY I 55 46.29 -15.34 -4.36
C GLY I 55 46.58 -16.82 -4.44
N ARG I 56 46.69 -17.35 -5.66
CA ARG I 56 47.02 -18.76 -5.86
C ARG I 56 48.01 -18.92 -6.99
N ARG I 57 49.01 -19.79 -6.80
CA ARG I 57 49.99 -20.08 -7.83
C ARG I 57 49.43 -21.23 -8.67
N ILE I 58 49.14 -20.97 -9.96
CA ILE I 58 48.53 -21.96 -10.85
C ILE I 58 49.38 -22.26 -12.11
N HIS I 59 49.31 -23.51 -12.61
CA HIS I 59 50.00 -23.97 -13.80
C HIS I 59 49.04 -23.90 -14.97
N SER I 60 49.28 -22.98 -15.88
CA SER I 60 48.44 -22.84 -17.06
C SER I 60 49.28 -23.02 -18.34
N TYR I 61 48.77 -22.60 -19.51
CA TYR I 61 49.47 -22.75 -20.79
C TYR I 61 49.24 -21.53 -21.68
N ARG I 62 50.17 -21.28 -22.60
CA ARG I 62 50.03 -20.18 -23.54
C ARG I 62 48.82 -20.43 -24.47
N GLY I 63 48.10 -19.38 -24.81
CA GLY I 63 46.92 -19.48 -25.67
C GLY I 63 45.62 -19.84 -24.96
N HIS I 64 45.70 -20.25 -23.68
CA HIS I 64 44.52 -20.64 -22.90
C HIS I 64 43.64 -19.44 -22.50
N LEU I 65 42.34 -19.67 -22.35
CA LEU I 65 41.39 -18.61 -22.02
C LEU I 65 40.78 -18.71 -20.63
N TRP I 66 40.83 -17.62 -19.86
CA TRP I 66 40.23 -17.56 -18.53
C TRP I 66 39.29 -16.36 -18.34
N LEU I 67 38.29 -16.54 -17.52
CA LEU I 67 37.38 -15.47 -17.10
C LEU I 67 37.10 -15.67 -15.62
N PHE I 68 36.72 -14.62 -14.90
CA PHE I 68 36.56 -14.68 -13.46
C PHE I 68 35.24 -14.11 -13.05
N ARG I 69 34.58 -14.80 -12.14
CA ARG I 69 33.24 -14.45 -11.69
C ARG I 69 33.15 -14.37 -10.16
N ASP I 70 32.05 -13.78 -9.64
CA ASP I 70 31.81 -13.82 -8.20
C ASP I 70 31.23 -15.23 -8.02
N ALA I 71 31.90 -16.09 -7.22
CA ALA I 71 31.50 -17.48 -7.03
C ALA I 71 30.03 -17.69 -6.60
N GLY I 72 29.49 -16.79 -5.81
CA GLY I 72 28.13 -16.91 -5.32
C GLY I 72 27.03 -16.34 -6.19
N THR I 73 27.33 -15.27 -6.94
CA THR I 73 26.28 -14.61 -7.73
C THR I 73 26.51 -14.61 -9.24
N HIS I 74 27.72 -14.95 -9.67
CA HIS I 74 28.15 -15.00 -11.06
C HIS I 74 28.29 -13.63 -11.69
N ASP I 75 28.45 -12.56 -10.88
CA ASP I 75 28.70 -11.22 -11.40
C ASP I 75 30.04 -11.21 -12.17
N GLY I 76 30.12 -10.36 -13.18
CA GLY I 76 31.35 -10.23 -13.95
C GLY I 76 32.43 -9.53 -13.15
N LEU I 77 33.69 -10.00 -13.30
CA LEU I 77 34.88 -9.41 -12.70
C LEU I 77 35.92 -9.13 -13.80
N LEU I 78 36.87 -8.24 -13.54
CA LEU I 78 37.90 -7.92 -14.51
C LEU I 78 39.22 -8.63 -14.17
N VAL I 79 40.04 -8.90 -15.17
CA VAL I 79 41.35 -9.49 -14.96
C VAL I 79 42.33 -8.69 -15.82
N ASN I 80 43.25 -7.97 -15.16
CA ASN I 80 44.17 -7.06 -15.81
C ASN I 80 43.41 -6.02 -16.68
N GLN I 81 42.35 -5.46 -16.08
CA GLN I 81 41.48 -4.41 -16.62
C GLN I 81 40.58 -4.85 -17.80
N THR I 82 40.38 -6.16 -18.02
CA THR I 82 39.55 -6.64 -19.14
C THR I 82 38.78 -7.95 -18.78
N GLU I 83 37.94 -8.50 -19.70
CA GLU I 83 37.16 -9.71 -19.42
C GLU I 83 37.93 -11.01 -19.50
N LEU I 84 38.74 -11.17 -20.54
CA LEU I 84 39.45 -12.40 -20.76
C LEU I 84 40.94 -12.32 -20.44
N PHE I 85 41.45 -13.37 -19.80
CA PHE I 85 42.85 -13.47 -19.49
C PHE I 85 43.43 -14.63 -20.28
N VAL I 86 44.46 -14.33 -21.08
CA VAL I 86 45.16 -15.33 -21.87
C VAL I 86 46.59 -15.39 -21.33
N PRO I 87 47.02 -16.48 -20.69
CA PRO I 87 48.42 -16.55 -20.22
C PRO I 87 49.42 -16.31 -21.34
N SER I 88 50.43 -15.50 -21.06
CA SER I 88 51.46 -15.18 -22.03
C SER I 88 52.83 -15.79 -21.61
N LEU I 89 53.88 -15.51 -22.39
CA LEU I 89 55.24 -15.99 -22.15
C LEU I 89 55.79 -15.48 -20.79
N ASN I 90 56.41 -16.37 -20.01
CA ASN I 90 57.02 -16.02 -18.73
C ASN I 90 58.42 -15.47 -19.01
N VAL I 91 58.55 -14.14 -19.14
CA VAL I 91 59.83 -13.52 -19.45
C VAL I 91 60.84 -13.66 -18.30
N ASP I 92 61.97 -14.33 -18.55
CA ASP I 92 63.01 -14.61 -17.55
C ASP I 92 62.53 -15.54 -16.41
N GLY I 93 61.46 -16.32 -16.67
CA GLY I 93 60.91 -17.24 -15.68
C GLY I 93 59.90 -16.62 -14.72
N GLN I 94 59.59 -15.32 -14.90
CA GLN I 94 58.64 -14.60 -14.05
C GLN I 94 57.19 -14.98 -14.33
N PRO I 95 56.40 -15.33 -13.30
CA PRO I 95 55.00 -15.70 -13.56
C PRO I 95 54.14 -14.51 -13.95
N ILE I 96 53.08 -14.78 -14.70
CA ILE I 96 52.15 -13.74 -15.14
C ILE I 96 51.20 -13.48 -14.00
N PHE I 97 50.99 -12.23 -13.64
CA PHE I 97 50.01 -11.90 -12.62
C PHE I 97 48.64 -11.71 -13.25
N ALA I 98 47.63 -12.45 -12.80
CA ALA I 98 46.25 -12.24 -13.24
C ALA I 98 45.56 -11.47 -12.11
N ASN I 99 45.55 -10.13 -12.18
CA ASN I 99 44.98 -9.26 -11.13
C ASN I 99 43.50 -9.10 -11.31
N ILE I 100 42.75 -9.79 -10.49
CA ILE I 100 41.31 -9.84 -10.52
C ILE I 100 40.72 -8.70 -9.72
N THR I 101 39.88 -7.87 -10.34
CA THR I 101 39.31 -6.73 -9.65
C THR I 101 37.81 -6.59 -9.93
N LEU I 102 37.12 -5.74 -9.16
CA LEU I 102 35.72 -5.45 -9.45
C LEU I 102 35.76 -4.52 -10.66
N PRO I 103 34.85 -4.68 -11.62
CA PRO I 103 34.72 -3.64 -12.66
C PRO I 103 34.03 -2.42 -12.01
N VAL I 104 33.97 -1.30 -12.75
CA VAL I 104 33.13 -0.21 -12.30
C VAL I 104 31.77 -0.57 -12.87
N TYR I 105 30.96 -1.29 -12.07
CA TYR I 105 29.62 -1.66 -12.49
C TYR I 105 28.79 -0.40 -12.70
N THR I 106 27.73 -0.45 -13.54
CA THR I 106 26.84 0.71 -13.68
C THR I 106 26.09 0.79 -12.34
N LEU I 107 25.55 1.96 -12.01
CA LEU I 107 24.79 2.12 -10.78
C LEU I 107 23.55 1.20 -10.82
N LYS I 108 22.95 1.02 -12.02
CA LYS I 108 21.79 0.14 -12.19
C LYS I 108 22.15 -1.33 -11.90
N GLU I 109 23.28 -1.81 -12.45
CA GLU I 109 23.70 -3.20 -12.22
C GLU I 109 24.10 -3.42 -10.77
N ARG I 110 24.76 -2.42 -10.16
CA ARG I 110 25.14 -2.52 -8.76
C ARG I 110 23.89 -2.61 -7.87
N CYS I 111 22.83 -1.85 -8.22
CA CYS I 111 21.55 -1.87 -7.51
C CYS I 111 20.89 -3.24 -7.68
N LEU I 112 20.93 -3.79 -8.90
CA LEU I 112 20.33 -5.10 -9.17
C LEU I 112 20.99 -6.18 -8.31
N GLN I 113 22.32 -6.10 -8.13
CA GLN I 113 23.09 -7.03 -7.28
C GLN I 113 22.63 -6.92 -5.81
N VAL I 114 22.46 -5.69 -5.31
CA VAL I 114 22.03 -5.46 -3.93
C VAL I 114 20.62 -6.00 -3.72
N VAL I 115 19.72 -5.75 -4.68
CA VAL I 115 18.35 -6.24 -4.58
C VAL I 115 18.29 -7.75 -4.69
N ARG I 116 19.05 -8.37 -5.60
CA ARG I 116 19.08 -9.83 -5.74
C ARG I 116 19.61 -10.52 -4.46
N SER I 117 20.57 -9.89 -3.77
CA SER I 117 21.14 -10.45 -2.54
C SER I 117 20.15 -10.40 -1.36
N LEU I 118 19.20 -9.46 -1.38
CA LEU I 118 18.21 -9.33 -0.33
C LEU I 118 16.91 -10.08 -0.65
N VAL I 119 16.43 -10.00 -1.90
CA VAL I 119 15.15 -10.58 -2.32
C VAL I 119 15.30 -11.96 -2.97
N LYS I 120 14.44 -12.92 -2.55
CA LYS I 120 14.42 -14.27 -3.12
C LYS I 120 13.82 -14.18 -4.53
N PRO I 121 14.32 -14.95 -5.51
CA PRO I 121 13.83 -14.80 -6.89
C PRO I 121 12.31 -14.97 -7.09
N GLU I 122 11.69 -15.79 -6.26
CA GLU I 122 10.25 -16.01 -6.30
C GLU I 122 9.46 -14.76 -5.85
N ASN I 123 10.11 -13.87 -5.08
CA ASN I 123 9.52 -12.64 -4.56
C ASN I 123 9.91 -11.39 -5.37
N TYR I 124 10.61 -11.54 -6.53
CA TYR I 124 10.97 -10.35 -7.34
C TYR I 124 9.69 -9.64 -7.80
N ARG I 125 8.70 -10.43 -8.24
CA ARG I 125 7.41 -9.96 -8.72
C ARG I 125 6.58 -9.19 -7.66
N ARG I 126 6.98 -9.27 -6.38
CA ARG I 126 6.29 -8.59 -5.28
C ARG I 126 6.84 -7.19 -4.95
N LEU I 127 7.86 -6.71 -5.69
CA LEU I 127 8.45 -5.41 -5.42
C LEU I 127 7.65 -4.30 -6.12
N ASP I 128 7.49 -3.12 -5.48
CA ASP I 128 6.73 -2.03 -6.09
C ASP I 128 7.60 -1.22 -7.07
N ILE I 129 8.05 -1.89 -8.13
CA ILE I 129 8.90 -1.33 -9.17
C ILE I 129 8.29 -1.58 -10.56
N VAL I 130 8.69 -0.76 -11.53
CA VAL I 130 8.27 -0.82 -12.95
C VAL I 130 8.51 -2.26 -13.51
N ARG I 131 7.58 -2.77 -14.34
CA ARG I 131 7.63 -4.12 -14.93
C ARG I 131 8.95 -4.48 -15.57
N SER I 132 9.63 -3.51 -16.22
CA SER I 132 10.92 -3.70 -16.86
C SER I 132 11.96 -4.20 -15.85
N LEU I 133 11.91 -3.68 -14.61
CA LEU I 133 12.87 -4.03 -13.57
C LEU I 133 12.75 -5.46 -13.06
N TYR I 134 11.57 -6.11 -13.18
CA TYR I 134 11.44 -7.52 -12.76
C TYR I 134 12.30 -8.38 -13.67
N GLU I 135 12.17 -8.17 -14.99
CA GLU I 135 12.91 -8.91 -16.01
C GLU I 135 14.40 -8.68 -15.88
N ASP I 136 14.81 -7.46 -15.47
CA ASP I 136 16.19 -7.06 -15.26
C ASP I 136 16.78 -7.83 -14.07
N LEU I 137 16.00 -7.94 -12.99
CA LEU I 137 16.36 -8.66 -11.78
C LEU I 137 16.49 -10.15 -12.08
N GLU I 138 15.52 -10.69 -12.84
CA GLU I 138 15.47 -12.11 -13.24
C GLU I 138 16.54 -12.49 -14.28
N ASP I 139 17.12 -11.50 -14.97
CA ASP I 139 18.17 -11.74 -15.96
C ASP I 139 19.51 -11.75 -15.20
N HIS I 140 19.71 -12.75 -14.32
CA HIS I 140 20.90 -12.91 -13.48
C HIS I 140 22.15 -12.99 -14.31
N PRO I 141 23.30 -12.53 -13.79
CA PRO I 141 24.54 -12.66 -14.55
C PRO I 141 24.88 -14.12 -14.81
N ASN I 142 25.37 -14.42 -16.00
CA ASN I 142 25.62 -15.79 -16.42
C ASN I 142 26.81 -15.82 -17.36
N VAL I 143 27.62 -16.89 -17.28
CA VAL I 143 28.82 -17.09 -18.10
C VAL I 143 28.48 -17.33 -19.58
N GLN I 144 27.56 -18.27 -19.84
CA GLN I 144 27.15 -18.61 -21.21
C GLN I 144 26.48 -17.43 -21.92
N LYS I 145 25.82 -16.53 -21.18
CA LYS I 145 25.22 -15.32 -21.73
C LYS I 145 26.34 -14.38 -22.21
N ASP I 146 27.38 -14.20 -21.38
CA ASP I 146 28.51 -13.34 -21.67
C ASP I 146 29.44 -13.94 -22.74
N LEU I 147 29.47 -15.27 -22.86
CA LEU I 147 30.30 -15.92 -23.87
C LEU I 147 29.69 -15.65 -25.26
N GLU I 148 28.36 -15.70 -25.37
CA GLU I 148 27.63 -15.39 -26.60
C GLU I 148 27.88 -13.91 -26.96
N ARG I 149 27.76 -13.00 -25.96
CA ARG I 149 27.99 -11.57 -26.14
C ARG I 149 29.42 -11.27 -26.57
N LEU I 150 30.42 -11.96 -25.98
CA LEU I 150 31.82 -11.78 -26.34
C LEU I 150 32.13 -12.39 -27.72
N THR I 151 31.41 -13.44 -28.11
CA THR I 151 31.52 -14.09 -29.43
C THR I 151 30.88 -13.21 -30.54
N GLN I 152 29.88 -12.38 -30.16
CA GLN I 152 29.08 -11.48 -31.00
C GLN I 152 27.92 -12.19 -31.67
N MET J 1 24.67 -15.70 23.64
CA MET J 1 23.54 -16.61 23.76
C MET J 1 22.27 -15.80 23.68
N ASP J 2 21.29 -16.27 22.91
CA ASP J 2 20.00 -15.59 22.80
C ASP J 2 19.09 -16.02 23.93
N VAL J 3 18.31 -15.09 24.47
CA VAL J 3 17.33 -15.36 25.52
C VAL J 3 15.94 -15.01 24.96
N PHE J 4 14.92 -15.82 25.28
CA PHE J 4 13.59 -15.65 24.70
C PHE J 4 12.64 -15.17 25.72
N LEU J 5 11.95 -14.05 25.41
CA LEU J 5 11.13 -13.32 26.37
C LEU J 5 9.70 -12.96 25.94
N MET J 6 8.86 -12.74 26.96
CA MET J 6 7.51 -12.20 26.90
C MET J 6 7.59 -10.92 27.75
N ILE J 7 7.43 -9.76 27.12
CA ILE J 7 7.44 -8.49 27.83
C ILE J 7 5.96 -8.16 28.01
N ARG J 8 5.47 -8.23 29.26
CA ARG J 8 4.05 -8.11 29.54
C ARG J 8 3.63 -6.90 30.37
N ARG J 9 2.55 -6.26 29.93
CA ARG J 9 2.02 -5.09 30.60
C ARG J 9 0.53 -5.09 30.37
N HIS J 10 -0.29 -5.14 31.43
CA HIS J 10 -1.76 -5.13 31.32
C HIS J 10 -2.23 -6.30 30.38
N LYS J 11 -2.80 -6.00 29.20
CA LYS J 11 -3.19 -7.03 28.26
C LYS J 11 -2.27 -7.08 27.03
N THR J 12 -1.07 -6.50 27.10
CA THR J 12 -0.09 -6.53 26.01
C THR J 12 1.01 -7.53 26.34
N THR J 13 1.44 -8.37 25.37
CA THR J 13 2.57 -9.28 25.50
C THR J 13 3.40 -9.20 24.23
N ILE J 14 4.68 -8.86 24.33
CA ILE J 14 5.58 -8.81 23.19
C ILE J 14 6.47 -10.05 23.26
N PHE J 15 6.55 -10.83 22.19
CA PHE J 15 7.48 -11.96 22.14
C PHE J 15 8.71 -11.41 21.44
N THR J 16 9.88 -11.45 22.11
CA THR J 16 11.12 -10.99 21.50
C THR J 16 12.32 -11.76 22.07
N ASP J 17 13.47 -11.65 21.40
CA ASP J 17 14.69 -12.25 21.88
C ASP J 17 15.74 -11.15 22.04
N ALA J 18 16.75 -11.41 22.86
CA ALA J 18 17.86 -10.47 23.07
C ALA J 18 19.08 -11.26 23.52
N LYS J 19 20.28 -10.68 23.45
CA LYS J 19 21.46 -11.40 23.93
C LYS J 19 21.47 -11.41 25.43
N GLU J 20 21.98 -12.47 26.03
CA GLU J 20 22.14 -12.58 27.48
C GLU J 20 23.05 -11.42 28.00
N SER J 21 24.00 -10.95 27.18
CA SER J 21 24.91 -9.84 27.51
C SER J 21 24.30 -8.46 27.27
N SER J 22 23.13 -8.37 26.63
CA SER J 22 22.52 -7.06 26.39
C SER J 22 21.94 -6.50 27.71
N THR J 23 21.80 -5.20 27.84
CA THR J 23 21.32 -4.58 29.08
C THR J 23 19.79 -4.39 29.13
N VAL J 24 19.27 -4.13 30.35
CA VAL J 24 17.89 -3.80 30.63
C VAL J 24 17.50 -2.51 29.86
N PHE J 25 18.44 -1.52 29.77
CA PHE J 25 18.21 -0.30 29.02
C PHE J 25 18.07 -0.63 27.54
N GLU J 26 18.92 -1.51 26.99
CA GLU J 26 18.81 -1.90 25.60
C GLU J 26 17.50 -2.60 25.29
N LEU J 27 16.94 -3.33 26.27
CA LEU J 27 15.63 -4.00 26.12
C LEU J 27 14.51 -2.93 26.16
N LYS J 28 14.69 -1.84 26.94
CA LYS J 28 13.76 -0.73 26.96
C LYS J 28 13.73 -0.07 25.56
N ARG J 29 14.90 0.01 24.90
CA ARG J 29 15.02 0.53 23.54
C ARG J 29 14.32 -0.38 22.54
N ILE J 30 14.27 -1.70 22.80
CA ILE J 30 13.51 -2.63 21.97
C ILE J 30 12.01 -2.31 22.13
N VAL J 31 11.54 -2.18 23.38
CA VAL J 31 10.13 -1.85 23.65
C VAL J 31 9.76 -0.48 23.04
N GLU J 32 10.71 0.47 23.03
CA GLU J 32 10.48 1.78 22.46
C GLU J 32 10.15 1.71 20.99
N GLY J 33 10.86 0.89 20.24
CA GLY J 33 10.60 0.74 18.82
C GLY J 33 9.24 0.14 18.51
N ILE J 34 8.71 -0.71 19.42
CA ILE J 34 7.44 -1.37 19.26
C ILE J 34 6.26 -0.55 19.80
N LEU J 35 6.32 -0.13 21.07
CA LEU J 35 5.22 0.58 21.73
C LEU J 35 5.31 2.11 21.71
N LYS J 36 6.41 2.66 21.16
CA LYS J 36 6.63 4.11 21.00
C LYS J 36 6.65 4.89 22.32
N ARG J 37 7.20 4.29 23.37
CA ARG J 37 7.32 4.98 24.66
C ARG J 37 8.80 5.00 24.98
N PRO J 38 9.39 6.17 25.31
CA PRO J 38 10.84 6.20 25.59
C PRO J 38 11.24 5.42 26.84
N PRO J 39 12.53 4.99 26.93
CA PRO J 39 12.98 4.22 28.11
C PRO J 39 12.78 4.91 29.47
N ASP J 40 12.79 6.26 29.51
CA ASP J 40 12.59 6.99 30.77
C ASP J 40 11.13 6.93 31.25
N GLU J 41 10.19 6.48 30.38
CA GLU J 41 8.79 6.31 30.73
C GLU J 41 8.44 4.83 30.91
N GLN J 42 9.45 3.97 31.18
CA GLN J 42 9.34 2.53 31.34
C GLN J 42 10.09 2.06 32.57
N ARG J 43 9.56 1.01 33.21
CA ARG J 43 10.18 0.27 34.32
C ARG J 43 10.05 -1.23 33.96
N LEU J 44 11.16 -1.98 33.97
CA LEU J 44 11.13 -3.41 33.68
C LEU J 44 11.28 -4.20 34.96
N TYR J 45 10.60 -5.35 35.05
CA TYR J 45 10.61 -6.16 36.27
C TYR J 45 10.87 -7.64 36.03
N LYS J 46 11.48 -8.32 36.99
CA LYS J 46 11.60 -9.77 36.95
C LYS J 46 10.84 -10.17 38.20
N ASP J 47 9.63 -10.73 38.01
CA ASP J 47 8.65 -11.00 39.05
C ASP J 47 8.25 -9.62 39.64
N ASP J 48 8.42 -9.35 40.95
CA ASP J 48 8.08 -8.03 41.49
C ASP J 48 9.30 -7.11 41.67
N GLN J 49 10.46 -7.48 41.14
CA GLN J 49 11.67 -6.70 41.29
C GLN J 49 11.90 -5.74 40.15
N LEU J 50 12.20 -4.50 40.46
CA LEU J 50 12.53 -3.49 39.47
C LEU J 50 13.95 -3.78 39.02
N LEU J 51 14.17 -3.90 37.72
CA LEU J 51 15.50 -4.19 37.19
C LEU J 51 16.24 -2.89 36.88
N ASP J 52 17.56 -2.88 37.11
CA ASP J 52 18.42 -1.72 36.88
C ASP J 52 18.87 -1.61 35.41
N ASP J 53 18.83 -0.40 34.83
CA ASP J 53 19.17 -0.16 33.43
C ASP J 53 20.51 -0.72 32.93
N GLY J 54 21.56 -0.56 33.72
CA GLY J 54 22.91 -1.02 33.38
C GLY J 54 23.16 -2.50 33.55
N LYS J 55 22.20 -3.23 34.16
CA LYS J 55 22.37 -4.67 34.33
C LYS J 55 22.08 -5.46 33.06
N THR J 56 22.87 -6.51 32.80
CA THR J 56 22.66 -7.38 31.66
C THR J 56 21.42 -8.25 31.94
N LEU J 57 20.85 -8.86 30.90
CA LEU J 57 19.74 -9.77 31.05
C LEU J 57 20.17 -11.02 31.84
N GLY J 58 21.40 -11.48 31.63
CA GLY J 58 22.01 -12.56 32.39
C GLY J 58 22.10 -12.26 33.88
N GLU J 59 22.56 -11.05 34.25
CA GLU J 59 22.63 -10.66 35.66
C GLU J 59 21.22 -10.51 36.28
N CYS J 60 20.20 -10.29 35.45
CA CYS J 60 18.82 -10.20 35.90
C CYS J 60 18.09 -11.54 35.97
N GLY J 61 18.76 -12.63 35.64
CA GLY J 61 18.15 -13.95 35.70
C GLY J 61 17.67 -14.53 34.39
N PHE J 62 17.91 -13.83 33.25
CA PHE J 62 17.47 -14.38 31.96
C PHE J 62 18.61 -15.10 31.27
N THR J 63 18.53 -16.43 31.21
CA THR J 63 19.59 -17.28 30.65
C THR J 63 19.03 -18.26 29.63
N SER J 64 19.89 -19.03 28.94
CA SER J 64 19.43 -20.06 28.01
C SER J 64 18.61 -21.12 28.74
N GLN J 65 18.96 -21.42 30.00
CA GLN J 65 18.23 -22.41 30.79
C GLN J 65 16.84 -21.93 31.13
N THR J 66 16.64 -20.63 31.35
CA THR J 66 15.36 -20.12 31.85
C THR J 66 14.51 -19.34 30.88
N ALA J 67 15.04 -19.03 29.72
CA ALA J 67 14.34 -18.21 28.75
C ALA J 67 14.43 -18.93 27.41
N ARG J 68 13.70 -20.03 27.28
CA ARG J 68 13.74 -20.87 26.08
C ARG J 68 12.71 -20.44 25.04
N PRO J 69 12.94 -20.77 23.75
CA PRO J 69 11.96 -20.40 22.71
C PRO J 69 10.56 -20.94 22.98
N GLN J 70 10.46 -22.20 23.38
CA GLN J 70 9.20 -22.90 23.69
C GLN J 70 8.62 -22.55 25.04
N ALA J 71 9.38 -21.85 25.90
CA ALA J 71 8.96 -21.46 27.22
C ALA J 71 9.74 -20.20 27.61
N PRO J 72 9.34 -19.04 27.06
CA PRO J 72 10.08 -17.82 27.33
C PRO J 72 9.91 -17.28 28.74
N ALA J 73 10.88 -16.48 29.23
CA ALA J 73 10.79 -15.85 30.54
C ALA J 73 9.94 -14.57 30.44
N THR J 74 9.23 -14.21 31.51
CA THR J 74 8.41 -12.98 31.52
C THR J 74 9.19 -11.81 32.13
N VAL J 75 9.09 -10.65 31.51
CA VAL J 75 9.62 -9.39 31.97
C VAL J 75 8.38 -8.50 32.14
N GLY J 76 8.13 -8.01 33.36
CA GLY J 76 7.03 -7.10 33.65
C GLY J 76 7.33 -5.71 33.13
N LEU J 77 6.31 -4.97 32.70
CA LEU J 77 6.50 -3.64 32.14
C LEU J 77 5.50 -2.67 32.74
N ALA J 78 5.97 -1.49 33.14
CA ALA J 78 5.11 -0.44 33.68
C ALA J 78 5.52 0.89 33.03
N PHE J 79 4.54 1.69 32.64
CA PHE J 79 4.74 2.99 32.01
C PHE J 79 4.53 4.12 32.98
N ARG J 80 5.24 5.23 32.77
CA ARG J 80 5.07 6.43 33.59
C ARG J 80 3.93 7.23 32.98
N ALA J 81 2.91 7.53 33.80
CA ALA J 81 1.75 8.30 33.39
C ALA J 81 2.04 9.72 33.85
N ASP J 82 2.60 10.54 32.94
CA ASP J 82 2.99 11.93 33.19
C ASP J 82 4.22 12.03 34.15
N ASP J 83 4.03 12.25 35.46
CA ASP J 83 5.15 12.38 36.40
C ASP J 83 5.39 11.14 37.26
N THR J 84 4.34 10.31 37.46
CA THR J 84 4.44 9.12 38.31
C THR J 84 4.24 7.82 37.54
N PHE J 85 4.93 6.75 37.96
CA PHE J 85 4.76 5.45 37.33
C PHE J 85 3.52 4.76 37.81
N GLU J 86 2.90 3.99 36.92
CA GLU J 86 1.75 3.18 37.29
C GLU J 86 2.30 1.94 38.06
N ALA J 87 1.47 1.32 38.91
CA ALA J 87 1.89 0.11 39.61
C ALA J 87 2.01 -1.03 38.60
N LEU J 88 2.95 -1.98 38.81
CA LEU J 88 3.10 -3.11 37.88
C LEU J 88 1.82 -3.95 37.91
N CYS J 89 1.25 -4.21 36.73
CA CYS J 89 0.02 -4.96 36.59
C CYS J 89 0.06 -5.74 35.31
N ILE J 90 -0.15 -7.06 35.37
CA ILE J 90 -0.17 -7.93 34.22
C ILE J 90 -1.45 -8.74 34.29
N GLU J 91 -2.33 -8.61 33.30
CA GLU J 91 -3.57 -9.36 33.24
C GLU J 91 -3.24 -10.81 32.97
N PRO J 92 -3.76 -11.73 33.79
CA PRO J 92 -3.48 -13.15 33.53
C PRO J 92 -4.14 -13.61 32.23
N PHE J 93 -3.60 -14.68 31.63
CA PHE J 93 -4.24 -15.25 30.45
C PHE J 93 -5.60 -15.90 30.89
N SER J 94 -6.41 -16.32 29.91
CA SER J 94 -7.67 -16.99 30.17
C SER J 94 -7.42 -18.40 30.74
N SER J 95 -8.45 -19.01 31.30
CA SER J 95 -8.34 -20.30 31.93
C SER J 95 -8.84 -21.39 30.99
N PRO J 96 -8.05 -22.47 30.84
CA PRO J 96 -8.53 -23.60 30.03
C PRO J 96 -9.72 -24.27 30.73
N PRO J 97 -10.60 -24.94 29.98
CA PRO J 97 -11.67 -25.68 30.63
C PRO J 97 -11.11 -26.85 31.45
N GLU J 98 -11.96 -27.45 32.30
CA GLU J 98 -11.55 -28.62 33.06
C GLU J 98 -11.48 -29.79 32.08
N LEU J 99 -10.48 -30.66 32.23
CA LEU J 99 -10.28 -31.83 31.36
C LEU J 99 -11.54 -32.63 31.09
N PRO J 100 -11.86 -32.86 29.79
CA PRO J 100 -13.03 -33.71 29.49
C PRO J 100 -12.86 -35.10 30.07
N ASP J 101 -13.95 -35.72 30.54
CA ASP J 101 -13.92 -37.04 31.17
C ASP J 101 -13.10 -38.08 30.41
N VAL J 102 -13.24 -38.13 29.07
CA VAL J 102 -12.53 -39.05 28.18
C VAL J 102 -11.00 -38.87 28.18
N MET J 103 -10.51 -37.71 28.62
CA MET J 103 -9.08 -37.43 28.74
C MET J 103 -8.53 -37.72 30.15
N LYS J 104 -9.41 -37.87 31.15
CA LYS J 104 -9.03 -38.14 32.52
C LYS J 104 -8.61 -39.60 32.67
N MET K 1 13.24 -5.90 13.06
CA MET K 1 12.22 -6.55 12.23
C MET K 1 10.84 -5.91 12.42
N MET K 2 9.96 -6.07 11.45
CA MET K 2 8.59 -5.58 11.54
C MET K 2 7.85 -6.53 12.48
N TYR K 3 6.90 -5.98 13.23
CA TYR K 3 6.10 -6.77 14.16
C TYR K 3 4.62 -6.72 13.76
N VAL K 4 3.88 -7.77 14.10
CA VAL K 4 2.44 -7.83 13.87
C VAL K 4 1.76 -8.03 15.22
N LYS K 5 0.49 -7.64 15.28
CA LYS K 5 -0.30 -7.80 16.48
C LYS K 5 -1.37 -8.87 16.27
N LEU K 6 -1.35 -9.91 17.10
CA LEU K 6 -2.33 -11.00 17.05
C LEU K 6 -3.18 -10.83 18.30
N ILE K 7 -4.47 -10.58 18.14
CA ILE K 7 -5.35 -10.32 19.28
C ILE K 7 -6.26 -11.50 19.57
N SER K 8 -6.29 -11.94 20.84
CA SER K 8 -7.09 -13.09 21.24
C SER K 8 -8.58 -12.76 21.42
N SER K 9 -9.40 -13.81 21.58
CA SER K 9 -10.86 -13.67 21.76
C SER K 9 -11.24 -12.85 23.00
N ASP K 10 -10.38 -12.89 24.01
CA ASP K 10 -10.53 -12.17 25.27
C ASP K 10 -9.72 -10.87 25.34
N GLY K 11 -9.24 -10.37 24.20
CA GLY K 11 -8.58 -9.07 24.16
C GLY K 11 -7.10 -8.94 24.45
N HIS K 12 -6.39 -10.04 24.72
CA HIS K 12 -4.95 -9.97 24.94
C HIS K 12 -4.29 -9.70 23.60
N GLU K 13 -3.32 -8.78 23.56
CA GLU K 13 -2.63 -8.40 22.35
C GLU K 13 -1.20 -8.97 22.34
N PHE K 14 -0.92 -9.90 21.42
CA PHE K 14 0.38 -10.51 21.28
C PHE K 14 1.15 -9.84 20.13
N ILE K 15 2.28 -9.21 20.42
CA ILE K 15 3.09 -8.54 19.42
C ILE K 15 4.26 -9.48 19.12
N VAL K 16 4.26 -10.05 17.90
CA VAL K 16 5.29 -10.98 17.48
C VAL K 16 5.90 -10.55 16.17
N LYS K 17 7.14 -10.98 15.87
CA LYS K 17 7.79 -10.63 14.60
C LYS K 17 6.97 -11.15 13.43
N ARG K 18 6.89 -10.38 12.32
CA ARG K 18 6.14 -10.77 11.11
C ARG K 18 6.57 -12.13 10.61
N GLU K 19 7.91 -12.33 10.45
CA GLU K 19 8.52 -13.60 10.01
C GLU K 19 7.96 -14.79 10.82
N HIS K 20 7.85 -14.62 12.14
CA HIS K 20 7.35 -15.64 13.06
C HIS K 20 5.88 -15.95 12.79
N ALA K 21 5.03 -14.91 12.75
CA ALA K 21 3.60 -15.08 12.48
C ALA K 21 3.35 -15.70 11.12
N LEU K 22 4.24 -15.47 10.14
CA LEU K 22 4.11 -16.07 8.81
C LEU K 22 4.31 -17.58 8.77
N THR K 23 4.64 -18.22 9.92
CA THR K 23 4.67 -19.69 10.06
C THR K 23 3.26 -20.25 9.73
N SER K 24 2.23 -19.47 10.06
CA SER K 24 0.86 -19.75 9.75
C SER K 24 0.55 -19.19 8.37
N GLY K 25 0.08 -20.05 7.46
CA GLY K 25 -0.39 -19.67 6.13
C GLY K 25 -1.68 -18.87 6.27
N THR K 26 -2.51 -19.22 7.25
CA THR K 26 -3.74 -18.50 7.55
C THR K 26 -3.43 -17.03 7.95
N ILE K 27 -2.47 -16.81 8.88
CA ILE K 27 -2.07 -15.45 9.27
C ILE K 27 -1.46 -14.69 8.08
N LYS K 28 -0.70 -15.40 7.22
CA LYS K 28 -0.13 -14.82 6.02
C LYS K 28 -1.25 -14.29 5.09
N ALA K 29 -2.33 -15.07 4.91
CA ALA K 29 -3.49 -14.66 4.14
C ALA K 29 -4.24 -13.50 4.78
N MET K 30 -4.44 -13.53 6.11
CA MET K 30 -5.15 -12.45 6.80
C MET K 30 -4.39 -11.13 6.80
N LEU K 31 -3.06 -11.19 6.77
CA LEU K 31 -2.22 -10.00 6.70
C LEU K 31 -2.18 -9.52 5.23
N SER K 32 -1.95 -10.45 4.28
CA SER K 32 -1.90 -10.11 2.86
C SER K 32 -3.27 -10.25 2.21
N ASN K 43 -1.35 -4.94 9.80
CA ASN K 43 -0.45 -5.31 10.89
C ASN K 43 -1.16 -5.81 12.15
N GLU K 44 -2.50 -6.00 12.10
CA GLU K 44 -3.29 -6.51 13.21
C GLU K 44 -4.22 -7.61 12.72
N VAL K 45 -4.41 -8.65 13.52
CA VAL K 45 -5.34 -9.74 13.20
C VAL K 45 -6.12 -10.05 14.47
N ASN K 46 -7.44 -10.13 14.39
CA ASN K 46 -8.25 -10.49 15.55
C ASN K 46 -8.65 -11.96 15.43
N PHE K 47 -8.58 -12.69 16.53
CA PHE K 47 -8.93 -14.11 16.58
C PHE K 47 -10.09 -14.34 17.56
N ARG K 48 -11.33 -14.40 17.04
CA ARG K 48 -12.54 -14.56 17.85
C ARG K 48 -12.73 -15.93 18.47
N GLU K 49 -12.06 -16.95 17.96
CA GLU K 49 -12.16 -18.31 18.52
C GLU K 49 -10.95 -18.71 19.34
N ILE K 50 -9.87 -17.92 19.35
CA ILE K 50 -8.65 -18.32 20.03
C ILE K 50 -8.40 -17.57 21.34
N PRO K 51 -8.69 -18.19 22.51
CA PRO K 51 -8.42 -17.52 23.79
C PRO K 51 -6.93 -17.27 24.05
N SER K 52 -6.61 -16.36 24.98
CA SER K 52 -5.24 -15.99 25.26
C SER K 52 -4.35 -17.14 25.69
N HIS K 53 -4.86 -18.12 26.47
CA HIS K 53 -4.06 -19.28 26.88
C HIS K 53 -3.67 -20.20 25.73
N VAL K 54 -4.38 -20.10 24.59
CA VAL K 54 -4.10 -20.85 23.38
C VAL K 54 -3.18 -20.01 22.47
N LEU K 55 -3.53 -18.74 22.19
CA LEU K 55 -2.74 -17.84 21.35
C LEU K 55 -1.34 -17.63 21.90
N SER K 56 -1.18 -17.65 23.23
CA SER K 56 0.16 -17.51 23.83
C SER K 56 1.05 -18.70 23.48
N LYS K 57 0.51 -19.92 23.54
CA LYS K 57 1.27 -21.13 23.19
C LYS K 57 1.54 -21.22 21.67
N VAL K 58 0.66 -20.68 20.84
CA VAL K 58 0.86 -20.59 19.40
C VAL K 58 2.07 -19.68 19.13
N CYS K 59 2.17 -18.52 19.86
CA CYS K 59 3.32 -17.62 19.67
C CYS K 59 4.64 -18.24 20.14
N MET K 60 4.58 -19.07 21.18
CA MET K 60 5.75 -19.82 21.65
C MET K 60 6.11 -20.89 20.62
N TYR K 61 5.11 -21.47 19.94
CA TYR K 61 5.35 -22.45 18.89
C TYR K 61 6.09 -21.76 17.72
N PHE K 62 5.65 -20.56 17.32
CA PHE K 62 6.30 -19.78 16.26
C PHE K 62 7.75 -19.53 16.56
N THR K 63 8.10 -19.14 17.78
CA THR K 63 9.47 -18.86 18.19
C THR K 63 10.32 -20.16 18.12
N TYR K 64 9.76 -21.27 18.64
CA TYR K 64 10.36 -22.59 18.68
C TYR K 64 10.64 -23.09 17.26
N LYS K 65 9.67 -22.90 16.38
CA LYS K 65 9.74 -23.37 15.01
C LYS K 65 10.89 -22.67 14.29
N VAL K 66 10.91 -21.34 14.34
CA VAL K 66 11.93 -20.51 13.68
C VAL K 66 13.34 -20.78 14.25
N ARG K 67 13.44 -21.03 15.56
CA ARG K 67 14.71 -21.30 16.20
C ARG K 67 15.25 -22.69 15.89
N TYR K 68 14.36 -23.71 15.86
CA TYR K 68 14.83 -25.08 15.70
C TYR K 68 14.72 -25.63 14.29
N THR K 69 14.18 -24.89 13.33
CA THR K 69 14.13 -25.36 11.93
C THR K 69 15.52 -25.30 11.27
N ASN K 70 15.92 -26.40 10.62
CA ASN K 70 17.21 -26.54 9.95
C ASN K 70 18.36 -26.35 10.93
N SER K 71 18.23 -27.00 12.08
CA SER K 71 19.21 -26.92 13.13
C SER K 71 19.75 -28.30 13.48
N SER K 72 21.07 -28.41 13.67
CA SER K 72 21.69 -29.67 14.07
C SER K 72 21.62 -29.84 15.60
N THR K 73 21.61 -28.70 16.36
CA THR K 73 21.50 -28.59 17.81
C THR K 73 20.31 -29.42 18.29
N GLU K 74 20.55 -30.45 19.14
CA GLU K 74 19.51 -31.35 19.69
C GLU K 74 18.20 -30.61 20.02
N ILE K 75 17.11 -31.02 19.37
CA ILE K 75 15.82 -30.38 19.50
C ILE K 75 15.03 -30.85 20.72
N PRO K 76 14.60 -29.91 21.58
CA PRO K 76 13.74 -30.29 22.71
C PRO K 76 12.30 -30.45 22.25
N GLU K 77 11.52 -31.18 23.05
CA GLU K 77 10.13 -31.44 22.79
C GLU K 77 9.36 -30.14 22.98
N PHE K 78 8.38 -29.86 22.09
CA PHE K 78 7.53 -28.70 22.28
C PHE K 78 6.51 -29.15 23.32
N PRO K 79 6.54 -28.56 24.53
CA PRO K 79 5.63 -29.03 25.58
C PRO K 79 4.22 -28.53 25.41
N ILE K 80 3.21 -29.36 25.68
CA ILE K 80 1.81 -28.98 25.58
C ILE K 80 1.10 -29.51 26.82
N ALA K 81 0.47 -28.63 27.63
CA ALA K 81 -0.26 -29.11 28.81
C ALA K 81 -1.51 -29.84 28.34
N PRO K 82 -1.91 -30.93 29.02
CA PRO K 82 -3.10 -31.66 28.59
C PRO K 82 -4.37 -30.83 28.55
N GLU K 83 -4.53 -29.88 29.48
CA GLU K 83 -5.75 -29.06 29.54
C GLU K 83 -5.94 -28.15 28.34
N ILE K 84 -4.85 -27.77 27.66
CA ILE K 84 -4.97 -26.90 26.51
C ILE K 84 -4.89 -27.64 25.17
N ALA K 85 -4.57 -28.94 25.17
CA ALA K 85 -4.39 -29.73 23.97
C ALA K 85 -5.53 -29.63 22.97
N LEU K 86 -6.79 -29.80 23.41
CA LEU K 86 -7.92 -29.78 22.49
C LEU K 86 -8.13 -28.45 21.81
N GLU K 87 -8.04 -27.35 22.55
CA GLU K 87 -8.24 -26.03 21.95
C GLU K 87 -7.04 -25.67 21.06
N LEU K 88 -5.82 -26.02 21.49
CA LEU K 88 -4.58 -25.77 20.76
C LEU K 88 -4.59 -26.52 19.43
N LEU K 89 -5.14 -27.75 19.43
CA LEU K 89 -5.23 -28.56 18.22
C LEU K 89 -6.13 -27.87 17.19
N MET K 90 -7.29 -27.35 17.63
CA MET K 90 -8.22 -26.68 16.73
C MET K 90 -7.58 -25.39 16.18
N ALA K 91 -6.91 -24.61 17.05
CA ALA K 91 -6.24 -23.39 16.59
C ALA K 91 -5.16 -23.73 15.55
N ALA K 92 -4.26 -24.74 15.84
CA ALA K 92 -3.23 -25.20 14.91
C ALA K 92 -3.81 -25.67 13.59
N ASN K 93 -4.96 -26.32 13.65
CA ASN K 93 -5.65 -26.82 12.46
C ASN K 93 -6.17 -25.66 11.59
N PHE K 94 -6.68 -24.60 12.22
CA PHE K 94 -7.19 -23.42 11.53
C PHE K 94 -6.02 -22.57 10.99
N LEU K 95 -4.94 -22.50 11.74
CA LEU K 95 -3.80 -21.68 11.41
C LEU K 95 -2.84 -22.30 10.42
N ASP K 96 -2.97 -23.59 10.12
CA ASP K 96 -2.08 -24.27 9.19
C ASP K 96 -0.62 -24.21 9.65
N CYS K 97 -0.38 -24.48 10.93
CA CYS K 97 0.99 -24.49 11.45
C CYS K 97 1.30 -25.73 12.28
N VAL L 11 10.62 -50.50 -3.98
CA VAL L 11 11.75 -49.63 -4.33
C VAL L 11 12.69 -49.48 -3.16
N LEU L 12 12.16 -49.09 -1.99
CA LEU L 12 12.99 -48.91 -0.80
C LEU L 12 13.32 -50.24 -0.15
N ARG L 13 14.56 -50.66 -0.30
CA ARG L 13 15.03 -51.92 0.25
C ARG L 13 16.55 -51.88 0.41
N SER L 14 17.08 -52.70 1.31
CA SER L 14 18.54 -52.75 1.50
C SER L 14 19.16 -53.54 0.35
N VAL L 15 20.40 -53.19 0.03
CA VAL L 15 21.15 -53.93 -0.97
C VAL L 15 21.96 -54.96 -0.21
N ASN L 16 21.93 -56.23 -0.63
CA ASN L 16 22.70 -57.28 0.04
C ASN L 16 24.17 -57.21 -0.39
N SER L 17 24.92 -56.23 0.14
CA SER L 17 26.32 -56.01 -0.22
C SER L 17 27.30 -56.94 0.51
N ARG L 18 26.92 -57.38 1.73
CA ARG L 18 27.76 -58.22 2.58
C ARG L 18 29.08 -57.51 3.03
N GLU L 19 29.11 -56.18 3.01
CA GLU L 19 30.28 -55.41 3.41
C GLU L 19 30.01 -54.76 4.76
N PRO L 20 30.59 -55.31 5.84
CA PRO L 20 30.32 -54.76 7.17
C PRO L 20 30.40 -53.25 7.32
N SER L 21 29.57 -52.71 8.19
CA SER L 21 29.52 -51.28 8.46
C SER L 21 29.09 -51.12 9.89
N GLN L 22 30.02 -50.82 10.77
CA GLN L 22 29.75 -50.62 12.18
C GLN L 22 29.11 -49.25 12.35
N VAL L 23 27.99 -49.21 13.07
CA VAL L 23 27.23 -47.99 13.25
C VAL L 23 26.92 -47.76 14.72
N ILE L 24 26.86 -46.49 15.16
CA ILE L 24 26.47 -46.14 16.51
C ILE L 24 25.09 -45.49 16.40
N PHE L 25 24.01 -46.15 16.87
CA PHE L 25 22.69 -45.51 16.89
C PHE L 25 22.73 -44.63 18.13
N ASN L 27 20.50 -41.97 20.32
CA ASN L 27 19.22 -41.37 20.57
C ASN L 27 19.32 -40.01 21.30
N ARG L 28 19.35 -38.93 20.52
CA ARG L 28 19.36 -37.55 21.01
C ARG L 28 17.91 -37.01 20.99
N SER L 29 16.98 -37.82 21.50
CA SER L 29 15.57 -37.49 21.59
C SER L 29 15.00 -37.92 22.96
N PRO L 30 13.84 -37.37 23.39
CA PRO L 30 13.26 -37.81 24.67
C PRO L 30 12.35 -39.06 24.52
N ARG L 31 12.32 -39.67 23.32
CA ARG L 31 11.50 -40.82 23.01
C ARG L 31 12.25 -42.12 23.13
N VAL L 32 11.49 -43.21 23.34
CA VAL L 32 12.03 -44.57 23.27
C VAL L 32 12.06 -44.81 21.75
N VAL L 33 13.25 -45.06 21.18
CA VAL L 33 13.37 -45.22 19.72
C VAL L 33 13.26 -46.67 19.28
N LEU L 34 12.54 -46.90 18.18
CA LEU L 34 12.40 -48.18 17.52
C LEU L 34 13.18 -48.09 16.22
N PRO L 35 14.35 -48.73 16.12
CA PRO L 35 15.07 -48.76 14.83
C PRO L 35 14.36 -49.74 13.89
N VAL L 36 14.27 -49.41 12.59
CA VAL L 36 13.62 -50.25 11.60
C VAL L 36 14.52 -50.51 10.39
N TRP L 37 14.85 -51.77 10.14
CA TRP L 37 15.66 -52.15 8.98
C TRP L 37 14.75 -52.54 7.80
N LEU L 38 14.94 -51.98 6.60
CA LEU L 38 14.16 -52.41 5.45
C LEU L 38 14.95 -53.56 4.83
N ASN L 39 14.40 -54.77 4.94
CA ASN L 39 15.06 -55.97 4.45
C ASN L 39 15.19 -55.98 2.91
N PHE L 40 15.84 -57.00 2.35
CA PHE L 40 16.11 -57.18 0.93
C PHE L 40 14.84 -57.18 0.06
N ASP L 41 13.66 -57.42 0.67
CA ASP L 41 12.37 -57.42 -0.03
C ASP L 41 11.55 -56.13 0.21
N GLY L 42 12.08 -55.21 1.00
CA GLY L 42 11.39 -53.97 1.34
C GLY L 42 10.56 -54.04 2.60
N GLU L 43 10.60 -55.19 3.32
CA GLU L 43 9.81 -55.34 4.53
C GLU L 43 10.47 -54.65 5.69
N PRO L 44 9.70 -53.87 6.46
CA PRO L 44 10.28 -53.23 7.64
C PRO L 44 10.47 -54.23 8.79
N GLN L 45 11.70 -54.40 9.24
CA GLN L 45 12.07 -55.28 10.33
C GLN L 45 12.42 -54.45 11.60
N PRO L 46 11.61 -54.55 12.67
CA PRO L 46 11.94 -53.80 13.88
C PRO L 46 13.14 -54.39 14.62
N TYR L 47 13.88 -53.56 15.36
CA TYR L 47 15.05 -53.96 16.15
C TYR L 47 14.86 -53.56 17.64
N PRO L 48 15.69 -54.05 18.59
CA PRO L 48 15.52 -53.67 20.00
C PRO L 48 15.50 -52.16 20.17
N THR L 49 14.64 -51.67 21.04
CA THR L 49 14.50 -50.25 21.24
C THR L 49 15.68 -49.63 22.00
N LEU L 50 15.83 -48.31 21.87
CA LEU L 50 16.84 -47.53 22.59
C LEU L 50 16.10 -46.62 23.57
N PRO L 51 16.36 -46.78 24.88
CA PRO L 51 15.79 -45.82 25.85
C PRO L 51 16.25 -44.36 25.56
N PRO L 52 15.49 -43.35 26.00
CA PRO L 52 15.89 -41.96 25.73
C PRO L 52 17.31 -41.60 26.13
N GLY L 53 18.02 -40.93 25.23
CA GLY L 53 19.38 -40.49 25.53
C GLY L 53 20.45 -41.55 25.61
N THR L 54 20.17 -42.78 25.13
CA THR L 54 21.16 -43.86 25.15
C THR L 54 21.68 -44.17 23.70
N GLY L 55 22.74 -44.98 23.62
CA GLY L 55 23.33 -45.37 22.35
C GLY L 55 23.60 -46.86 22.28
N ARG L 56 23.70 -47.38 21.06
CA ARG L 56 23.98 -48.79 20.85
C ARG L 56 24.98 -48.89 19.73
N ARG L 57 25.99 -49.73 19.92
CA ARG L 57 26.96 -50.02 18.89
C ARG L 57 26.39 -51.23 18.13
N ILE L 58 26.02 -51.03 16.86
CA ILE L 58 25.42 -52.08 16.04
C ILE L 58 26.29 -52.44 14.79
N HIS L 59 26.06 -53.62 14.25
CA HIS L 59 26.71 -54.14 13.06
C HIS L 59 25.68 -54.14 11.94
N SER L 60 25.84 -53.21 11.01
CA SER L 60 25.00 -53.16 9.84
C SER L 60 25.90 -53.43 8.61
N TYR L 61 25.45 -53.10 7.40
CA TYR L 61 26.23 -53.33 6.21
C TYR L 61 26.10 -52.13 5.29
N ARG L 62 27.08 -51.95 4.39
CA ARG L 62 27.01 -50.86 3.41
C ARG L 62 25.77 -51.04 2.51
N GLY L 63 25.09 -49.95 2.22
CA GLY L 63 23.88 -50.01 1.39
C GLY L 63 22.62 -50.50 2.10
N HIS L 64 22.67 -50.73 3.42
CA HIS L 64 21.46 -51.13 4.15
C HIS L 64 20.58 -49.90 4.48
N LEU L 65 19.26 -50.09 4.57
CA LEU L 65 18.36 -48.95 4.78
C LEU L 65 17.70 -48.98 6.15
N TRP L 66 17.76 -47.84 6.89
CA TRP L 66 17.16 -47.73 8.21
C TRP L 66 16.27 -46.51 8.37
N LEU L 67 15.25 -46.65 9.18
CA LEU L 67 14.41 -45.53 9.59
C LEU L 67 14.15 -45.65 11.08
N PHE L 68 13.79 -44.53 11.75
CA PHE L 68 13.62 -44.55 13.20
C PHE L 68 12.29 -43.93 13.61
N ARG L 69 11.61 -44.61 14.52
CA ARG L 69 10.30 -44.22 15.00
C ARG L 69 10.25 -44.14 16.54
N ASP L 70 9.20 -43.51 17.10
CA ASP L 70 8.96 -43.55 18.54
C ASP L 70 8.37 -44.97 18.73
N ALA L 71 8.99 -45.79 19.57
CA ALA L 71 8.58 -47.18 19.76
C ALA L 71 7.16 -47.39 20.22
N GLY L 72 6.58 -46.39 20.87
CA GLY L 72 5.24 -46.53 21.42
C GLY L 72 4.13 -45.96 20.57
N THR L 73 4.41 -44.88 19.87
CA THR L 73 3.38 -44.21 19.07
C THR L 73 3.63 -44.25 17.56
N HIS L 74 4.82 -44.72 17.14
CA HIS L 74 5.29 -44.82 15.76
C HIS L 74 5.48 -43.47 15.08
N ASP L 75 5.63 -42.37 15.86
CA ASP L 75 5.90 -41.04 15.35
C ASP L 75 7.26 -41.07 14.62
N GLY L 76 7.35 -40.38 13.51
CA GLY L 76 8.59 -40.34 12.74
C GLY L 76 9.66 -39.49 13.38
N LEU L 77 10.89 -40.01 13.36
CA LEU L 77 12.05 -39.29 13.87
C LEU L 77 13.02 -39.05 12.71
N LEU L 78 13.98 -38.17 12.91
CA LEU L 78 15.00 -37.90 11.90
C LEU L 78 16.29 -38.62 12.33
N VAL L 79 17.11 -38.97 11.35
CA VAL L 79 18.40 -39.57 11.60
C VAL L 79 19.38 -38.79 10.74
N ASN L 80 20.34 -38.09 11.36
CA ASN L 80 21.28 -37.21 10.65
C ASN L 80 20.52 -36.17 9.76
N GLN L 81 19.43 -35.61 10.33
CA GLN L 81 18.55 -34.58 9.76
C GLN L 81 17.74 -35.02 8.54
N THR L 82 17.58 -36.33 8.34
CA THR L 82 16.82 -36.85 7.21
C THR L 82 15.99 -38.09 7.65
N GLU L 83 15.19 -38.69 6.75
CA GLU L 83 14.35 -39.83 7.09
C GLU L 83 15.06 -41.16 7.06
N LEU L 84 15.84 -41.37 6.01
CA LEU L 84 16.52 -42.63 5.79
C LEU L 84 18.00 -42.56 6.09
N PHE L 85 18.50 -43.57 6.79
CA PHE L 85 19.92 -43.68 7.10
C PHE L 85 20.48 -44.89 6.34
N VAL L 86 21.58 -44.66 5.62
CA VAL L 86 22.24 -45.72 4.89
C VAL L 86 23.64 -45.87 5.44
N PRO L 87 23.94 -47.00 6.12
CA PRO L 87 25.32 -47.22 6.58
C PRO L 87 26.32 -47.13 5.43
N SER L 88 27.42 -46.41 5.66
CA SER L 88 28.42 -46.18 4.64
C SER L 88 29.77 -46.84 4.99
N LEU L 89 30.78 -46.65 4.12
CA LEU L 89 32.11 -47.20 4.32
C LEU L 89 32.74 -46.63 5.57
N ASN L 90 33.19 -47.51 6.47
CA ASN L 90 33.86 -47.07 7.68
C ASN L 90 35.26 -46.62 7.28
N VAL L 91 35.52 -45.29 7.26
CA VAL L 91 36.84 -44.76 6.92
C VAL L 91 37.86 -45.11 8.02
N ASP L 92 38.82 -46.00 7.68
CA ASP L 92 39.87 -46.51 8.57
C ASP L 92 39.31 -47.30 9.77
N GLY L 93 38.18 -47.97 9.56
CA GLY L 93 37.54 -48.76 10.60
C GLY L 93 36.98 -47.92 11.74
N GLN L 94 36.44 -46.74 11.43
CA GLN L 94 35.83 -45.88 12.44
C GLN L 94 34.30 -45.98 12.26
N PRO L 95 33.51 -46.03 13.36
CA PRO L 95 32.06 -46.21 13.21
C PRO L 95 31.30 -45.00 12.67
N ILE L 96 30.16 -45.26 12.03
CA ILE L 96 29.32 -44.19 11.49
C ILE L 96 28.26 -43.87 12.51
N PHE L 97 28.13 -42.61 12.89
CA PHE L 97 27.11 -42.19 13.83
C PHE L 97 25.76 -41.97 13.13
N ALA L 98 24.69 -42.51 13.73
CA ALA L 98 23.34 -42.28 13.26
C ALA L 98 22.71 -41.53 14.42
N ASN L 99 22.65 -40.20 14.32
CA ASN L 99 22.12 -39.31 15.35
C ASN L 99 20.62 -39.11 15.18
N ILE L 100 19.85 -39.79 16.03
CA ILE L 100 18.41 -39.80 16.01
C ILE L 100 17.89 -38.62 16.79
N THR L 101 17.07 -37.78 16.14
CA THR L 101 16.57 -36.57 16.78
C THR L 101 15.07 -36.38 16.48
N LEU L 102 14.44 -35.53 17.29
CA LEU L 102 13.06 -35.17 17.05
C LEU L 102 13.03 -34.24 15.86
N PRO L 103 12.15 -34.46 14.88
CA PRO L 103 11.93 -33.39 13.89
C PRO L 103 11.18 -32.24 14.59
N VAL L 104 11.15 -31.08 13.95
CA VAL L 104 10.32 -30.00 14.42
C VAL L 104 8.92 -30.38 13.87
N TYR L 105 8.09 -31.08 14.67
CA TYR L 105 6.75 -31.43 14.20
C TYR L 105 5.91 -30.17 14.02
N THR L 106 4.89 -30.19 13.12
CA THR L 106 3.95 -29.04 13.04
C THR L 106 3.20 -28.98 14.38
N LEU L 107 2.69 -27.82 14.79
CA LEU L 107 1.91 -27.71 16.02
C LEU L 107 0.69 -28.67 16.00
N LYS L 108 0.08 -28.86 14.81
CA LYS L 108 -1.07 -29.76 14.65
C LYS L 108 -0.72 -31.19 14.93
N GLU L 109 0.39 -31.69 14.34
CA GLU L 109 0.81 -33.06 14.59
C GLU L 109 1.21 -33.25 16.02
N ARG L 110 1.95 -32.30 16.57
CA ARG L 110 2.35 -32.33 17.97
C ARG L 110 1.11 -32.38 18.90
N CYS L 111 0.03 -31.62 18.58
CA CYS L 111 -1.26 -31.61 19.30
C CYS L 111 -1.96 -32.97 19.17
N LEU L 112 -1.95 -33.57 17.96
CA LEU L 112 -2.54 -34.88 17.72
C LEU L 112 -1.82 -35.91 18.55
N GLN L 113 -0.48 -35.83 18.66
CA GLN L 113 0.32 -36.73 19.49
C GLN L 113 -0.10 -36.65 20.97
N VAL L 114 -0.25 -35.43 21.53
CA VAL L 114 -0.63 -35.29 22.92
C VAL L 114 -2.05 -35.82 23.16
N VAL L 115 -2.99 -35.46 22.27
CA VAL L 115 -4.36 -35.95 22.34
C VAL L 115 -4.42 -37.50 22.21
N ARG L 116 -3.62 -38.11 21.33
CA ARG L 116 -3.58 -39.58 21.20
C ARG L 116 -3.09 -40.27 22.49
N SER L 117 -2.08 -39.68 23.14
CA SER L 117 -1.55 -40.25 24.39
C SER L 117 -2.48 -40.06 25.61
N LEU L 118 -3.55 -39.27 25.46
CA LEU L 118 -4.50 -39.05 26.56
C LEU L 118 -5.85 -39.70 26.28
N VAL L 119 -6.22 -39.89 25.02
CA VAL L 119 -7.51 -40.45 24.66
C VAL L 119 -7.37 -41.82 24.02
N LYS L 120 -8.22 -42.76 24.45
CA LYS L 120 -8.23 -44.11 23.91
C LYS L 120 -8.90 -44.05 22.54
N PRO L 121 -8.39 -44.78 21.55
CA PRO L 121 -8.97 -44.70 20.20
C PRO L 121 -10.50 -44.77 20.11
N GLU L 122 -11.14 -45.56 20.99
CA GLU L 122 -12.60 -45.71 21.04
C GLU L 122 -13.31 -44.42 21.52
N ASN L 123 -12.59 -43.52 22.19
CA ASN L 123 -13.14 -42.29 22.72
C ASN L 123 -12.81 -41.05 21.89
N TYR L 124 -12.20 -41.21 20.70
CA TYR L 124 -11.90 -40.08 19.81
C TYR L 124 -13.21 -39.43 19.36
N ARG L 125 -14.24 -40.25 19.08
CA ARG L 125 -15.55 -39.81 18.65
C ARG L 125 -16.35 -39.06 19.74
N ARG L 126 -15.92 -39.15 21.01
CA ARG L 126 -16.57 -38.48 22.13
C ARG L 126 -16.09 -37.02 22.34
N LEU L 127 -14.94 -36.66 21.74
CA LEU L 127 -14.34 -35.33 21.88
C LEU L 127 -15.18 -34.24 21.21
N ASP L 128 -15.10 -32.99 21.70
CA ASP L 128 -15.86 -31.89 21.09
C ASP L 128 -15.00 -31.13 20.09
N ILE L 129 -14.82 -31.74 18.92
CA ILE L 129 -14.04 -31.25 17.78
C ILE L 129 -14.77 -31.68 16.46
N VAL L 130 -14.27 -31.26 15.30
CA VAL L 130 -14.86 -31.63 14.01
C VAL L 130 -14.58 -33.09 13.62
N ARG L 131 -15.38 -33.63 12.68
CA ARG L 131 -15.23 -34.98 12.12
C ARG L 131 -13.89 -35.16 11.41
N SER L 132 -13.31 -34.06 10.88
CA SER L 132 -12.00 -34.14 10.24
C SER L 132 -10.90 -34.34 11.27
N LEU L 133 -11.07 -33.77 12.49
CA LEU L 133 -10.08 -33.99 13.55
C LEU L 133 -10.16 -35.39 14.15
N TYR L 134 -11.33 -36.06 14.03
CA TYR L 134 -11.46 -37.46 14.46
C TYR L 134 -10.64 -38.32 13.46
N GLU L 135 -10.80 -38.05 12.15
CA GLU L 135 -10.10 -38.72 11.06
C GLU L 135 -8.59 -38.49 11.16
N ASP L 136 -8.16 -37.29 11.61
CA ASP L 136 -6.75 -36.97 11.77
C ASP L 136 -6.18 -37.76 12.94
N LEU L 137 -6.94 -37.87 14.05
CA LEU L 137 -6.56 -38.61 15.25
C LEU L 137 -6.41 -40.10 14.94
N GLU L 138 -7.39 -40.66 14.21
CA GLU L 138 -7.43 -42.07 13.81
C GLU L 138 -6.34 -42.42 12.79
N ASP L 139 -5.83 -41.44 12.04
CA ASP L 139 -4.78 -41.64 11.04
C ASP L 139 -3.43 -41.61 11.77
N HIS L 140 -3.18 -42.62 12.61
CA HIS L 140 -1.97 -42.76 13.40
C HIS L 140 -0.73 -42.81 12.53
N PRO L 141 0.41 -42.28 13.02
CA PRO L 141 1.69 -42.39 12.28
C PRO L 141 2.00 -43.84 11.95
N ASN L 142 2.45 -44.07 10.73
CA ASN L 142 2.60 -45.42 10.23
C ASN L 142 3.84 -45.61 9.37
N VAL L 143 4.60 -46.69 9.62
CA VAL L 143 5.79 -46.98 8.82
C VAL L 143 5.42 -47.31 7.36
N GLN L 144 4.36 -48.10 7.15
CA GLN L 144 3.92 -48.45 5.80
C GLN L 144 3.38 -47.27 5.00
N LYS L 145 2.71 -46.31 5.64
CA LYS L 145 2.21 -45.13 4.95
C LYS L 145 3.41 -44.26 4.52
N ASP L 146 4.42 -44.13 5.40
CA ASP L 146 5.62 -43.38 5.10
C ASP L 146 6.46 -44.06 4.02
N LEU L 147 6.51 -45.39 4.00
CA LEU L 147 7.25 -46.12 2.96
C LEU L 147 6.61 -45.87 1.61
N GLU L 148 5.26 -45.78 1.54
CA GLU L 148 4.57 -45.49 0.30
C GLU L 148 4.85 -44.05 -0.15
N ARG L 149 4.84 -43.10 0.79
CA ARG L 149 5.10 -41.70 0.52
C ARG L 149 6.52 -41.47 0.02
N LEU L 150 7.53 -42.05 0.70
CA LEU L 150 8.95 -41.96 0.33
C LEU L 150 9.22 -42.63 -1.03
N THR L 151 8.46 -43.69 -1.35
CA THR L 151 8.57 -44.41 -2.62
C THR L 151 7.95 -43.54 -3.74
N GLN L 152 6.81 -42.89 -3.46
CA GLN L 152 6.12 -41.99 -4.39
C GLN L 152 6.97 -40.74 -4.69
N GLU L 153 7.78 -40.28 -3.71
CA GLU L 153 8.66 -39.12 -3.88
C GLU L 153 9.84 -39.42 -4.82
N ARG L 154 10.29 -40.68 -4.87
CA ARG L 154 11.40 -41.07 -5.74
C ARG L 154 10.96 -41.20 -7.20
N ILE L 155 9.69 -41.55 -7.46
CA ILE L 155 9.20 -41.71 -8.84
C ILE L 155 7.81 -41.11 -9.04
#